data_6TXO
#
_entry.id   6TXO
#
_cell.length_a   69.872
_cell.length_b   211.996
_cell.length_c   82.479
_cell.angle_alpha   90.000
_cell.angle_beta   105.030
_cell.angle_gamma   90.000
#
_symmetry.space_group_name_H-M   'P 1 21 1'
#
loop_
_entity.id
_entity.type
_entity.pdbx_description
1 polymer 'Hemagglutinin HA2'
2 polymer Hemagglutinin
3 branched 2-acetamido-2-deoxy-beta-D-glucopyranose-(1-4)-2-acetamido-2-deoxy-beta-D-glucopyranose
4 branched 'N-acetyl-alpha-neuraminic acid-(2-3)-beta-D-galactopyranose'
5 non-polymer 1,2-ETHANEDIOL
6 non-polymer 2-acetamido-2-deoxy-beta-D-glucopyranose
7 non-polymer 'CALCIUM ION'
8 non-polymer 'N-acetyl-alpha-neuraminic acid'
9 water water
#
loop_
_entity_poly.entity_id
_entity_poly.type
_entity_poly.pdbx_seq_one_letter_code
_entity_poly.pdbx_strand_id
1 'polypeptide(L)'
;GLFGAIAGFIENGWEGMVDGWYGFRHQNAQGTGQAADYKSTQAAIDQITGKLNRIIKKTNTEFESIESEFSEIDHQIGNV
INWTKDSITDIWTYQAELLVAMENQHTIDMADSEMLNLYERVRKQLRQNAEEDGKGCFEIYHACDDSCMESIRNNTYDHS
QYREEALLNRLNINPVK
;
B,D,F
2 'polypeptide(L)'
;DPDKICLGHHAVANGTIVKTLTNEQEEVTNATETVESTSLNRLCMKGRNHKDLGNCHPIGMLIGTPACDLHLTGTWDTLI
ERKNAIAYCYPGATVNEEALRQKIMESGGISKINTGFTYGSSINSAGTTKACMRNGGNSFYAELKWLVSKNKGQNFPQTT
NTYRNADTAEHLIMWGIHHPSSTQEKNDLYGTQSLSISVGSSTYKNNFVPVVGARPQVNGLSRIDFHWTLVQPGDKITFS
HNGGLIAPSRVSKLIGRGLGIQSEAPIDNSCESKCFWRGGSINTRLPFQNLSPRTVGQCPKYVNKKSLMLATGMRNVPEL
VQGR
;
A,C,E
#
loop_
_chem_comp.id
_chem_comp.type
_chem_comp.name
_chem_comp.formula
CA non-polymer 'CALCIUM ION' 'Ca 2'
EDO non-polymer 1,2-ETHANEDIOL 'C2 H6 O2'
GAL D-saccharide, beta linking beta-D-galactopyranose 'C6 H12 O6'
NAG D-saccharide, beta linking 2-acetamido-2-deoxy-beta-D-glucopyranose 'C8 H15 N O6'
SIA D-saccharide, alpha linking 'N-acetyl-alpha-neuraminic acid' 'C11 H19 N O9'
#
# COMPACT_ATOMS: atom_id res chain seq x y z
N GLY A 1 -6.40 -3.21 -36.66
CA GLY A 1 -5.84 -3.94 -35.49
C GLY A 1 -4.60 -4.75 -35.85
N LEU A 2 -4.00 -5.36 -34.83
CA LEU A 2 -2.72 -6.08 -34.99
C LEU A 2 -2.70 -7.06 -36.17
N PHE A 3 -3.71 -7.91 -36.26
CA PHE A 3 -3.72 -8.99 -37.27
C PHE A 3 -4.44 -8.61 -38.58
N GLY A 4 -4.93 -7.37 -38.66
CA GLY A 4 -5.34 -6.78 -39.93
C GLY A 4 -6.61 -7.30 -40.60
N ALA A 5 -7.40 -8.13 -39.90
CA ALA A 5 -8.62 -8.71 -40.47
C ALA A 5 -9.88 -7.96 -40.02
N ILE A 6 -10.20 -8.05 -38.72
CA ILE A 6 -11.39 -7.38 -38.15
C ILE A 6 -11.10 -5.88 -38.06
N ALA A 7 -12.00 -5.10 -38.66
CA ALA A 7 -11.77 -3.67 -38.92
C ALA A 7 -10.54 -3.44 -39.81
N GLY A 8 -10.25 -4.42 -40.68
CA GLY A 8 -9.06 -4.42 -41.54
C GLY A 8 -9.49 -4.78 -42.94
N PHE A 9 -9.00 -5.90 -43.48
CA PHE A 9 -9.38 -6.31 -44.85
C PHE A 9 -10.83 -6.79 -44.95
N ILE A 10 -11.37 -7.34 -43.87
CA ILE A 10 -12.82 -7.56 -43.76
C ILE A 10 -13.44 -6.21 -43.41
N GLU A 11 -14.30 -5.71 -44.31
CA GLU A 11 -14.77 -4.33 -44.24
C GLU A 11 -15.70 -4.07 -43.06
N ASN A 12 -16.56 -5.02 -42.74
CA ASN A 12 -17.44 -4.93 -41.57
C ASN A 12 -17.98 -6.29 -41.12
N GLY A 13 -18.61 -6.31 -39.95
CA GLY A 13 -19.22 -7.52 -39.42
C GLY A 13 -20.61 -7.76 -40.00
N TRP A 14 -21.14 -8.96 -39.72
CA TRP A 14 -22.45 -9.38 -40.19
C TRP A 14 -23.44 -9.39 -39.02
N GLU A 15 -24.38 -8.43 -39.03
CA GLU A 15 -25.47 -8.42 -38.05
C GLU A 15 -26.40 -9.63 -38.20
N GLY A 16 -26.51 -10.15 -39.41
CA GLY A 16 -27.29 -11.37 -39.69
C GLY A 16 -26.81 -12.64 -39.01
N MET A 17 -25.50 -12.79 -38.82
CA MET A 17 -24.95 -13.99 -38.18
C MET A 17 -25.10 -13.94 -36.66
N VAL A 18 -26.16 -14.57 -36.15
CA VAL A 18 -26.45 -14.63 -34.71
C VAL A 18 -26.01 -15.97 -34.06
N ASP A 19 -25.82 -17.02 -34.86
CA ASP A 19 -25.46 -18.35 -34.33
C ASP A 19 -23.95 -18.60 -34.13
N GLY A 20 -23.12 -17.57 -34.31
CA GLY A 20 -21.68 -17.70 -34.05
C GLY A 20 -20.92 -16.39 -34.21
N TRP A 21 -19.68 -16.37 -33.72
CA TRP A 21 -18.84 -15.18 -33.75
C TRP A 21 -18.20 -15.02 -35.13
N TYR A 22 -17.65 -16.12 -35.64
CA TYR A 22 -17.05 -16.18 -36.98
C TYR A 22 -17.80 -17.19 -37.83
N GLY A 23 -17.80 -16.97 -39.14
CA GLY A 23 -18.46 -17.89 -40.06
C GLY A 23 -18.23 -17.61 -41.54
N PHE A 24 -19.08 -18.23 -42.36
CA PHE A 24 -18.94 -18.23 -43.81
C PHE A 24 -20.20 -17.69 -44.47
N ARG A 25 -20.03 -17.07 -45.63
CA ARG A 25 -21.15 -16.73 -46.52
C ARG A 25 -20.70 -17.06 -47.93
N HIS A 26 -21.41 -17.99 -48.58
CA HIS A 26 -21.01 -18.41 -49.94
C HIS A 26 -22.04 -18.01 -50.99
N GLN A 27 -21.57 -18.04 -52.24
CA GLN A 27 -22.43 -17.83 -53.41
C GLN A 27 -22.01 -18.81 -54.50
N ASN A 28 -22.99 -19.54 -55.05
CA ASN A 28 -22.76 -20.49 -56.14
C ASN A 28 -23.97 -20.45 -57.10
N ALA A 29 -23.97 -21.35 -58.09
CA ALA A 29 -25.11 -21.47 -59.02
C ALA A 29 -26.44 -21.64 -58.29
N GLN A 30 -26.47 -22.56 -57.33
CA GLN A 30 -27.67 -22.84 -56.51
C GLN A 30 -28.26 -21.61 -55.84
N GLY A 31 -27.41 -20.72 -55.35
CA GLY A 31 -27.85 -19.51 -54.64
C GLY A 31 -26.85 -19.13 -53.56
N THR A 32 -27.36 -18.84 -52.36
CA THR A 32 -26.53 -18.39 -51.24
C THR A 32 -26.77 -19.22 -49.98
N GLY A 33 -25.85 -19.09 -49.04
CA GLY A 33 -25.95 -19.74 -47.73
C GLY A 33 -25.17 -18.98 -46.68
N GLN A 34 -25.34 -19.38 -45.42
CA GLN A 34 -24.57 -18.85 -44.30
C GLN A 34 -24.39 -19.95 -43.24
N ALA A 35 -23.22 -19.97 -42.60
CA ALA A 35 -22.93 -20.95 -41.55
C ALA A 35 -21.83 -20.45 -40.61
N ALA A 36 -22.04 -20.68 -39.31
CA ALA A 36 -21.07 -20.28 -38.29
C ALA A 36 -20.02 -21.37 -38.11
N ASP A 37 -18.81 -20.96 -37.71
CA ASP A 37 -17.71 -21.88 -37.43
C ASP A 37 -17.58 -22.06 -35.91
N TYR A 38 -17.82 -23.28 -35.45
CA TYR A 38 -17.80 -23.61 -34.01
C TYR A 38 -16.39 -23.51 -33.43
N LYS A 39 -15.41 -24.13 -34.10
CA LYS A 39 -14.02 -24.19 -33.61
C LYS A 39 -13.46 -22.83 -33.22
N SER A 40 -13.49 -21.89 -34.16
CA SER A 40 -12.94 -20.55 -33.95
C SER A 40 -13.78 -19.73 -32.96
N THR A 41 -15.11 -19.85 -33.06
CA THR A 41 -16.02 -19.17 -32.12
C THR A 41 -15.73 -19.55 -30.67
N GLN A 42 -15.63 -20.85 -30.41
CA GLN A 42 -15.44 -21.38 -29.07
C GLN A 42 -14.04 -21.06 -28.51
N ALA A 43 -13.04 -21.03 -29.38
CA ALA A 43 -11.67 -20.62 -28.99
C ALA A 43 -11.63 -19.19 -28.45
N ALA A 44 -12.39 -18.30 -29.09
CA ALA A 44 -12.52 -16.91 -28.65
C ALA A 44 -13.32 -16.79 -27.36
N ILE A 45 -14.42 -17.54 -27.25
CA ILE A 45 -15.27 -17.53 -26.05
C ILE A 45 -14.52 -18.13 -24.83
N ASP A 46 -13.90 -19.29 -25.01
CA ASP A 46 -13.16 -19.96 -23.93
C ASP A 46 -12.03 -19.10 -23.35
N GLN A 47 -11.33 -18.38 -24.23
CA GLN A 47 -10.27 -17.44 -23.81
C GLN A 47 -10.84 -16.24 -23.04
N ILE A 48 -12.01 -15.77 -23.43
CA ILE A 48 -12.70 -14.67 -22.73
C ILE A 48 -13.30 -15.14 -21.40
N THR A 49 -13.89 -16.34 -21.39
CA THR A 49 -14.32 -16.99 -20.15
C THR A 49 -13.17 -17.11 -19.15
N GLY A 50 -12.00 -17.52 -19.65
CA GLY A 50 -10.78 -17.61 -18.86
C GLY A 50 -10.38 -16.31 -18.19
N LYS A 51 -10.50 -15.20 -18.92
CA LYS A 51 -10.22 -13.86 -18.36
C LYS A 51 -11.17 -13.48 -17.24
N LEU A 52 -12.45 -13.76 -17.43
CA LEU A 52 -13.47 -13.46 -16.44
C LEU A 52 -13.26 -14.26 -15.14
N ASN A 53 -12.83 -15.51 -15.25
CA ASN A 53 -12.56 -16.34 -14.07
C ASN A 53 -11.43 -15.77 -13.21
N ARG A 54 -10.40 -15.24 -13.86
CA ARG A 54 -9.25 -14.64 -13.17
C ARG A 54 -9.55 -13.24 -12.65
N ILE A 55 -10.25 -12.43 -13.46
CA ILE A 55 -10.50 -11.01 -13.14
C ILE A 55 -11.68 -10.82 -12.18
N ILE A 56 -12.77 -11.53 -12.42
CA ILE A 56 -13.98 -11.41 -11.57
C ILE A 56 -13.79 -12.26 -10.30
N LYS A 57 -13.03 -11.68 -9.37
CA LYS A 57 -12.60 -12.34 -8.14
C LYS A 57 -12.33 -11.30 -7.06
N LYS A 58 -12.17 -11.76 -5.81
CA LYS A 58 -11.66 -10.91 -4.73
C LYS A 58 -10.67 -11.71 -3.88
N THR A 59 -9.89 -10.99 -3.07
CA THR A 59 -8.98 -11.62 -2.12
C THR A 59 -9.78 -12.13 -0.92
N ASN A 60 -9.27 -13.18 -0.29
CA ASN A 60 -9.89 -13.76 0.92
C ASN A 60 -9.37 -13.15 2.24
N THR A 61 -8.64 -12.03 2.17
CA THR A 61 -8.04 -11.39 3.33
C THR A 61 -9.09 -10.69 4.20
N GLU A 62 -9.08 -11.01 5.50
CA GLU A 62 -9.98 -10.39 6.47
C GLU A 62 -9.44 -9.02 6.89
N PHE A 63 -10.23 -7.97 6.69
CA PHE A 63 -9.87 -6.61 7.10
C PHE A 63 -10.79 -6.14 8.22
N GLU A 64 -10.19 -5.79 9.35
CA GLU A 64 -10.93 -5.27 10.50
C GLU A 64 -10.86 -3.75 10.50
N SER A 65 -11.72 -3.13 11.31
CA SER A 65 -11.83 -1.68 11.34
C SER A 65 -10.62 -1.04 11.99
N ILE A 66 -10.25 0.15 11.50
CA ILE A 66 -9.26 1.02 12.14
C ILE A 66 -9.78 2.45 12.33
N GLU A 67 -10.56 2.96 11.37
CA GLU A 67 -11.34 4.18 11.55
C GLU A 67 -12.63 3.85 12.29
N SER A 68 -12.87 4.54 13.40
CA SER A 68 -14.14 4.43 14.11
C SER A 68 -15.19 5.30 13.40
N GLU A 69 -16.36 4.72 13.16
CA GLU A 69 -17.47 5.40 12.48
C GLU A 69 -18.14 6.46 13.37
N PHE A 70 -18.21 6.21 14.67
CA PHE A 70 -19.02 7.03 15.60
C PHE A 70 -18.20 7.88 16.58
N SER A 71 -17.19 7.28 17.20
CA SER A 71 -16.25 8.00 18.07
C SER A 71 -15.10 8.59 17.25
N GLU A 72 -14.42 9.60 17.81
CA GLU A 72 -13.27 10.25 17.16
C GLU A 72 -11.94 9.60 17.56
N ILE A 73 -10.91 9.96 16.80
CA ILE A 73 -9.55 9.40 16.98
C ILE A 73 -8.53 10.55 16.89
N ASP A 74 -7.33 10.33 17.44
CA ASP A 74 -6.27 11.35 17.43
C ASP A 74 -6.01 11.89 16.01
N HIS A 75 -5.82 13.21 15.91
CA HIS A 75 -5.70 13.87 14.61
C HIS A 75 -4.45 13.48 13.84
N GLN A 76 -3.37 13.16 14.55
CA GLN A 76 -2.12 12.72 13.92
C GLN A 76 -2.28 11.34 13.29
N ILE A 77 -2.70 10.36 14.09
CA ILE A 77 -2.88 8.98 13.59
C ILE A 77 -4.04 8.88 12.57
N GLY A 78 -5.04 9.75 12.73
CA GLY A 78 -6.09 9.91 11.72
C GLY A 78 -5.58 10.30 10.35
N ASN A 79 -4.63 11.25 10.32
CA ASN A 79 -3.97 11.67 9.07
C ASN A 79 -3.03 10.60 8.51
N VAL A 80 -2.39 9.81 9.38
CA VAL A 80 -1.55 8.68 8.93
C VAL A 80 -2.40 7.60 8.26
N ILE A 81 -3.59 7.34 8.79
CA ILE A 81 -4.54 6.39 8.21
C ILE A 81 -5.13 6.92 6.89
N ASN A 82 -5.52 8.19 6.89
CA ASN A 82 -6.00 8.87 5.66
C ASN A 82 -4.96 8.89 4.54
N TRP A 83 -3.69 9.10 4.90
CA TRP A 83 -2.59 9.08 3.94
C TRP A 83 -2.37 7.67 3.38
N THR A 84 -2.40 6.66 4.26
CA THR A 84 -2.20 5.27 3.85
C THR A 84 -3.34 4.75 2.97
N LYS A 85 -4.57 5.05 3.33
CA LYS A 85 -5.74 4.62 2.55
C LYS A 85 -5.81 5.28 1.16
N ASP A 86 -5.57 6.58 1.10
CA ASP A 86 -5.49 7.31 -0.17
C ASP A 86 -4.36 6.81 -1.09
N SER A 87 -3.23 6.44 -0.50
CA SER A 87 -2.12 5.86 -1.25
C SER A 87 -2.47 4.49 -1.82
N ILE A 88 -3.10 3.65 -1.01
CA ILE A 88 -3.52 2.30 -1.44
C ILE A 88 -4.64 2.38 -2.49
N THR A 89 -5.56 3.34 -2.33
CA THR A 89 -6.64 3.57 -3.30
C THR A 89 -6.09 4.00 -4.68
N ASP A 90 -5.18 4.97 -4.67
CA ASP A 90 -4.49 5.41 -5.90
C ASP A 90 -3.76 4.27 -6.61
N ILE A 91 -3.22 3.32 -5.86
CA ILE A 91 -2.60 2.13 -6.44
C ILE A 91 -3.67 1.25 -7.09
N TRP A 92 -4.71 0.91 -6.35
CA TRP A 92 -5.77 0.03 -6.87
C TRP A 92 -6.53 0.65 -8.06
N THR A 93 -6.80 1.95 -7.99
CA THR A 93 -7.41 2.67 -9.10
C THR A 93 -6.54 2.60 -10.35
N TYR A 94 -5.24 2.80 -10.17
CA TYR A 94 -4.27 2.70 -11.25
C TYR A 94 -4.20 1.28 -11.80
N GLN A 95 -4.04 0.30 -10.91
CA GLN A 95 -3.96 -1.11 -11.32
C GLN A 95 -5.25 -1.59 -12.00
N ALA A 96 -6.40 -1.10 -11.56
CA ALA A 96 -7.68 -1.46 -12.16
C ALA A 96 -7.81 -0.89 -13.57
N GLU A 97 -7.54 0.41 -13.70
CA GLU A 97 -7.51 1.10 -15.00
C GLU A 97 -6.53 0.47 -15.99
N LEU A 98 -5.37 0.07 -15.49
CA LEU A 98 -4.35 -0.58 -16.31
C LEU A 98 -4.80 -1.98 -16.74
N LEU A 99 -5.22 -2.78 -15.77
CA LEU A 99 -5.67 -4.16 -16.03
C LEU A 99 -6.67 -4.19 -17.18
N VAL A 100 -7.79 -3.49 -17.00
CA VAL A 100 -8.90 -3.51 -17.94
C VAL A 100 -8.45 -3.03 -19.31
N ALA A 101 -7.69 -1.94 -19.36
CA ALA A 101 -7.17 -1.41 -20.63
C ALA A 101 -6.25 -2.41 -21.34
N MET A 102 -5.40 -3.08 -20.57
CA MET A 102 -4.51 -4.12 -21.10
C MET A 102 -5.30 -5.32 -21.62
N GLU A 103 -6.28 -5.76 -20.84
CA GLU A 103 -7.10 -6.92 -21.19
C GLU A 103 -8.00 -6.67 -22.41
N ASN A 104 -8.59 -5.48 -22.47
CA ASN A 104 -9.45 -5.10 -23.60
C ASN A 104 -8.65 -5.11 -24.90
N GLN A 105 -7.47 -4.52 -24.86
CA GLN A 105 -6.54 -4.51 -25.98
C GLN A 105 -6.21 -5.93 -26.42
N HIS A 106 -5.93 -6.81 -25.45
CA HIS A 106 -5.65 -8.22 -25.73
C HIS A 106 -6.86 -8.98 -26.28
N THR A 107 -8.06 -8.69 -25.76
CA THR A 107 -9.28 -9.36 -26.20
C THR A 107 -9.64 -9.01 -27.65
N ILE A 108 -9.54 -7.73 -27.98
CA ILE A 108 -9.79 -7.23 -29.33
C ILE A 108 -8.80 -7.82 -30.34
N ASP A 109 -7.53 -7.85 -29.97
CA ASP A 109 -6.50 -8.40 -30.85
C ASP A 109 -6.56 -9.94 -30.94
N MET A 110 -6.92 -10.60 -29.84
CA MET A 110 -7.13 -12.04 -29.84
C MET A 110 -8.27 -12.44 -30.78
N ALA A 111 -9.39 -11.74 -30.70
CA ALA A 111 -10.53 -11.98 -31.59
C ALA A 111 -10.19 -11.75 -33.07
N ASP A 112 -9.36 -10.75 -33.33
CA ASP A 112 -8.80 -10.48 -34.65
C ASP A 112 -7.92 -11.65 -35.14
N SER A 113 -7.14 -12.22 -34.22
CA SER A 113 -6.24 -13.34 -34.54
C SER A 113 -6.98 -14.63 -34.90
N GLU A 114 -8.07 -14.92 -34.21
CA GLU A 114 -8.89 -16.10 -34.51
C GLU A 114 -9.58 -15.97 -35.87
N MET A 115 -9.88 -14.73 -36.26
CA MET A 115 -10.44 -14.45 -37.59
C MET A 115 -9.42 -14.76 -38.68
N LEU A 116 -8.19 -14.26 -38.49
CA LEU A 116 -7.11 -14.49 -39.45
C LEU A 116 -6.72 -15.98 -39.54
N ASN A 117 -6.63 -16.65 -38.39
CA ASN A 117 -6.29 -18.08 -38.36
C ASN A 117 -7.31 -18.96 -39.12
N LEU A 118 -8.58 -18.56 -39.10
CA LEU A 118 -9.61 -19.22 -39.91
C LEU A 118 -9.40 -18.93 -41.40
N TYR A 119 -9.14 -17.66 -41.72
CA TYR A 119 -8.88 -17.23 -43.09
C TYR A 119 -7.68 -17.97 -43.70
N GLU A 120 -6.57 -18.03 -42.97
CA GLU A 120 -5.36 -18.73 -43.41
C GLU A 120 -5.55 -20.24 -43.59
N ARG A 121 -6.35 -20.83 -42.69
CA ARG A 121 -6.68 -22.26 -42.76
C ARG A 121 -7.44 -22.58 -44.06
N VAL A 122 -8.43 -21.75 -44.40
CA VAL A 122 -9.22 -21.92 -45.63
C VAL A 122 -8.37 -21.65 -46.89
N ARG A 123 -7.47 -20.67 -46.83
CA ARG A 123 -6.58 -20.35 -47.95
C ARG A 123 -5.70 -21.55 -48.32
N LYS A 124 -5.18 -22.24 -47.31
CA LYS A 124 -4.32 -23.41 -47.50
C LYS A 124 -5.08 -24.67 -47.94
N GLN A 125 -6.34 -24.81 -47.49
CA GLN A 125 -7.22 -25.87 -47.99
C GLN A 125 -7.43 -25.74 -49.49
N LEU A 126 -7.89 -24.56 -49.91
CA LEU A 126 -8.22 -24.28 -51.30
C LEU A 126 -6.99 -24.34 -52.23
N ARG A 127 -5.81 -24.00 -51.68
CA ARG A 127 -4.54 -24.19 -52.37
C ARG A 127 -4.50 -23.39 -53.70
N GLN A 128 -4.48 -24.05 -54.87
CA GLN A 128 -4.44 -23.36 -56.16
C GLN A 128 -5.80 -23.33 -56.87
N ASN A 129 -6.85 -23.79 -56.19
CA ASN A 129 -8.20 -23.82 -56.78
C ASN A 129 -8.96 -22.50 -56.64
N ALA A 130 -8.42 -21.55 -55.86
CA ALA A 130 -9.06 -20.24 -55.66
C ALA A 130 -8.04 -19.10 -55.55
N GLU A 131 -8.55 -17.88 -55.53
CA GLU A 131 -7.74 -16.67 -55.36
C GLU A 131 -8.41 -15.68 -54.39
N GLU A 132 -7.59 -14.92 -53.67
CA GLU A 132 -8.08 -13.94 -52.70
C GLU A 132 -8.51 -12.67 -53.41
N ASP A 133 -9.73 -12.19 -53.13
CA ASP A 133 -10.23 -10.94 -53.71
C ASP A 133 -9.83 -9.67 -52.95
N GLY A 134 -9.20 -9.81 -51.78
CA GLY A 134 -8.75 -8.68 -50.97
C GLY A 134 -9.69 -8.22 -49.85
N LYS A 135 -10.94 -8.69 -49.87
CA LYS A 135 -11.97 -8.25 -48.93
C LYS A 135 -12.49 -9.39 -48.03
N GLY A 136 -11.64 -10.38 -47.77
CA GLY A 136 -12.00 -11.55 -46.97
C GLY A 136 -12.60 -12.74 -47.70
N CYS A 137 -12.93 -12.59 -48.98
CA CYS A 137 -13.52 -13.68 -49.79
C CYS A 137 -12.49 -14.39 -50.67
N PHE A 138 -12.79 -15.64 -51.02
CA PHE A 138 -12.03 -16.42 -51.98
C PHE A 138 -12.90 -16.67 -53.22
N GLU A 139 -12.39 -16.32 -54.40
CA GLU A 139 -13.05 -16.65 -55.67
C GLU A 139 -12.60 -18.04 -56.11
N ILE A 140 -13.51 -19.02 -56.00
CA ILE A 140 -13.21 -20.41 -56.32
C ILE A 140 -13.44 -20.62 -57.81
N TYR A 141 -12.43 -21.13 -58.51
CA TYR A 141 -12.44 -21.25 -59.98
C TYR A 141 -12.97 -22.60 -60.50
N HIS A 142 -14.00 -23.12 -59.85
CA HIS A 142 -14.72 -24.30 -60.32
C HIS A 142 -16.09 -24.33 -59.67
N ALA A 143 -17.05 -24.97 -60.33
CA ALA A 143 -18.41 -25.10 -59.79
C ALA A 143 -18.33 -25.82 -58.44
N CYS A 144 -18.68 -25.09 -57.39
CA CYS A 144 -18.63 -25.60 -56.02
C CYS A 144 -20.04 -25.53 -55.43
N ASP A 145 -20.72 -26.67 -55.44
CA ASP A 145 -22.08 -26.79 -54.90
C ASP A 145 -22.07 -26.76 -53.36
N ASP A 146 -23.25 -26.82 -52.74
CA ASP A 146 -23.36 -26.77 -51.27
C ASP A 146 -22.56 -27.84 -50.53
N SER A 147 -22.44 -29.04 -51.10
CA SER A 147 -21.64 -30.11 -50.51
C SER A 147 -20.13 -29.84 -50.60
N CYS A 148 -19.71 -29.25 -51.72
CA CYS A 148 -18.35 -28.74 -51.88
C CYS A 148 -18.07 -27.61 -50.88
N MET A 149 -19.03 -26.71 -50.70
CA MET A 149 -18.94 -25.63 -49.71
C MET A 149 -18.92 -26.18 -48.28
N GLU A 150 -19.74 -27.21 -48.03
CA GLU A 150 -19.79 -27.89 -46.73
C GLU A 150 -18.43 -28.51 -46.36
N SER A 151 -17.76 -29.11 -47.33
CA SER A 151 -16.45 -29.74 -47.09
C SER A 151 -15.34 -28.72 -46.80
N ILE A 152 -15.45 -27.52 -47.39
CA ILE A 152 -14.55 -26.40 -47.09
C ILE A 152 -14.70 -25.96 -45.62
N ARG A 153 -15.95 -25.89 -45.16
CA ARG A 153 -16.26 -25.55 -43.77
C ARG A 153 -15.90 -26.69 -42.80
N ASN A 154 -16.19 -27.93 -43.20
CA ASN A 154 -15.87 -29.12 -42.39
C ASN A 154 -14.39 -29.52 -42.40
N ASN A 155 -13.57 -28.88 -43.25
CA ASN A 155 -12.13 -29.17 -43.37
C ASN A 155 -11.86 -30.55 -44.03
N THR A 156 -12.74 -30.95 -44.96
CA THR A 156 -12.59 -32.21 -45.71
C THR A 156 -12.46 -31.96 -47.22
N TYR A 157 -12.02 -30.77 -47.60
CA TYR A 157 -11.89 -30.38 -48.99
C TYR A 157 -10.59 -30.94 -49.55
N ASP A 158 -10.68 -31.73 -50.62
CA ASP A 158 -9.52 -32.25 -51.34
C ASP A 158 -9.31 -31.41 -52.59
N HIS A 159 -8.21 -30.65 -52.62
CA HIS A 159 -7.89 -29.77 -53.76
C HIS A 159 -7.57 -30.54 -55.05
N SER A 160 -7.05 -31.76 -54.92
CA SER A 160 -6.71 -32.63 -56.06
C SER A 160 -7.88 -32.95 -56.98
N GLN A 161 -9.08 -33.09 -56.40
CA GLN A 161 -10.28 -33.43 -57.16
C GLN A 161 -10.72 -32.35 -58.16
N TYR A 162 -10.42 -31.08 -57.85
CA TYR A 162 -10.83 -29.93 -58.70
C TYR A 162 -9.66 -29.19 -59.36
N ARG A 163 -8.43 -29.66 -59.17
CA ARG A 163 -7.23 -28.93 -59.57
C ARG A 163 -7.16 -28.66 -61.07
N GLU A 164 -7.35 -29.70 -61.89
CA GLU A 164 -7.25 -29.57 -63.36
C GLU A 164 -8.32 -28.63 -63.95
N GLU A 165 -9.54 -28.68 -63.42
CA GLU A 165 -10.60 -27.74 -63.81
C GLU A 165 -10.25 -26.31 -63.41
N ALA A 166 -9.67 -26.16 -62.22
CA ALA A 166 -9.35 -24.84 -61.67
C ALA A 166 -8.26 -24.10 -62.45
N LEU A 167 -7.12 -24.75 -62.65
CA LEU A 167 -5.98 -24.13 -63.38
C LEU A 167 -6.34 -23.72 -64.82
N LEU A 168 -7.23 -24.49 -65.46
CA LEU A 168 -7.74 -24.11 -66.80
C LEU A 168 -8.54 -22.81 -66.75
N ASN A 169 -9.44 -22.69 -65.77
CA ASN A 169 -10.24 -21.48 -65.58
C ASN A 169 -9.41 -20.26 -65.14
N ARG A 170 -8.45 -20.49 -64.24
CA ARG A 170 -7.59 -19.40 -63.74
C ARG A 170 -6.72 -18.78 -64.83
N LEU A 171 -6.03 -19.62 -65.60
CA LEU A 171 -5.14 -19.16 -66.67
C LEU A 171 -5.92 -18.63 -67.89
N ASN A 172 -7.04 -19.30 -68.23
CA ASN A 172 -7.91 -18.92 -69.35
C ASN A 172 -7.17 -19.01 -70.69
N GLY B 1 10.98 -9.07 -34.81
CA GLY B 1 9.77 -8.78 -33.98
C GLY B 1 8.64 -9.79 -34.16
N LEU B 2 7.53 -9.55 -33.47
CA LEU B 2 6.38 -10.46 -33.48
C LEU B 2 5.85 -10.75 -34.89
N PHE B 3 5.72 -9.71 -35.71
CA PHE B 3 5.09 -9.84 -37.03
C PHE B 3 6.08 -9.99 -38.18
N GLY B 4 7.39 -9.91 -37.88
CA GLY B 4 8.44 -10.30 -38.80
C GLY B 4 8.72 -9.37 -39.96
N ALA B 5 8.24 -8.13 -39.90
CA ALA B 5 8.48 -7.13 -40.96
C ALA B 5 9.61 -6.19 -40.57
N ILE B 6 9.42 -5.40 -39.51
CA ILE B 6 10.44 -4.45 -39.05
C ILE B 6 11.51 -5.21 -38.26
N ALA B 7 12.77 -5.06 -38.68
CA ALA B 7 13.88 -5.89 -38.23
C ALA B 7 13.64 -7.39 -38.54
N GLY B 8 12.94 -7.64 -39.65
CA GLY B 8 12.58 -8.99 -40.09
C GLY B 8 12.90 -9.10 -41.56
N PHE B 9 11.93 -9.51 -42.39
CA PHE B 9 12.19 -9.66 -43.83
C PHE B 9 12.56 -8.35 -44.53
N ILE B 10 12.09 -7.21 -44.02
CA ILE B 10 12.59 -5.90 -44.47
C ILE B 10 13.94 -5.67 -43.79
N GLU B 11 14.99 -5.55 -44.59
CA GLU B 11 16.38 -5.57 -44.11
C GLU B 11 16.73 -4.36 -43.23
N ASN B 12 16.21 -3.19 -43.61
CA ASN B 12 16.48 -1.95 -42.85
C ASN B 12 15.49 -0.83 -43.19
N GLY B 13 15.55 0.24 -42.41
CA GLY B 13 14.72 1.42 -42.62
C GLY B 13 15.33 2.38 -43.62
N TRP B 14 14.59 3.43 -43.94
CA TRP B 14 15.01 4.43 -44.92
C TRP B 14 15.09 5.82 -44.28
N GLU B 15 16.31 6.31 -44.08
CA GLU B 15 16.52 7.66 -43.55
C GLU B 15 16.08 8.76 -44.53
N GLY B 16 16.08 8.44 -45.83
CA GLY B 16 15.56 9.34 -46.86
C GLY B 16 14.09 9.68 -46.72
N MET B 17 13.29 8.74 -46.25
CA MET B 17 11.85 8.96 -46.02
C MET B 17 11.63 9.79 -44.75
N VAL B 18 11.45 11.09 -44.93
CA VAL B 18 11.22 12.04 -43.84
C VAL B 18 9.73 12.40 -43.66
N ASP B 19 8.93 12.26 -44.72
CA ASP B 19 7.50 12.66 -44.70
C ASP B 19 6.51 11.55 -44.27
N GLY B 20 7.01 10.42 -43.76
CA GLY B 20 6.16 9.37 -43.22
C GLY B 20 6.91 8.27 -42.49
N TRP B 21 6.16 7.36 -41.89
CA TRP B 21 6.69 6.21 -41.15
C TRP B 21 6.81 4.99 -42.05
N TYR B 22 5.83 4.82 -42.94
CA TYR B 22 5.80 3.71 -43.89
C TYR B 22 5.66 4.30 -45.29
N GLY B 23 6.09 3.53 -46.29
CA GLY B 23 6.00 4.01 -47.67
C GLY B 23 6.50 3.04 -48.73
N PHE B 24 6.52 3.54 -49.97
CA PHE B 24 6.83 2.75 -51.15
C PHE B 24 8.07 3.29 -51.86
N ARG B 25 8.80 2.39 -52.52
CA ARG B 25 9.87 2.77 -53.45
C ARG B 25 9.69 1.96 -54.73
N HIS B 26 9.45 2.64 -55.85
CA HIS B 26 9.18 1.96 -57.12
C HIS B 26 10.32 2.07 -58.13
N GLN B 27 10.37 1.09 -59.04
CA GLN B 27 11.36 1.05 -60.13
C GLN B 27 10.68 0.60 -61.42
N ASN B 28 10.70 1.47 -62.43
CA ASN B 28 10.09 1.17 -63.74
C ASN B 28 10.91 1.77 -64.90
N ALA B 29 10.42 1.61 -66.12
CA ALA B 29 11.01 2.21 -67.33
C ALA B 29 11.24 3.73 -67.20
N GLN B 30 10.28 4.44 -66.61
CA GLN B 30 10.38 5.89 -66.42
C GLN B 30 11.49 6.30 -65.44
N GLY B 31 11.73 5.48 -64.41
CA GLY B 31 12.82 5.72 -63.46
C GLY B 31 12.54 5.22 -62.06
N THR B 32 12.77 6.10 -61.07
CA THR B 32 12.68 5.76 -59.65
C THR B 32 11.86 6.82 -58.90
N GLY B 33 11.13 6.38 -57.88
CA GLY B 33 10.39 7.28 -56.99
C GLY B 33 10.26 6.75 -55.57
N GLN B 34 9.80 7.64 -54.69
CA GLN B 34 9.54 7.31 -53.28
C GLN B 34 8.33 8.10 -52.79
N ALA B 35 7.41 7.41 -52.10
CA ALA B 35 6.22 8.07 -51.53
C ALA B 35 5.78 7.38 -50.24
N ALA B 36 5.40 8.19 -49.26
CA ALA B 36 4.98 7.72 -47.95
C ALA B 36 3.48 7.45 -47.92
N ASP B 37 3.08 6.42 -47.16
CA ASP B 37 1.67 6.08 -46.98
C ASP B 37 1.10 6.83 -45.78
N TYR B 38 0.02 7.56 -45.99
CA TYR B 38 -0.60 8.36 -44.93
C TYR B 38 -1.34 7.49 -43.93
N LYS B 39 -2.23 6.62 -44.42
CA LYS B 39 -3.15 5.86 -43.58
C LYS B 39 -2.44 4.97 -42.54
N SER B 40 -1.44 4.23 -42.97
CA SER B 40 -0.67 3.35 -42.08
C SER B 40 0.22 4.14 -41.12
N THR B 41 0.76 5.26 -41.59
CA THR B 41 1.53 6.18 -40.74
C THR B 41 0.66 6.80 -39.65
N GLN B 42 -0.53 7.25 -40.04
CA GLN B 42 -1.44 7.89 -39.11
C GLN B 42 -2.05 6.90 -38.13
N ALA B 43 -2.23 5.65 -38.56
CA ALA B 43 -2.71 4.58 -37.67
C ALA B 43 -1.73 4.32 -36.53
N ALA B 44 -0.44 4.29 -36.85
CA ALA B 44 0.61 4.08 -35.85
C ALA B 44 0.76 5.27 -34.91
N ILE B 45 0.76 6.49 -35.47
CA ILE B 45 0.88 7.73 -34.67
C ILE B 45 -0.31 7.94 -33.73
N ASP B 46 -1.53 7.71 -34.22
CA ASP B 46 -2.73 7.86 -33.40
C ASP B 46 -2.71 6.91 -32.20
N GLN B 47 -2.32 5.67 -32.41
CA GLN B 47 -2.23 4.68 -31.32
C GLN B 47 -1.17 5.08 -30.28
N ILE B 48 -0.04 5.60 -30.73
CA ILE B 48 1.01 6.10 -29.83
C ILE B 48 0.57 7.36 -29.09
N THR B 49 -0.16 8.25 -29.76
CA THR B 49 -0.76 9.42 -29.10
C THR B 49 -1.72 8.99 -27.99
N GLY B 50 -2.50 7.95 -28.24
CA GLY B 50 -3.42 7.38 -27.24
C GLY B 50 -2.72 6.89 -25.99
N LYS B 51 -1.58 6.21 -26.17
CA LYS B 51 -0.75 5.75 -25.04
C LYS B 51 -0.25 6.93 -24.21
N LEU B 52 0.26 7.95 -24.89
CA LEU B 52 0.75 9.16 -24.21
C LEU B 52 -0.37 9.88 -23.44
N ASN B 53 -1.55 9.95 -24.04
CA ASN B 53 -2.71 10.57 -23.36
C ASN B 53 -3.11 9.81 -22.10
N ARG B 54 -2.94 8.49 -22.11
CA ARG B 54 -3.26 7.66 -20.95
C ARG B 54 -2.16 7.70 -19.87
N ILE B 55 -0.90 7.62 -20.29
CA ILE B 55 0.25 7.50 -19.37
C ILE B 55 0.70 8.85 -18.81
N ILE B 56 0.72 9.89 -19.65
CA ILE B 56 1.16 11.23 -19.20
C ILE B 56 0.04 11.87 -18.36
N LYS B 57 -0.08 11.40 -17.13
CA LYS B 57 -1.20 11.72 -16.22
C LYS B 57 -0.77 11.61 -14.75
N LYS B 58 -1.27 12.54 -13.94
CA LYS B 58 -1.12 12.47 -12.48
C LYS B 58 -2.50 12.20 -11.87
N THR B 59 -2.53 11.54 -10.71
CA THR B 59 -3.76 11.40 -9.95
C THR B 59 -4.11 12.75 -9.33
N ASN B 60 -5.40 13.04 -9.25
CA ASN B 60 -5.88 14.31 -8.67
C ASN B 60 -6.15 14.22 -7.15
N THR B 61 -5.63 13.19 -6.50
CA THR B 61 -5.75 13.02 -5.05
C THR B 61 -4.85 14.01 -4.32
N GLU B 62 -5.45 14.80 -3.44
CA GLU B 62 -4.75 15.83 -2.66
C GLU B 62 -4.18 15.18 -1.39
N PHE B 63 -2.86 15.04 -1.33
CA PHE B 63 -2.18 14.48 -0.15
C PHE B 63 -1.70 15.60 0.78
N GLU B 64 -1.66 15.28 2.07
CA GLU B 64 -1.15 16.18 3.11
C GLU B 64 0.12 15.60 3.72
N SER B 65 0.90 16.46 4.36
CA SER B 65 2.11 16.05 5.08
C SER B 65 1.74 15.26 6.33
N ILE B 66 2.47 14.17 6.59
CA ILE B 66 2.37 13.41 7.84
C ILE B 66 3.71 13.25 8.59
N GLU B 67 4.75 13.93 8.12
CA GLU B 67 6.05 13.99 8.79
C GLU B 67 6.45 15.45 8.86
N SER B 68 6.80 15.93 10.04
CA SER B 68 7.25 17.31 10.19
C SER B 68 8.67 17.47 9.64
N GLU B 69 8.88 18.54 8.88
CA GLU B 69 10.19 18.87 8.33
C GLU B 69 11.11 19.45 9.41
N PHE B 70 10.55 20.36 10.22
CA PHE B 70 11.30 21.15 11.20
C PHE B 70 11.07 20.71 12.66
N SER B 71 10.73 19.44 12.87
CA SER B 71 10.35 18.95 14.20
C SER B 71 10.48 17.44 14.30
N GLU B 72 10.81 16.94 15.50
CA GLU B 72 10.96 15.51 15.75
C GLU B 72 9.58 14.88 15.94
N ILE B 73 9.21 13.97 15.05
CA ILE B 73 7.97 13.18 15.16
C ILE B 73 8.17 12.08 16.20
N ASP B 74 7.07 11.59 16.77
CA ASP B 74 7.11 10.43 17.67
C ASP B 74 7.79 9.23 16.98
N HIS B 75 8.69 8.57 17.71
CA HIS B 75 9.55 7.53 17.16
C HIS B 75 8.79 6.30 16.67
N GLN B 76 7.71 5.93 17.37
CA GLN B 76 6.89 4.76 17.00
C GLN B 76 6.08 5.01 15.72
N ILE B 77 5.47 6.18 15.62
CA ILE B 77 4.69 6.59 14.44
C ILE B 77 5.61 6.80 13.23
N GLY B 78 6.77 7.41 13.45
CA GLY B 78 7.76 7.66 12.40
C GLY B 78 8.34 6.42 11.74
N ASN B 79 8.55 5.35 12.52
CA ASN B 79 9.04 4.07 11.97
C ASN B 79 8.01 3.42 11.07
N VAL B 80 6.73 3.54 11.46
CA VAL B 80 5.62 2.99 10.68
C VAL B 80 5.46 3.75 9.36
N ILE B 81 5.47 5.08 9.43
CA ILE B 81 5.41 5.95 8.26
C ILE B 81 6.56 5.65 7.30
N ASN B 82 7.77 5.54 7.84
CA ASN B 82 8.96 5.16 7.05
C ASN B 82 8.82 3.78 6.39
N TRP B 83 8.23 2.83 7.10
CA TRP B 83 7.96 1.51 6.54
C TRP B 83 6.90 1.58 5.44
N THR B 84 5.84 2.32 5.71
CA THR B 84 4.73 2.47 4.76
C THR B 84 5.19 3.17 3.49
N LYS B 85 5.78 4.36 3.64
CA LYS B 85 6.27 5.15 2.50
C LYS B 85 7.23 4.37 1.60
N ASP B 86 8.18 3.65 2.19
CA ASP B 86 9.13 2.83 1.44
C ASP B 86 8.46 1.65 0.72
N SER B 87 7.43 1.07 1.32
CA SER B 87 6.63 0.02 0.67
C SER B 87 5.83 0.57 -0.52
N ILE B 88 5.30 1.78 -0.38
CA ILE B 88 4.55 2.47 -1.45
C ILE B 88 5.49 2.84 -2.61
N THR B 89 6.69 3.31 -2.28
CA THR B 89 7.69 3.67 -3.28
C THR B 89 8.22 2.45 -4.05
N ASP B 90 8.33 1.30 -3.38
CA ASP B 90 8.69 0.05 -4.06
C ASP B 90 7.60 -0.41 -5.03
N ILE B 91 6.34 -0.18 -4.69
CA ILE B 91 5.21 -0.56 -5.56
C ILE B 91 5.15 0.32 -6.82
N TRP B 92 5.21 1.63 -6.63
CA TRP B 92 5.17 2.58 -7.77
C TRP B 92 6.39 2.50 -8.68
N THR B 93 7.57 2.25 -8.11
CA THR B 93 8.79 2.03 -8.90
C THR B 93 8.65 0.76 -9.73
N TYR B 94 8.11 -0.29 -9.11
CA TYR B 94 7.84 -1.54 -9.80
C TYR B 94 6.77 -1.39 -10.90
N GLN B 95 5.70 -0.65 -10.59
N GLN B 95 5.71 -0.64 -10.60
CA GLN B 95 4.63 -0.40 -11.57
CA GLN B 95 4.64 -0.41 -11.55
C GLN B 95 5.10 0.44 -12.75
C GLN B 95 5.07 0.45 -12.74
N ALA B 96 5.88 1.48 -12.46
CA ALA B 96 6.41 2.37 -13.50
C ALA B 96 7.40 1.65 -14.42
N GLU B 97 8.23 0.77 -13.86
CA GLU B 97 9.13 -0.08 -14.65
C GLU B 97 8.36 -1.03 -15.56
N LEU B 98 7.37 -1.73 -15.00
CA LEU B 98 6.56 -2.70 -15.75
C LEU B 98 5.66 -2.03 -16.79
N LEU B 99 5.08 -0.88 -16.45
CA LEU B 99 4.24 -0.11 -17.38
C LEU B 99 5.02 0.22 -18.63
N VAL B 100 6.14 0.92 -18.44
CA VAL B 100 6.97 1.38 -19.55
C VAL B 100 7.54 0.21 -20.35
N ALA B 101 8.00 -0.82 -19.66
CA ALA B 101 8.51 -2.04 -20.31
C ALA B 101 7.45 -2.74 -21.16
N MET B 102 6.25 -2.88 -20.59
CA MET B 102 5.13 -3.53 -21.28
C MET B 102 4.65 -2.71 -22.48
N GLU B 103 4.58 -1.39 -22.28
CA GLU B 103 4.09 -0.47 -23.31
C GLU B 103 5.08 -0.30 -24.48
N ASN B 104 6.37 -0.28 -24.18
CA ASN B 104 7.43 -0.24 -25.20
C ASN B 104 7.40 -1.50 -26.06
N GLN B 105 7.18 -2.65 -25.42
CA GLN B 105 7.01 -3.92 -26.14
C GLN B 105 5.83 -3.87 -27.10
N HIS B 106 4.72 -3.29 -26.64
CA HIS B 106 3.52 -3.13 -27.48
C HIS B 106 3.75 -2.15 -28.63
N THR B 107 4.36 -1.00 -28.34
CA THR B 107 4.60 0.04 -29.34
C THR B 107 5.44 -0.47 -30.52
N ILE B 108 6.49 -1.22 -30.21
CA ILE B 108 7.36 -1.84 -31.23
C ILE B 108 6.60 -2.83 -32.11
N ASP B 109 5.90 -3.76 -31.46
CA ASP B 109 5.17 -4.81 -32.17
C ASP B 109 3.92 -4.28 -32.90
N MET B 110 3.34 -3.19 -32.37
CA MET B 110 2.25 -2.48 -33.05
C MET B 110 2.71 -1.91 -34.39
N ALA B 111 3.85 -1.20 -34.37
CA ALA B 111 4.43 -0.61 -35.57
C ALA B 111 4.92 -1.67 -36.57
N ASP B 112 5.41 -2.79 -36.05
CA ASP B 112 5.76 -3.97 -36.84
C ASP B 112 4.54 -4.49 -37.62
N SER B 113 3.38 -4.52 -36.98
CA SER B 113 2.15 -5.04 -37.58
C SER B 113 1.54 -4.12 -38.63
N GLU B 114 1.67 -2.80 -38.44
CA GLU B 114 1.16 -1.82 -39.40
C GLU B 114 1.93 -1.88 -40.73
N MET B 115 3.22 -2.16 -40.67
CA MET B 115 4.01 -2.46 -41.86
C MET B 115 3.47 -3.68 -42.59
N LEU B 116 3.35 -4.79 -41.85
CA LEU B 116 2.88 -6.06 -42.40
C LEU B 116 1.49 -5.92 -43.01
N ASN B 117 0.60 -5.19 -42.35
CA ASN B 117 -0.77 -4.99 -42.87
C ASN B 117 -0.78 -4.20 -44.18
N LEU B 118 0.12 -3.23 -44.33
CA LEU B 118 0.27 -2.51 -45.60
C LEU B 118 0.81 -3.45 -46.67
N TYR B 119 1.86 -4.20 -46.33
CA TYR B 119 2.44 -5.22 -47.21
C TYR B 119 1.41 -6.24 -47.71
N GLU B 120 0.54 -6.69 -46.80
CA GLU B 120 -0.52 -7.66 -47.14
C GLU B 120 -1.60 -7.01 -48.02
N ARG B 121 -1.92 -5.75 -47.78
CA ARG B 121 -2.90 -5.02 -48.58
C ARG B 121 -2.44 -4.90 -50.04
N VAL B 122 -1.14 -4.69 -50.24
CA VAL B 122 -0.55 -4.61 -51.58
C VAL B 122 -0.52 -5.99 -52.25
N ARG B 123 -0.09 -7.02 -51.52
CA ARG B 123 -0.05 -8.40 -52.03
C ARG B 123 -1.38 -8.84 -52.65
N LYS B 124 -2.47 -8.65 -51.89
CA LYS B 124 -3.81 -9.05 -52.32
C LYS B 124 -4.35 -8.21 -53.48
N GLN B 125 -3.92 -6.94 -53.54
CA GLN B 125 -4.32 -6.03 -54.60
C GLN B 125 -3.68 -6.37 -55.94
N LEU B 126 -2.38 -6.68 -55.92
CA LEU B 126 -1.64 -7.10 -57.11
C LEU B 126 -2.07 -8.49 -57.60
N ARG B 127 -2.46 -9.35 -56.66
CA ARG B 127 -3.09 -10.64 -56.97
C ARG B 127 -2.12 -11.58 -57.71
N GLN B 128 -2.41 -11.97 -58.97
CA GLN B 128 -1.52 -12.85 -59.74
C GLN B 128 -0.64 -12.09 -60.75
N ASN B 129 -0.67 -10.76 -60.70
CA ASN B 129 0.18 -9.93 -61.57
C ASN B 129 1.60 -9.73 -61.04
N ALA B 130 1.88 -10.15 -59.81
CA ALA B 130 3.20 -9.95 -59.20
C ALA B 130 3.62 -11.12 -58.31
N GLU B 131 4.88 -11.10 -57.90
CA GLU B 131 5.45 -12.11 -57.00
C GLU B 131 6.32 -11.44 -55.93
N GLU B 132 6.32 -12.02 -54.73
CA GLU B 132 7.12 -11.51 -53.62
C GLU B 132 8.57 -11.94 -53.79
N ASP B 133 9.50 -11.00 -53.60
CA ASP B 133 10.94 -11.29 -53.68
C ASP B 133 11.58 -11.67 -52.34
N GLY B 134 10.79 -11.66 -51.25
CA GLY B 134 11.25 -12.13 -49.94
C GLY B 134 11.89 -11.08 -49.04
N LYS B 135 12.03 -9.84 -49.53
CA LYS B 135 12.64 -8.75 -48.77
C LYS B 135 11.76 -7.48 -48.77
N GLY B 136 10.44 -7.69 -48.89
CA GLY B 136 9.48 -6.59 -48.84
C GLY B 136 9.20 -5.89 -50.17
N CYS B 137 9.58 -6.51 -51.28
CA CYS B 137 9.27 -5.97 -52.61
C CYS B 137 8.46 -6.94 -53.44
N PHE B 138 7.73 -6.37 -54.40
CA PHE B 138 6.90 -7.12 -55.32
C PHE B 138 7.41 -6.89 -56.74
N GLU B 139 7.87 -7.96 -57.37
CA GLU B 139 8.30 -7.91 -58.78
C GLU B 139 7.06 -8.02 -59.66
N ILE B 140 6.75 -6.94 -60.36
CA ILE B 140 5.52 -6.81 -61.16
C ILE B 140 5.79 -7.21 -62.62
N TYR B 141 5.07 -8.24 -63.10
CA TYR B 141 5.30 -8.81 -64.43
C TYR B 141 4.49 -8.11 -65.55
N HIS B 142 4.46 -6.79 -65.54
CA HIS B 142 3.90 -6.00 -66.64
C HIS B 142 4.40 -4.56 -66.57
N ALA B 143 4.25 -3.83 -67.67
CA ALA B 143 4.67 -2.44 -67.73
C ALA B 143 3.82 -1.61 -66.79
N CYS B 144 4.43 -1.12 -65.71
CA CYS B 144 3.75 -0.31 -64.70
C CYS B 144 4.38 1.08 -64.66
N ASP B 145 3.75 2.02 -65.37
CA ASP B 145 4.19 3.41 -65.41
C ASP B 145 3.86 4.14 -64.10
N ASP B 146 4.25 5.41 -63.99
CA ASP B 146 4.04 6.19 -62.76
C ASP B 146 2.57 6.31 -62.32
N SER B 147 1.63 6.29 -63.27
CA SER B 147 0.19 6.27 -62.97
C SER B 147 -0.26 4.90 -62.43
N CYS B 148 0.32 3.83 -62.97
CA CYS B 148 0.09 2.46 -62.47
C CYS B 148 0.66 2.29 -61.06
N MET B 149 1.85 2.83 -60.83
CA MET B 149 2.47 2.84 -59.49
C MET B 149 1.64 3.68 -58.51
N GLU B 150 1.18 4.85 -58.97
CA GLU B 150 0.20 5.67 -58.23
C GLU B 150 -1.04 4.89 -57.80
N SER B 151 -1.60 4.12 -58.73
CA SER B 151 -2.83 3.35 -58.47
C SER B 151 -2.66 2.26 -57.41
N ILE B 152 -1.45 1.72 -57.28
CA ILE B 152 -1.15 0.73 -56.23
C ILE B 152 -1.15 1.41 -54.86
N ARG B 153 -0.53 2.59 -54.78
CA ARG B 153 -0.48 3.35 -53.53
C ARG B 153 -1.85 3.83 -53.09
N ASN B 154 -2.63 4.34 -54.05
CA ASN B 154 -3.96 4.91 -53.79
C ASN B 154 -5.05 3.83 -53.56
N ASN B 155 -4.69 2.55 -53.70
CA ASN B 155 -5.60 1.42 -53.48
C ASN B 155 -6.70 1.35 -54.57
N THR B 156 -6.29 1.63 -55.81
CA THR B 156 -7.19 1.60 -56.98
C THR B 156 -6.59 0.84 -58.17
N TYR B 157 -5.62 -0.04 -57.91
CA TYR B 157 -4.99 -0.86 -58.94
C TYR B 157 -5.93 -2.01 -59.29
N ASP B 158 -6.39 -2.03 -60.54
CA ASP B 158 -7.24 -3.11 -61.04
C ASP B 158 -6.35 -4.21 -61.61
N HIS B 159 -6.43 -5.41 -61.03
CA HIS B 159 -5.58 -6.53 -61.45
C HIS B 159 -5.99 -7.11 -62.81
N SER B 160 -7.29 -7.11 -63.09
CA SER B 160 -7.83 -7.72 -64.31
C SER B 160 -7.48 -6.98 -65.61
N GLN B 161 -7.15 -5.69 -65.49
CA GLN B 161 -6.68 -4.89 -66.64
C GLN B 161 -5.33 -5.37 -67.20
N TYR B 162 -4.46 -5.89 -66.32
CA TYR B 162 -3.12 -6.35 -66.69
C TYR B 162 -2.93 -7.87 -66.53
N ARG B 163 -4.00 -8.62 -66.23
CA ARG B 163 -3.88 -10.05 -65.89
C ARG B 163 -3.40 -10.92 -67.05
N GLU B 164 -3.92 -10.65 -68.25
CA GLU B 164 -3.55 -11.42 -69.44
C GLU B 164 -2.07 -11.29 -69.75
N GLU B 165 -1.59 -10.04 -69.81
CA GLU B 165 -0.17 -9.74 -70.03
C GLU B 165 0.74 -10.38 -68.97
N ALA B 166 0.33 -10.26 -67.71
CA ALA B 166 1.17 -10.67 -66.57
C ALA B 166 1.36 -12.18 -66.46
N LEU B 167 0.31 -12.95 -66.69
CA LEU B 167 0.38 -14.41 -66.64
C LEU B 167 1.28 -14.98 -67.74
N LEU B 168 1.21 -14.39 -68.94
CA LEU B 168 2.09 -14.75 -70.05
C LEU B 168 3.57 -14.52 -69.71
N ASN B 169 3.87 -13.38 -69.10
CA ASN B 169 5.24 -13.04 -68.68
C ASN B 169 5.72 -13.85 -67.47
N ARG B 170 4.80 -14.23 -66.58
CA ARG B 170 5.15 -15.06 -65.42
C ARG B 170 5.46 -16.50 -65.79
N LEU B 171 4.62 -17.09 -66.64
CA LEU B 171 4.82 -18.45 -67.14
C LEU B 171 5.97 -18.49 -68.14
N ASN B 172 5.91 -17.59 -69.13
CA ASN B 172 6.99 -17.37 -70.11
C ASN B 172 7.28 -18.60 -70.98
N GLY C 1 -3.50 -20.44 -31.16
CA GLY C 1 -2.64 -19.31 -30.69
C GLY C 1 -2.80 -18.07 -31.54
N LEU C 2 -2.24 -16.96 -31.06
CA LEU C 2 -2.34 -15.67 -31.75
C LEU C 2 -1.84 -15.72 -33.20
N PHE C 3 -0.66 -16.29 -33.40
CA PHE C 3 -0.05 -16.40 -34.73
C PHE C 3 -0.40 -17.72 -35.44
N GLY C 4 -1.02 -18.64 -34.72
CA GLY C 4 -1.72 -19.78 -35.31
C GLY C 4 -0.88 -20.90 -35.89
N ALA C 5 0.35 -21.08 -35.37
CA ALA C 5 1.27 -22.12 -35.85
C ALA C 5 1.46 -23.22 -34.80
N ILE C 6 2.02 -22.87 -33.65
CA ILE C 6 2.22 -23.82 -32.54
C ILE C 6 0.88 -24.04 -31.85
N ALA C 7 0.46 -25.31 -31.78
CA ALA C 7 -0.92 -25.69 -31.45
C ALA C 7 -1.92 -25.14 -32.47
N GLY C 8 -1.44 -24.97 -33.71
CA GLY C 8 -2.22 -24.38 -34.80
C GLY C 8 -2.13 -25.30 -35.99
N PHE C 9 -1.72 -24.77 -37.15
CA PHE C 9 -1.61 -25.60 -38.36
C PHE C 9 -0.51 -26.67 -38.26
N ILE C 10 0.52 -26.41 -37.46
CA ILE C 10 1.47 -27.46 -37.07
C ILE C 10 0.81 -28.28 -35.96
N GLU C 11 0.52 -29.54 -36.26
CA GLU C 11 -0.29 -30.40 -35.38
C GLU C 11 0.37 -30.76 -34.06
N ASN C 12 1.68 -30.96 -34.04
CA ASN C 12 2.39 -31.30 -32.80
C ASN C 12 3.89 -31.02 -32.86
N GLY C 13 4.51 -30.94 -31.69
CA GLY C 13 5.96 -30.76 -31.58
C GLY C 13 6.69 -32.07 -31.83
N TRP C 14 8.02 -31.97 -31.96
CA TRP C 14 8.90 -33.12 -32.17
C TRP C 14 9.75 -33.36 -30.92
N GLU C 15 9.43 -34.42 -30.18
CA GLU C 15 10.23 -34.82 -29.01
C GLU C 15 11.63 -35.32 -29.38
N GLY C 16 11.81 -35.77 -30.62
CA GLY C 16 13.14 -36.16 -31.13
C GLY C 16 14.09 -35.06 -31.56
N MET C 17 13.68 -33.79 -31.43
CA MET C 17 14.54 -32.63 -31.71
C MET C 17 15.10 -32.06 -30.40
N VAL C 18 16.25 -32.57 -29.99
CA VAL C 18 16.91 -32.16 -28.73
C VAL C 18 17.91 -31.02 -28.93
N ASP C 19 18.40 -30.85 -30.15
CA ASP C 19 19.46 -29.85 -30.47
C ASP C 19 18.98 -28.41 -30.74
N GLY C 20 17.67 -28.15 -30.65
CA GLY C 20 17.15 -26.80 -30.86
C GLY C 20 15.67 -26.65 -30.51
N TRP C 21 15.12 -25.49 -30.85
CA TRP C 21 13.71 -25.14 -30.55
C TRP C 21 12.82 -25.22 -31.78
N TYR C 22 13.31 -24.69 -32.90
CA TYR C 22 12.62 -24.77 -34.20
C TYR C 22 13.56 -25.45 -35.18
N GLY C 23 12.99 -26.11 -36.19
CA GLY C 23 13.81 -26.77 -37.21
C GLY C 23 13.04 -27.37 -38.37
N PHE C 24 13.78 -28.04 -39.24
CA PHE C 24 13.26 -28.57 -40.50
C PHE C 24 13.29 -30.10 -40.52
N ARG C 25 12.38 -30.69 -41.32
CA ARG C 25 12.40 -32.12 -41.66
C ARG C 25 12.10 -32.28 -43.13
N HIS C 26 12.96 -33.00 -43.85
CA HIS C 26 12.82 -33.15 -45.32
C HIS C 26 12.57 -34.59 -45.74
N GLN C 27 12.17 -34.74 -47.00
CA GLN C 27 11.92 -36.05 -47.61
C GLN C 27 12.17 -36.01 -49.12
N ASN C 28 13.28 -36.65 -49.54
CA ASN C 28 13.67 -36.75 -50.95
C ASN C 28 14.07 -38.18 -51.29
N ALA C 29 14.55 -38.41 -52.51
CA ALA C 29 15.06 -39.72 -52.94
C ALA C 29 16.22 -40.22 -52.08
N GLN C 30 17.10 -39.31 -51.65
CA GLN C 30 18.22 -39.66 -50.78
C GLN C 30 17.80 -40.17 -49.39
N GLY C 31 16.66 -39.70 -48.89
CA GLY C 31 16.08 -40.19 -47.63
C GLY C 31 15.38 -39.12 -46.82
N THR C 32 15.54 -39.20 -45.49
CA THR C 32 14.89 -38.30 -44.54
C THR C 32 15.94 -37.75 -43.58
N GLY C 33 15.75 -36.51 -43.12
CA GLY C 33 16.67 -35.88 -42.17
C GLY C 33 15.99 -34.86 -41.26
N GLN C 34 16.76 -34.39 -40.27
CA GLN C 34 16.30 -33.41 -39.28
C GLN C 34 17.45 -32.44 -38.96
N ALA C 35 17.13 -31.17 -38.80
CA ALA C 35 18.13 -30.15 -38.50
C ALA C 35 17.50 -28.92 -37.83
N ALA C 36 18.07 -28.50 -36.70
CA ALA C 36 17.56 -27.34 -35.95
C ALA C 36 17.97 -26.04 -36.62
N ASP C 37 17.12 -25.02 -36.48
CA ASP C 37 17.41 -23.67 -36.97
C ASP C 37 18.00 -22.85 -35.81
N TYR C 38 19.22 -22.35 -36.01
CA TYR C 38 19.97 -21.69 -34.94
C TYR C 38 19.48 -20.27 -34.61
N LYS C 39 19.24 -19.46 -35.64
CA LYS C 39 18.86 -18.04 -35.45
C LYS C 39 17.48 -17.85 -34.80
N SER C 40 16.49 -18.59 -35.27
CA SER C 40 15.13 -18.53 -34.70
C SER C 40 15.07 -19.09 -33.27
N THR C 41 15.82 -20.16 -33.03
CA THR C 41 15.93 -20.76 -31.69
C THR C 41 16.53 -19.76 -30.70
N GLN C 42 17.65 -19.16 -31.06
CA GLN C 42 18.35 -18.23 -30.17
C GLN C 42 17.60 -16.91 -30.01
N ALA C 43 16.87 -16.49 -31.05
CA ALA C 43 15.97 -15.34 -30.97
C ALA C 43 14.90 -15.53 -29.88
N ALA C 44 14.33 -16.74 -29.82
CA ALA C 44 13.38 -17.09 -28.77
C ALA C 44 14.04 -17.18 -27.38
N ILE C 45 15.19 -17.83 -27.31
CA ILE C 45 15.92 -18.02 -26.03
C ILE C 45 16.42 -16.68 -25.46
N ASP C 46 17.00 -15.83 -26.32
CA ASP C 46 17.47 -14.50 -25.91
C ASP C 46 16.34 -13.61 -25.39
N GLN C 47 15.15 -13.76 -25.95
CA GLN C 47 13.97 -13.06 -25.46
C GLN C 47 13.51 -13.54 -24.08
N ILE C 48 13.62 -14.84 -23.83
CA ILE C 48 13.27 -15.43 -22.52
C ILE C 48 14.33 -15.08 -21.46
N THR C 49 15.60 -15.10 -21.85
CA THR C 49 16.69 -14.67 -20.97
C THR C 49 16.48 -13.23 -20.49
N GLY C 50 16.02 -12.36 -21.40
CA GLY C 50 15.70 -10.96 -21.08
C GLY C 50 14.58 -10.80 -20.06
N LYS C 51 13.53 -11.64 -20.18
CA LYS C 51 12.44 -11.67 -19.20
C LYS C 51 12.92 -12.05 -17.81
N LEU C 52 13.77 -13.07 -17.74
CA LEU C 52 14.33 -13.56 -16.47
C LEU C 52 15.24 -12.53 -15.80
N ASN C 53 16.06 -11.83 -16.59
CA ASN C 53 16.96 -10.79 -16.08
C ASN C 53 16.20 -9.60 -15.48
N ARG C 54 14.99 -9.32 -15.99
CA ARG C 54 14.16 -8.23 -15.48
C ARG C 54 13.32 -8.68 -14.27
N ILE C 55 12.72 -9.87 -14.36
CA ILE C 55 11.81 -10.38 -13.34
C ILE C 55 12.53 -10.90 -12.09
N ILE C 56 13.59 -11.68 -12.29
CA ILE C 56 14.36 -12.26 -11.16
C ILE C 56 15.23 -11.17 -10.54
N LYS C 57 14.59 -10.37 -9.67
CA LYS C 57 15.21 -9.23 -8.99
C LYS C 57 14.52 -9.02 -7.65
N LYS C 58 15.13 -8.21 -6.78
CA LYS C 58 14.46 -7.68 -5.60
C LYS C 58 14.85 -6.22 -5.42
N THR C 59 14.13 -5.51 -4.56
CA THR C 59 14.43 -4.10 -4.28
C THR C 59 15.62 -4.00 -3.32
N ASN C 60 16.38 -2.91 -3.46
CA ASN C 60 17.51 -2.62 -2.56
C ASN C 60 17.13 -1.71 -1.37
N THR C 61 15.83 -1.55 -1.11
CA THR C 61 15.34 -0.76 0.02
C THR C 61 15.50 -1.55 1.32
N GLU C 62 16.16 -0.93 2.31
CA GLU C 62 16.32 -1.51 3.64
C GLU C 62 15.05 -1.24 4.45
N PHE C 63 14.35 -2.31 4.83
CA PHE C 63 13.18 -2.23 5.72
C PHE C 63 13.57 -2.64 7.13
N GLU C 64 13.20 -1.80 8.11
CA GLU C 64 13.44 -2.07 9.52
C GLU C 64 12.21 -2.69 10.16
N SER C 65 12.37 -3.18 11.39
CA SER C 65 11.28 -3.82 12.13
C SER C 65 10.28 -2.77 12.67
N ILE C 66 8.99 -2.99 12.39
CA ILE C 66 7.91 -2.24 13.03
C ILE C 66 6.96 -3.10 13.90
N GLU C 67 7.03 -4.43 13.76
CA GLU C 67 6.34 -5.37 14.65
C GLU C 67 7.37 -6.13 15.48
N SER C 68 7.14 -6.25 16.78
CA SER C 68 8.02 -6.99 17.67
C SER C 68 7.66 -8.48 17.68
N GLU C 69 8.67 -9.33 17.56
CA GLU C 69 8.52 -10.78 17.54
C GLU C 69 8.30 -11.38 18.95
N PHE C 70 8.97 -10.82 19.95
CA PHE C 70 8.99 -11.39 21.32
C PHE C 70 8.24 -10.57 22.39
N SER C 71 7.42 -9.61 21.98
CA SER C 71 6.69 -8.76 22.93
C SER C 71 5.50 -8.04 22.31
N GLU C 72 4.65 -7.48 23.17
CA GLU C 72 3.46 -6.76 22.75
C GLU C 72 3.77 -5.30 22.41
N ILE C 73 2.86 -4.70 21.63
CA ILE C 73 2.97 -3.31 21.19
C ILE C 73 1.56 -2.70 21.23
N ASP C 74 1.48 -1.37 21.37
CA ASP C 74 0.20 -0.64 21.39
C ASP C 74 -0.85 -1.23 20.44
N HIS C 75 -2.06 -1.44 20.97
CA HIS C 75 -3.14 -2.11 20.24
C HIS C 75 -3.62 -1.27 19.04
N GLN C 76 -3.71 0.05 19.22
CA GLN C 76 -4.24 0.95 18.20
C GLN C 76 -3.35 1.02 16.95
N ILE C 77 -2.05 1.25 17.16
CA ILE C 77 -1.08 1.33 16.06
C ILE C 77 -0.74 -0.06 15.49
N GLY C 78 -0.76 -1.09 16.33
CA GLY C 78 -0.58 -2.47 15.90
C GLY C 78 -1.67 -2.97 14.96
N ASN C 79 -2.89 -2.47 15.14
CA ASN C 79 -3.98 -2.72 14.18
C ASN C 79 -3.72 -2.02 12.85
N VAL C 80 -3.24 -0.77 12.91
CA VAL C 80 -2.90 0.00 11.71
C VAL C 80 -1.76 -0.67 10.93
N ILE C 81 -0.77 -1.21 11.63
CA ILE C 81 0.30 -1.98 10.98
C ILE C 81 -0.27 -3.22 10.29
N ASN C 82 -1.17 -3.92 10.98
CA ASN C 82 -1.81 -5.13 10.43
C ASN C 82 -2.66 -4.83 9.19
N TRP C 83 -3.43 -3.75 9.24
CA TRP C 83 -4.21 -3.31 8.06
C TRP C 83 -3.30 -2.96 6.88
N THR C 84 -2.24 -2.20 7.17
CA THR C 84 -1.29 -1.75 6.16
C THR C 84 -0.51 -2.92 5.55
N LYS C 85 0.01 -3.80 6.40
CA LYS C 85 0.75 -4.97 5.92
C LYS C 85 -0.12 -5.91 5.10
N ASP C 86 -1.38 -6.08 5.49
CA ASP C 86 -2.33 -6.90 4.72
C ASP C 86 -2.66 -6.26 3.37
N SER C 87 -2.88 -4.94 3.36
CA SER C 87 -3.15 -4.19 2.14
C SER C 87 -2.00 -4.26 1.13
N ILE C 88 -0.77 -4.06 1.62
CA ILE C 88 0.43 -4.14 0.79
C ILE C 88 0.64 -5.56 0.27
N THR C 89 0.40 -6.56 1.13
CA THR C 89 0.53 -7.97 0.76
C THR C 89 -0.49 -8.39 -0.31
N ASP C 90 -1.70 -7.81 -0.27
CA ASP C 90 -2.69 -8.02 -1.33
C ASP C 90 -2.22 -7.47 -2.68
N ILE C 91 -1.60 -6.28 -2.66
CA ILE C 91 -1.10 -5.64 -3.87
C ILE C 91 0.00 -6.49 -4.50
N TRP C 92 1.00 -6.87 -3.71
CA TRP C 92 2.11 -7.70 -4.21
C TRP C 92 1.71 -9.09 -4.69
N THR C 93 0.66 -9.67 -4.08
CA THR C 93 0.13 -10.95 -4.55
C THR C 93 -0.59 -10.75 -5.88
N TYR C 94 -1.35 -9.66 -5.99
CA TYR C 94 -2.05 -9.33 -7.23
C TYR C 94 -1.10 -9.01 -8.37
N GLN C 95 -0.07 -8.21 -8.08
CA GLN C 95 0.96 -7.87 -9.06
C GLN C 95 1.79 -9.07 -9.50
N ALA C 96 2.09 -9.98 -8.56
CA ALA C 96 2.83 -11.20 -8.87
C ALA C 96 2.02 -12.13 -9.78
N GLU C 97 0.76 -12.36 -9.44
CA GLU C 97 -0.16 -13.16 -10.25
C GLU C 97 -0.38 -12.56 -11.64
N LEU C 98 -0.48 -11.23 -11.71
CA LEU C 98 -0.71 -10.53 -12.98
C LEU C 98 0.54 -10.53 -13.86
N LEU C 99 1.69 -10.20 -13.26
CA LEU C 99 3.00 -10.25 -13.94
C LEU C 99 3.21 -11.60 -14.62
N VAL C 100 3.14 -12.66 -13.84
CA VAL C 100 3.45 -14.01 -14.31
C VAL C 100 2.47 -14.46 -15.40
N ALA C 101 1.18 -14.20 -15.21
CA ALA C 101 0.15 -14.52 -16.21
C ALA C 101 0.36 -13.79 -17.54
N MET C 102 0.69 -12.50 -17.45
CA MET C 102 0.92 -11.65 -18.62
C MET C 102 2.16 -12.10 -19.38
N GLU C 103 3.25 -12.33 -18.65
CA GLU C 103 4.52 -12.75 -19.25
C GLU C 103 4.40 -14.13 -19.91
N ASN C 104 3.72 -15.06 -19.23
CA ASN C 104 3.49 -16.40 -19.77
C ASN C 104 2.71 -16.35 -21.08
N GLN C 105 1.72 -15.46 -21.16
CA GLN C 105 0.96 -15.26 -22.40
C GLN C 105 1.87 -14.75 -23.52
N HIS C 106 2.69 -13.75 -23.19
CA HIS C 106 3.61 -13.15 -24.15
C HIS C 106 4.71 -14.12 -24.61
N THR C 107 5.27 -14.89 -23.67
CA THR C 107 6.28 -15.92 -23.98
C THR C 107 5.74 -16.97 -24.96
N ILE C 108 4.56 -17.49 -24.65
CA ILE C 108 3.90 -18.50 -25.48
C ILE C 108 3.59 -17.99 -26.89
N ASP C 109 3.10 -16.75 -26.98
CA ASP C 109 2.78 -16.14 -28.28
C ASP C 109 4.03 -15.67 -29.05
N MET C 110 5.06 -15.21 -28.32
CA MET C 110 6.35 -14.85 -28.92
C MET C 110 6.98 -16.07 -29.60
N ALA C 111 6.99 -17.18 -28.88
CA ALA C 111 7.51 -18.44 -29.41
C ALA C 111 6.74 -18.93 -30.63
N ASP C 112 5.43 -18.72 -30.63
CA ASP C 112 4.57 -19.03 -31.78
C ASP C 112 4.91 -18.14 -32.98
N SER C 113 5.22 -16.87 -32.73
CA SER C 113 5.55 -15.93 -33.80
C SER C 113 6.89 -16.26 -34.47
N GLU C 114 7.86 -16.71 -33.68
CA GLU C 114 9.15 -17.15 -34.23
C GLU C 114 9.04 -18.40 -35.10
N MET C 115 8.08 -19.27 -34.79
CA MET C 115 7.73 -20.40 -35.67
C MET C 115 7.14 -19.90 -37.00
N LEU C 116 6.21 -18.94 -36.92
CA LEU C 116 5.56 -18.39 -38.11
C LEU C 116 6.53 -17.65 -39.03
N ASN C 117 7.44 -16.86 -38.44
CA ASN C 117 8.42 -16.10 -39.22
C ASN C 117 9.40 -16.99 -40.00
N LEU C 118 9.76 -18.14 -39.43
CA LEU C 118 10.58 -19.13 -40.14
C LEU C 118 9.81 -19.78 -41.29
N TYR C 119 8.55 -20.11 -41.04
CA TYR C 119 7.66 -20.64 -42.07
C TYR C 119 7.46 -19.66 -43.24
N GLU C 120 7.28 -18.38 -42.92
CA GLU C 120 7.08 -17.34 -43.96
C GLU C 120 8.37 -17.04 -44.74
N ARG C 121 9.51 -17.11 -44.05
CA ARG C 121 10.82 -16.92 -44.70
C ARG C 121 11.10 -18.03 -45.73
N VAL C 122 10.78 -19.27 -45.35
CA VAL C 122 10.88 -20.42 -46.27
C VAL C 122 9.90 -20.28 -47.43
N ARG C 123 8.67 -19.89 -47.14
CA ARG C 123 7.62 -19.70 -48.17
C ARG C 123 8.09 -18.77 -49.29
N LYS C 124 8.65 -17.62 -48.90
CA LYS C 124 9.00 -16.57 -49.85
C LYS C 124 10.22 -16.90 -50.71
N GLN C 125 11.23 -17.53 -50.11
CA GLN C 125 12.40 -17.98 -50.88
C GLN C 125 12.08 -19.16 -51.82
N LEU C 126 11.18 -20.05 -51.40
CA LEU C 126 10.67 -21.12 -52.29
C LEU C 126 9.86 -20.56 -53.46
N ARG C 127 9.20 -19.42 -53.24
CA ARG C 127 8.54 -18.66 -54.32
C ARG C 127 7.50 -19.52 -55.06
N GLN C 128 7.66 -19.77 -56.37
CA GLN C 128 6.68 -20.53 -57.15
C GLN C 128 7.09 -22.00 -57.35
N ASN C 129 8.17 -22.42 -56.69
CA ASN C 129 8.67 -23.79 -56.83
C ASN C 129 7.99 -24.79 -55.89
N ALA C 130 7.31 -24.28 -54.86
CA ALA C 130 6.62 -25.13 -53.87
C ALA C 130 5.18 -24.65 -53.65
N GLU C 131 4.43 -25.48 -52.94
CA GLU C 131 3.09 -25.15 -52.47
C GLU C 131 2.94 -25.60 -51.01
N GLU C 132 2.03 -24.96 -50.29
CA GLU C 132 1.77 -25.26 -48.88
C GLU C 132 0.75 -26.38 -48.79
N ASP C 133 1.02 -27.37 -47.93
CA ASP C 133 0.09 -28.50 -47.69
C ASP C 133 -0.89 -28.25 -46.54
N GLY C 134 -0.68 -27.16 -45.79
CA GLY C 134 -1.57 -26.79 -44.68
C GLY C 134 -1.20 -27.37 -43.32
N LYS C 135 -0.12 -28.14 -43.24
CA LYS C 135 0.32 -28.76 -41.99
C LYS C 135 1.73 -28.29 -41.58
N GLY C 136 2.19 -27.18 -42.15
CA GLY C 136 3.54 -26.64 -41.89
C GLY C 136 4.61 -27.10 -42.86
N CYS C 137 4.24 -27.87 -43.88
CA CYS C 137 5.17 -28.37 -44.89
C CYS C 137 4.99 -27.69 -46.24
N PHE C 138 6.03 -27.79 -47.06
CA PHE C 138 6.03 -27.27 -48.43
C PHE C 138 6.30 -28.42 -49.38
N GLU C 139 5.34 -28.71 -50.26
CA GLU C 139 5.51 -29.71 -51.30
C GLU C 139 6.23 -29.09 -52.48
N ILE C 140 7.52 -29.43 -52.62
CA ILE C 140 8.39 -28.87 -53.65
C ILE C 140 8.19 -29.64 -54.96
N TYR C 141 8.04 -28.90 -56.06
CA TYR C 141 7.75 -29.49 -57.38
C TYR C 141 9.00 -29.67 -58.26
N HIS C 142 10.11 -30.10 -57.65
CA HIS C 142 11.33 -30.44 -58.38
C HIS C 142 12.23 -31.32 -57.52
N ALA C 143 13.13 -32.04 -58.18
CA ALA C 143 14.05 -32.95 -57.49
C ALA C 143 15.04 -32.16 -56.64
N CYS C 144 14.74 -32.05 -55.35
CA CYS C 144 15.56 -31.30 -54.40
C CYS C 144 16.36 -32.28 -53.53
N ASP C 145 17.64 -32.47 -53.89
CA ASP C 145 18.55 -33.34 -53.15
C ASP C 145 19.04 -32.70 -51.84
N ASP C 146 19.82 -33.43 -51.05
CA ASP C 146 20.32 -32.95 -49.74
C ASP C 146 21.10 -31.63 -49.79
N SER C 147 21.77 -31.33 -50.90
CA SER C 147 22.43 -30.02 -51.08
C SER C 147 21.42 -28.89 -51.31
N CYS C 148 20.38 -29.18 -52.09
CA CYS C 148 19.26 -28.25 -52.29
C CYS C 148 18.49 -28.00 -50.99
N MET C 149 18.32 -29.04 -50.17
CA MET C 149 17.66 -28.92 -48.87
C MET C 149 18.44 -28.04 -47.89
N GLU C 150 19.77 -28.11 -47.93
CA GLU C 150 20.62 -27.27 -47.07
C GLU C 150 20.61 -25.79 -47.48
N SER C 151 20.49 -25.54 -48.79
CA SER C 151 20.37 -24.16 -49.30
C SER C 151 19.09 -23.46 -48.84
N ILE C 152 18.02 -24.24 -48.64
CA ILE C 152 16.77 -23.74 -48.06
C ILE C 152 16.96 -23.38 -46.59
N ARG C 153 17.54 -24.29 -45.82
CA ARG C 153 17.83 -24.06 -44.39
C ARG C 153 18.76 -22.87 -44.14
N ASN C 154 19.77 -22.70 -45.00
CA ASN C 154 20.79 -21.65 -44.84
C ASN C 154 20.47 -20.35 -45.62
N ASN C 155 19.28 -20.27 -46.22
CA ASN C 155 18.80 -19.06 -46.92
C ASN C 155 19.64 -18.67 -48.15
N THR C 156 20.11 -19.68 -48.88
CA THR C 156 20.88 -19.49 -50.12
C THR C 156 20.24 -20.22 -51.32
N TYR C 157 18.95 -20.57 -51.20
CA TYR C 157 18.19 -21.23 -52.26
C TYR C 157 17.81 -20.20 -53.32
N ASP C 158 18.20 -20.46 -54.56
CA ASP C 158 17.86 -19.59 -55.70
C ASP C 158 16.73 -20.24 -56.50
N HIS C 159 15.56 -19.61 -56.47
CA HIS C 159 14.34 -20.18 -57.08
C HIS C 159 14.38 -20.29 -58.61
N SER C 160 15.07 -19.35 -59.26
CA SER C 160 15.07 -19.27 -60.74
C SER C 160 15.83 -20.42 -61.43
N GLN C 161 16.71 -21.10 -60.68
CA GLN C 161 17.38 -22.30 -61.16
C GLN C 161 16.42 -23.48 -61.37
N TYR C 162 15.48 -23.64 -60.43
CA TYR C 162 14.53 -24.76 -60.45
C TYR C 162 13.13 -24.37 -60.98
N ARG C 163 12.96 -23.11 -61.35
CA ARG C 163 11.64 -22.55 -61.70
C ARG C 163 10.96 -23.27 -62.87
N GLU C 164 11.71 -23.53 -63.93
CA GLU C 164 11.15 -24.08 -65.17
C GLU C 164 10.67 -25.53 -65.03
N GLU C 165 11.38 -26.32 -64.21
CA GLU C 165 10.90 -27.65 -63.84
C GLU C 165 9.64 -27.58 -63.00
N ALA C 166 9.59 -26.62 -62.07
CA ALA C 166 8.45 -26.47 -61.16
C ALA C 166 7.18 -26.00 -61.87
N LEU C 167 7.29 -24.95 -62.67
CA LEU C 167 6.14 -24.45 -63.46
C LEU C 167 5.55 -25.50 -64.40
N LEU C 168 6.38 -26.40 -64.91
CA LEU C 168 5.91 -27.53 -65.74
C LEU C 168 5.18 -28.57 -64.88
N ASN C 169 5.79 -28.95 -63.77
CA ASN C 169 5.21 -29.95 -62.84
C ASN C 169 3.87 -29.51 -62.25
N ARG C 170 3.79 -28.26 -61.82
CA ARG C 170 2.59 -27.72 -61.17
C ARG C 170 1.38 -27.59 -62.10
N LEU C 171 1.62 -27.08 -63.31
CA LEU C 171 0.55 -26.90 -64.31
C LEU C 171 0.02 -28.20 -64.91
N ASN C 172 0.83 -29.26 -64.88
CA ASN C 172 0.39 -30.60 -65.28
C ASN C 172 1.29 -31.68 -64.71
N ASP D 3 -17.98 -18.35 -58.65
CA ASP D 3 -18.24 -19.00 -57.31
C ASP D 3 -17.33 -18.41 -56.25
N LYS D 4 -17.91 -18.13 -55.09
CA LYS D 4 -17.24 -17.33 -54.05
C LYS D 4 -17.64 -17.77 -52.64
N ILE D 5 -16.65 -17.90 -51.76
CA ILE D 5 -16.87 -18.16 -50.33
C ILE D 5 -16.21 -17.02 -49.53
N CYS D 6 -16.99 -16.37 -48.67
CA CYS D 6 -16.55 -15.21 -47.89
C CYS D 6 -16.42 -15.53 -46.42
N LEU D 7 -15.32 -15.09 -45.81
CA LEU D 7 -15.12 -15.19 -44.37
C LEU D 7 -15.59 -13.89 -43.71
N GLY D 8 -16.12 -14.00 -42.51
CA GLY D 8 -16.61 -12.83 -41.79
C GLY D 8 -16.87 -13.07 -40.32
N HIS D 9 -17.19 -11.98 -39.62
CA HIS D 9 -17.45 -12.02 -38.17
C HIS D 9 -18.80 -11.38 -37.89
N HIS D 10 -19.35 -11.70 -36.72
CA HIS D 10 -20.63 -11.13 -36.30
C HIS D 10 -20.48 -9.67 -35.89
N ALA D 11 -21.63 -9.00 -35.82
CA ALA D 11 -21.72 -7.63 -35.32
C ALA D 11 -23.06 -7.46 -34.62
N VAL D 12 -23.19 -6.35 -33.90
CA VAL D 12 -24.44 -6.01 -33.21
C VAL D 12 -24.82 -4.58 -33.54
N ALA D 13 -26.11 -4.27 -33.41
CA ALA D 13 -26.63 -2.94 -33.72
C ALA D 13 -26.13 -1.92 -32.71
N ASN D 14 -26.27 -2.25 -31.42
CA ASN D 14 -25.81 -1.40 -30.31
C ASN D 14 -24.65 -2.06 -29.56
N GLY D 15 -23.45 -1.55 -29.79
CA GLY D 15 -22.24 -1.99 -29.09
C GLY D 15 -21.87 -1.06 -27.94
N THR D 16 -21.06 -1.55 -27.01
CA THR D 16 -20.65 -0.79 -25.83
C THR D 16 -19.22 -0.25 -25.98
N ILE D 17 -18.99 0.95 -25.45
CA ILE D 17 -17.69 1.61 -25.52
C ILE D 17 -16.81 1.15 -24.35
N VAL D 18 -15.57 0.78 -24.66
CA VAL D 18 -14.56 0.45 -23.64
C VAL D 18 -13.29 1.23 -23.91
N LYS D 19 -12.40 1.25 -22.92
CA LYS D 19 -11.08 1.86 -23.04
C LYS D 19 -10.06 0.76 -23.28
N THR D 20 -9.15 1.00 -24.24
CA THR D 20 -8.00 0.15 -24.48
C THR D 20 -6.75 0.95 -24.12
N LEU D 21 -5.57 0.36 -24.32
CA LEU D 21 -4.31 1.07 -24.11
C LEU D 21 -4.14 2.25 -25.08
N THR D 22 -4.64 2.09 -26.30
CA THR D 22 -4.45 3.07 -27.38
C THR D 22 -5.68 3.94 -27.67
N ASN D 23 -6.84 3.58 -27.13
CA ASN D 23 -8.09 4.23 -27.52
C ASN D 23 -9.06 4.32 -26.34
N GLU D 24 -9.52 5.53 -26.05
CA GLU D 24 -10.54 5.78 -25.02
C GLU D 24 -11.98 5.47 -25.51
N GLN D 25 -12.22 5.57 -26.81
CA GLN D 25 -13.55 5.36 -27.41
C GLN D 25 -13.51 4.17 -28.39
N GLU D 26 -13.50 2.95 -27.86
CA GLU D 26 -13.40 1.73 -28.67
C GLU D 26 -14.67 0.90 -28.50
N GLU D 27 -15.41 0.74 -29.60
CA GLU D 27 -16.70 0.05 -29.59
C GLU D 27 -16.52 -1.46 -29.73
N VAL D 28 -17.12 -2.22 -28.82
CA VAL D 28 -17.07 -3.68 -28.86
C VAL D 28 -18.48 -4.27 -28.85
N THR D 29 -18.58 -5.56 -29.18
CA THR D 29 -19.87 -6.26 -29.24
C THR D 29 -20.53 -6.39 -27.87
N ASN D 30 -19.74 -6.65 -26.84
CA ASN D 30 -20.25 -6.78 -25.48
C ASN D 30 -19.17 -6.48 -24.45
N ALA D 31 -19.59 -6.00 -23.29
CA ALA D 31 -18.69 -5.79 -22.15
C ALA D 31 -19.44 -6.02 -20.84
N THR D 32 -18.69 -6.10 -19.75
CA THR D 32 -19.25 -6.27 -18.41
C THR D 32 -18.54 -5.36 -17.41
N GLU D 33 -19.31 -4.89 -16.43
CA GLU D 33 -18.82 -3.96 -15.41
C GLU D 33 -17.91 -4.68 -14.41
N THR D 34 -16.82 -4.02 -14.01
CA THR D 34 -15.90 -4.53 -12.99
C THR D 34 -15.90 -3.74 -11.66
N VAL D 35 -16.55 -2.58 -11.63
CA VAL D 35 -16.66 -1.76 -10.42
C VAL D 35 -18.12 -1.73 -9.97
N GLU D 36 -18.38 -2.15 -8.73
CA GLU D 36 -19.72 -2.11 -8.18
C GLU D 36 -20.02 -0.72 -7.59
N SER D 37 -21.19 -0.17 -7.93
CA SER D 37 -21.62 1.15 -7.45
C SER D 37 -22.96 1.15 -6.69
N THR D 38 -23.49 -0.04 -6.38
CA THR D 38 -24.74 -0.18 -5.61
C THR D 38 -24.59 -1.24 -4.52
N SER D 39 -25.24 -0.99 -3.38
CA SER D 39 -25.20 -1.89 -2.24
C SER D 39 -26.59 -2.09 -1.64
N LEU D 40 -26.77 -3.20 -0.93
CA LEU D 40 -28.00 -3.43 -0.17
C LEU D 40 -27.95 -2.56 1.08
N ASN D 41 -29.07 -1.92 1.40
CA ASN D 41 -29.17 -1.04 2.57
C ASN D 41 -29.54 -1.86 3.82
N ARG D 42 -28.79 -2.95 4.05
CA ARG D 42 -29.15 -3.98 5.02
C ARG D 42 -27.91 -4.81 5.41
N LEU D 43 -27.82 -5.23 6.67
CA LEU D 43 -26.75 -6.14 7.12
C LEU D 43 -27.16 -7.60 6.93
N CYS D 44 -26.49 -8.28 6.01
CA CYS D 44 -26.82 -9.66 5.64
C CYS D 44 -26.08 -10.65 6.56
N MET D 45 -26.81 -11.16 7.56
CA MET D 45 -26.21 -11.95 8.66
C MET D 45 -26.46 -13.47 8.61
N LYS D 46 -26.82 -14.02 7.45
CA LYS D 46 -27.05 -15.47 7.33
C LYS D 46 -25.76 -16.25 7.56
N GLY D 47 -25.87 -17.35 8.32
CA GLY D 47 -24.72 -18.19 8.65
C GLY D 47 -23.73 -17.58 9.63
N ARG D 48 -24.13 -16.51 10.31
CA ARG D 48 -23.29 -15.80 11.28
C ARG D 48 -23.99 -15.75 12.62
N ASN D 49 -23.36 -16.34 13.65
CA ASN D 49 -23.81 -16.17 15.03
C ASN D 49 -23.55 -14.72 15.43
N HIS D 50 -24.54 -13.86 15.21
CA HIS D 50 -24.39 -12.42 15.36
C HIS D 50 -25.10 -11.86 16.58
N LYS D 51 -24.66 -10.68 17.03
CA LYS D 51 -25.30 -9.93 18.09
C LYS D 51 -25.46 -8.49 17.64
N ASP D 52 -26.71 -8.02 17.57
CA ASP D 52 -27.00 -6.61 17.34
C ASP D 52 -27.20 -5.94 18.70
N LEU D 53 -26.25 -5.06 19.07
CA LEU D 53 -26.29 -4.37 20.36
C LEU D 53 -27.40 -3.32 20.46
N GLY D 54 -27.86 -2.79 19.33
CA GLY D 54 -28.95 -1.81 19.32
C GLY D 54 -28.62 -0.57 20.11
N ASN D 55 -29.32 -0.39 21.23
CA ASN D 55 -29.11 0.74 22.13
C ASN D 55 -27.86 0.57 23.01
N CYS D 56 -27.35 -0.65 23.13
CA CYS D 56 -26.18 -0.97 23.97
C CYS D 56 -24.84 -0.58 23.33
N HIS D 57 -23.99 0.08 24.10
CA HIS D 57 -22.60 0.37 23.71
C HIS D 57 -21.69 -0.71 24.28
N PRO D 58 -20.69 -1.20 23.50
CA PRO D 58 -19.85 -2.34 23.95
C PRO D 58 -19.24 -2.25 25.34
N ILE D 59 -18.80 -1.06 25.75
CA ILE D 59 -18.25 -0.85 27.10
C ILE D 59 -19.34 -1.09 28.16
N GLY D 60 -20.56 -0.64 27.88
CA GLY D 60 -21.70 -0.88 28.78
C GLY D 60 -22.02 -2.33 29.08
N MET D 61 -21.66 -3.23 28.16
CA MET D 61 -21.85 -4.67 28.35
C MET D 61 -20.80 -5.29 29.30
N LEU D 62 -19.70 -4.59 29.57
CA LEU D 62 -18.71 -5.00 30.58
C LEU D 62 -19.01 -4.48 31.98
N ILE D 63 -19.63 -3.31 32.08
CA ILE D 63 -20.02 -2.72 33.37
C ILE D 63 -21.49 -2.97 33.75
N GLY D 64 -22.31 -3.35 32.78
CA GLY D 64 -23.70 -3.73 33.05
C GLY D 64 -24.64 -2.54 33.14
N THR D 65 -24.63 -1.70 32.10
CA THR D 65 -25.59 -0.61 31.97
C THR D 65 -26.97 -1.22 31.73
N PRO D 66 -28.05 -0.60 32.27
CA PRO D 66 -29.42 -1.08 32.07
C PRO D 66 -29.81 -1.38 30.61
N ALA D 67 -29.38 -0.52 29.69
CA ALA D 67 -29.61 -0.74 28.26
C ALA D 67 -28.92 -2.00 27.72
N CYS D 68 -27.83 -2.42 28.38
CA CYS D 68 -27.08 -3.62 27.99
C CYS D 68 -27.44 -4.91 28.76
N ASP D 69 -28.57 -4.93 29.48
CA ASP D 69 -28.97 -6.12 30.28
C ASP D 69 -29.03 -7.42 29.47
N LEU D 70 -29.46 -7.32 28.21
CA LEU D 70 -29.56 -8.47 27.32
C LEU D 70 -28.21 -8.90 26.69
N HIS D 71 -27.14 -8.13 26.91
CA HIS D 71 -25.84 -8.40 26.30
C HIS D 71 -24.68 -8.51 27.31
N LEU D 72 -24.95 -8.83 28.57
CA LEU D 72 -23.89 -9.06 29.58
C LEU D 72 -22.99 -10.25 29.23
N THR D 73 -23.59 -11.28 28.64
CA THR D 73 -22.88 -12.50 28.25
C THR D 73 -23.30 -12.96 26.85
N GLY D 74 -22.49 -13.82 26.26
CA GLY D 74 -22.80 -14.42 24.95
C GLY D 74 -21.56 -14.82 24.17
N THR D 75 -21.80 -15.56 23.09
CA THR D 75 -20.78 -15.89 22.11
C THR D 75 -21.25 -15.40 20.74
N TRP D 76 -20.30 -15.01 19.90
CA TRP D 76 -20.61 -14.50 18.56
C TRP D 76 -19.39 -14.54 17.63
N ASP D 77 -19.67 -14.47 16.33
CA ASP D 77 -18.65 -14.19 15.31
C ASP D 77 -18.78 -12.78 14.71
N THR D 78 -19.90 -12.10 14.99
CA THR D 78 -20.14 -10.73 14.50
C THR D 78 -20.83 -9.89 15.58
N LEU D 79 -20.23 -8.74 15.91
CA LEU D 79 -20.79 -7.81 16.88
C LEU D 79 -21.12 -6.49 16.16
N ILE D 80 -22.37 -6.05 16.23
CA ILE D 80 -22.85 -4.88 15.49
C ILE D 80 -23.15 -3.71 16.45
N GLU D 81 -22.34 -2.67 16.38
CA GLU D 81 -22.50 -1.45 17.19
C GLU D 81 -23.33 -0.43 16.41
N ARG D 82 -24.08 0.39 17.13
CA ARG D 82 -24.98 1.40 16.55
C ARG D 82 -24.63 2.81 17.02
N LYS D 83 -25.19 3.79 16.32
CA LYS D 83 -24.94 5.20 16.62
C LYS D 83 -25.70 5.65 17.87
N ASN D 84 -25.10 6.58 18.62
CA ASN D 84 -25.67 7.11 19.86
C ASN D 84 -26.00 6.03 20.91
N ALA D 85 -25.17 4.98 20.95
CA ALA D 85 -25.37 3.86 21.86
C ALA D 85 -24.95 4.26 23.28
N ILE D 86 -25.70 3.76 24.26
CA ILE D 86 -25.53 4.13 25.66
C ILE D 86 -24.48 3.21 26.31
N ALA D 87 -23.42 3.82 26.86
CA ALA D 87 -22.44 3.11 27.68
C ALA D 87 -22.58 3.40 29.18
N TYR D 88 -22.98 4.62 29.53
CA TYR D 88 -22.99 5.06 30.93
C TYR D 88 -24.36 5.62 31.32
N CYS D 89 -25.01 4.97 32.28
CA CYS D 89 -26.26 5.47 32.86
C CYS D 89 -26.01 6.66 33.81
N TYR D 90 -24.85 6.63 34.48
CA TYR D 90 -24.44 7.70 35.40
C TYR D 90 -23.30 8.50 34.76
N PRO D 91 -23.34 9.85 34.86
CA PRO D 91 -22.31 10.72 34.25
C PRO D 91 -20.87 10.27 34.50
N GLY D 92 -20.03 10.41 33.47
CA GLY D 92 -18.64 9.96 33.51
C GLY D 92 -18.19 9.37 32.18
N ALA D 93 -16.96 8.87 32.16
CA ALA D 93 -16.42 8.19 30.99
C ALA D 93 -15.21 7.37 31.38
N THR D 94 -14.89 6.38 30.54
CA THR D 94 -13.79 5.46 30.81
C THR D 94 -12.48 6.05 30.32
N VAL D 95 -11.41 5.85 31.10
CA VAL D 95 -10.06 6.25 30.70
C VAL D 95 -9.51 5.19 29.75
N ASN D 96 -8.88 5.64 28.66
CA ASN D 96 -8.45 4.78 27.56
C ASN D 96 -9.68 4.08 26.94
N GLU D 97 -10.68 4.89 26.62
CA GLU D 97 -12.02 4.43 26.22
C GLU D 97 -12.00 3.69 24.88
N GLU D 98 -11.42 4.33 23.88
CA GLU D 98 -11.41 3.81 22.51
C GLU D 98 -10.61 2.51 22.38
N ALA D 99 -9.54 2.37 23.16
CA ALA D 99 -8.75 1.13 23.20
C ALA D 99 -9.58 -0.06 23.70
N LEU D 100 -10.47 0.22 24.66
CA LEU D 100 -11.36 -0.81 25.21
C LEU D 100 -12.45 -1.22 24.21
N ARG D 101 -13.12 -0.24 23.62
CA ARG D 101 -14.17 -0.48 22.61
C ARG D 101 -13.65 -1.32 21.43
N GLN D 102 -12.46 -0.97 20.94
CA GLN D 102 -11.78 -1.75 19.88
C GLN D 102 -11.53 -3.19 20.31
N LYS D 103 -11.07 -3.36 21.54
CA LYS D 103 -10.78 -4.68 22.11
C LYS D 103 -12.03 -5.59 22.24
N ILE D 104 -13.17 -4.98 22.58
CA ILE D 104 -14.45 -5.71 22.68
C ILE D 104 -15.01 -6.03 21.30
N MET D 105 -14.98 -5.06 20.39
CA MET D 105 -15.46 -5.26 19.02
C MET D 105 -14.61 -6.23 18.19
N GLU D 106 -13.36 -6.41 18.60
CA GLU D 106 -12.47 -7.40 17.99
C GLU D 106 -12.77 -8.82 18.49
N SER D 107 -13.36 -8.94 19.69
CA SER D 107 -13.62 -10.25 20.32
C SER D 107 -14.79 -11.01 19.70
N GLY D 108 -14.84 -12.31 19.99
CA GLY D 108 -15.92 -13.20 19.56
C GLY D 108 -16.69 -13.77 20.74
N GLY D 109 -17.02 -12.93 21.71
CA GLY D 109 -17.82 -13.33 22.87
C GLY D 109 -17.31 -12.78 24.19
N ILE D 110 -18.17 -12.86 25.20
CA ILE D 110 -17.90 -12.34 26.54
C ILE D 110 -18.50 -13.29 27.59
N SER D 111 -17.78 -13.49 28.70
CA SER D 111 -18.25 -14.29 29.83
C SER D 111 -17.78 -13.68 31.14
N LYS D 112 -18.64 -13.67 32.15
CA LYS D 112 -18.35 -13.06 33.45
C LYS D 112 -17.84 -14.09 34.45
N ILE D 113 -16.94 -13.65 35.33
CA ILE D 113 -16.41 -14.46 36.42
C ILE D 113 -16.53 -13.65 37.72
N ASN D 114 -17.22 -14.21 38.72
CA ASN D 114 -17.51 -13.49 39.97
C ASN D 114 -16.24 -13.32 40.81
N THR D 115 -15.96 -12.07 41.19
CA THR D 115 -14.72 -11.75 41.91
C THR D 115 -14.76 -12.20 43.37
N GLY D 116 -15.95 -12.20 43.97
CA GLY D 116 -16.18 -12.84 45.26
C GLY D 116 -16.04 -11.97 46.51
N PHE D 117 -15.09 -11.02 46.50
CA PHE D 117 -14.72 -10.30 47.73
C PHE D 117 -15.85 -9.50 48.38
N THR D 118 -15.83 -9.46 49.71
CA THR D 118 -16.87 -8.83 50.55
C THR D 118 -16.28 -7.66 51.33
N TYR D 119 -17.14 -6.95 52.05
CA TYR D 119 -16.75 -5.76 52.83
C TYR D 119 -17.29 -5.85 54.25
N GLY D 120 -16.89 -4.91 55.10
CA GLY D 120 -17.32 -4.86 56.50
C GLY D 120 -18.75 -4.43 56.67
N SER D 121 -19.28 -4.58 57.89
CA SER D 121 -20.67 -4.22 58.20
C SER D 121 -20.94 -2.71 58.13
N SER D 122 -19.92 -1.90 58.39
CA SER D 122 -20.04 -0.43 58.30
C SER D 122 -20.04 0.11 56.85
N ILE D 123 -19.65 -0.71 55.88
CA ILE D 123 -19.64 -0.34 54.46
C ILE D 123 -20.91 -0.84 53.76
N ASN D 124 -21.69 0.10 53.22
CA ASN D 124 -22.88 -0.22 52.41
C ASN D 124 -22.50 -0.40 50.94
N SER D 125 -22.66 -1.62 50.42
CA SER D 125 -22.29 -1.96 49.05
C SER D 125 -23.49 -2.12 48.10
N ALA D 126 -24.67 -1.59 48.49
CA ALA D 126 -25.88 -1.67 47.68
C ALA D 126 -26.35 -0.28 47.26
N GLY D 127 -25.41 0.58 46.86
CA GLY D 127 -25.72 1.95 46.46
C GLY D 127 -26.34 2.02 45.07
N THR D 128 -27.41 2.81 44.94
CA THR D 128 -28.18 2.94 43.70
C THR D 128 -28.33 4.41 43.30
N THR D 129 -29.01 4.66 42.19
CA THR D 129 -29.25 6.02 41.70
C THR D 129 -30.45 6.09 40.74
N LYS D 130 -31.14 7.23 40.74
CA LYS D 130 -32.28 7.49 39.85
C LYS D 130 -31.89 7.64 38.37
N ALA D 131 -30.61 7.99 38.13
CA ALA D 131 -30.07 8.04 36.76
C ALA D 131 -29.96 6.66 36.11
N CYS D 132 -29.82 5.61 36.94
CA CYS D 132 -29.63 4.24 36.47
C CYS D 132 -30.83 3.36 36.87
N MET D 133 -31.95 3.54 36.16
CA MET D 133 -33.21 2.85 36.48
C MET D 133 -33.20 1.41 35.99
N ARG D 134 -33.86 0.53 36.74
CA ARG D 134 -34.03 -0.87 36.36
C ARG D 134 -35.23 -1.47 37.10
N ASN D 135 -36.18 -2.03 36.35
CA ASN D 135 -37.39 -2.65 36.89
C ASN D 135 -38.26 -1.68 37.72
N GLY D 136 -38.33 -0.42 37.28
CA GLY D 136 -39.13 0.61 37.95
C GLY D 136 -38.37 1.45 38.96
N GLY D 137 -37.77 0.80 39.96
CA GLY D 137 -37.03 1.48 41.02
C GLY D 137 -35.61 1.85 40.65
N ASN D 138 -34.89 2.42 41.62
CA ASN D 138 -33.48 2.79 41.45
C ASN D 138 -32.58 1.55 41.40
N SER D 139 -31.43 1.70 40.74
CA SER D 139 -30.46 0.61 40.58
C SER D 139 -29.07 1.16 40.22
N PHE D 140 -28.17 0.26 39.82
CA PHE D 140 -26.79 0.63 39.50
C PHE D 140 -26.21 -0.32 38.44
N TYR D 141 -25.10 0.09 37.84
CA TYR D 141 -24.29 -0.79 36.98
C TYR D 141 -24.22 -2.19 37.57
N ALA D 142 -24.76 -3.17 36.85
CA ALA D 142 -24.90 -4.55 37.35
C ALA D 142 -23.60 -5.23 37.76
N GLU D 143 -22.51 -4.93 37.06
CA GLU D 143 -21.21 -5.58 37.30
C GLU D 143 -20.30 -4.86 38.31
N LEU D 144 -20.80 -3.80 38.93
CA LEU D 144 -20.03 -3.03 39.92
C LEU D 144 -20.89 -2.72 41.16
N LYS D 145 -20.23 -2.36 42.26
CA LYS D 145 -20.90 -2.00 43.51
C LYS D 145 -20.45 -0.62 43.95
N TRP D 146 -21.41 0.25 44.25
CA TRP D 146 -21.12 1.57 44.81
C TRP D 146 -20.95 1.39 46.33
N LEU D 147 -19.74 1.64 46.82
CA LEU D 147 -19.40 1.46 48.22
C LEU D 147 -19.44 2.79 48.97
N VAL D 148 -20.35 2.90 49.94
CA VAL D 148 -20.46 4.09 50.81
C VAL D 148 -20.57 3.67 52.28
N SER D 149 -20.36 4.63 53.18
CA SER D 149 -20.49 4.38 54.62
C SER D 149 -21.96 4.14 54.97
N LYS D 150 -22.19 3.19 55.88
CA LYS D 150 -23.55 2.78 56.26
C LYS D 150 -24.31 3.87 57.02
N ASN D 151 -23.57 4.64 57.83
CA ASN D 151 -24.13 5.81 58.53
C ASN D 151 -23.59 7.09 57.89
N LYS D 152 -24.48 8.05 57.65
CA LYS D 152 -24.14 9.32 57.01
C LYS D 152 -23.19 10.13 57.89
N GLY D 153 -21.99 10.39 57.39
CA GLY D 153 -20.98 11.16 58.11
C GLY D 153 -19.80 10.33 58.62
N GLN D 154 -20.07 9.06 58.96
CA GLN D 154 -19.03 8.16 59.46
C GLN D 154 -17.96 7.88 58.39
N ASN D 155 -16.71 7.80 58.83
CA ASN D 155 -15.58 7.60 57.91
C ASN D 155 -15.57 6.19 57.33
N PHE D 156 -15.25 6.10 56.04
CA PHE D 156 -15.17 4.83 55.32
C PHE D 156 -13.93 4.05 55.78
N PRO D 157 -14.10 2.80 56.27
CA PRO D 157 -12.96 2.00 56.74
C PRO D 157 -11.85 1.81 55.71
N GLN D 158 -10.61 1.73 56.18
CA GLN D 158 -9.47 1.32 55.36
C GLN D 158 -9.61 -0.19 55.13
N THR D 159 -9.93 -0.57 53.89
CA THR D 159 -10.20 -1.98 53.55
C THR D 159 -9.40 -2.38 52.31
N THR D 160 -9.00 -3.65 52.27
CA THR D 160 -8.17 -4.20 51.20
C THR D 160 -8.87 -5.40 50.56
N ASN D 161 -9.22 -5.26 49.28
CA ASN D 161 -9.84 -6.34 48.49
C ASN D 161 -8.82 -6.88 47.49
N THR D 162 -8.81 -8.20 47.30
CA THR D 162 -7.87 -8.87 46.39
C THR D 162 -8.56 -10.00 45.61
N TYR D 163 -8.23 -10.09 44.31
CA TYR D 163 -8.76 -11.13 43.42
C TYR D 163 -7.59 -11.82 42.70
N ARG D 164 -7.58 -13.15 42.75
CA ARG D 164 -6.58 -13.97 42.07
C ARG D 164 -7.17 -14.52 40.77
N ASN D 165 -6.29 -14.69 39.77
CA ASN D 165 -6.67 -15.24 38.47
C ASN D 165 -6.33 -16.74 38.44
N ALA D 166 -7.33 -17.57 38.16
CA ALA D 166 -7.15 -19.03 38.11
C ALA D 166 -8.02 -19.67 37.03
N ASP D 167 -7.90 -19.14 35.81
CA ASP D 167 -8.64 -19.65 34.64
C ASP D 167 -7.76 -19.91 33.40
N THR D 168 -6.43 -19.90 33.57
CA THR D 168 -5.45 -20.08 32.47
C THR D 168 -5.66 -19.13 31.27
N ALA D 169 -6.14 -17.93 31.54
CA ALA D 169 -6.47 -16.94 30.51
C ALA D 169 -6.70 -15.57 31.15
N GLU D 170 -6.25 -14.52 30.49
CA GLU D 170 -6.28 -13.16 31.06
C GLU D 170 -7.72 -12.63 31.21
N HIS D 171 -7.98 -11.99 32.36
CA HIS D 171 -9.30 -11.43 32.65
C HIS D 171 -9.25 -9.90 32.64
N LEU D 172 -10.27 -9.30 32.05
CA LEU D 172 -10.42 -7.85 31.99
C LEU D 172 -11.20 -7.41 33.22
N ILE D 173 -10.60 -6.53 34.03
CA ILE D 173 -11.22 -6.03 35.26
C ILE D 173 -11.42 -4.51 35.16
N MET D 174 -12.60 -4.04 35.58
CA MET D 174 -12.95 -2.63 35.54
C MET D 174 -13.39 -2.16 36.91
N TRP D 175 -12.96 -0.97 37.30
CA TRP D 175 -13.42 -0.30 38.52
C TRP D 175 -13.68 1.16 38.20
N GLY D 176 -14.40 1.82 39.11
CA GLY D 176 -14.75 3.23 38.97
C GLY D 176 -14.24 4.06 40.13
N ILE D 177 -14.04 5.35 39.89
CA ILE D 177 -13.66 6.32 40.92
C ILE D 177 -14.71 7.43 40.95
N HIS D 178 -15.37 7.60 42.10
CA HIS D 178 -16.36 8.65 42.27
C HIS D 178 -15.67 9.99 42.47
N HIS D 179 -16.16 11.02 41.77
CA HIS D 179 -15.68 12.40 41.91
C HIS D 179 -16.86 13.27 42.37
N PRO D 180 -17.08 13.39 43.71
CA PRO D 180 -18.24 14.12 44.27
C PRO D 180 -18.44 15.56 43.76
N SER D 181 -19.69 16.00 43.75
CA SER D 181 -20.06 17.34 43.26
C SER D 181 -19.65 18.45 44.25
N SER D 182 -20.04 18.28 45.51
CA SER D 182 -19.70 19.22 46.60
C SER D 182 -19.00 18.50 47.76
N THR D 183 -18.50 19.28 48.72
CA THR D 183 -17.79 18.73 49.88
C THR D 183 -18.74 18.06 50.87
N GLN D 184 -19.93 18.64 51.07
CA GLN D 184 -20.96 18.04 51.94
C GLN D 184 -21.38 16.65 51.46
N GLU D 185 -21.50 16.48 50.14
CA GLU D 185 -21.79 15.18 49.55
C GLU D 185 -20.66 14.18 49.85
N LYS D 186 -19.41 14.61 49.64
CA LYS D 186 -18.23 13.79 49.95
C LYS D 186 -18.18 13.40 51.43
N ASN D 187 -18.50 14.36 52.32
CA ASN D 187 -18.53 14.10 53.76
C ASN D 187 -19.69 13.18 54.19
N ASP D 188 -20.82 13.25 53.48
CA ASP D 188 -21.95 12.36 53.75
C ASP D 188 -21.66 10.89 53.44
N LEU D 189 -20.97 10.62 52.33
CA LEU D 189 -20.72 9.25 51.88
C LEU D 189 -19.46 8.63 52.49
N TYR D 190 -18.35 9.36 52.44
CA TYR D 190 -17.03 8.83 52.85
C TYR D 190 -16.39 9.50 54.07
N GLY D 191 -17.05 10.50 54.65
CA GLY D 191 -16.55 11.18 55.85
C GLY D 191 -15.53 12.28 55.57
N THR D 192 -15.04 12.89 56.64
CA THR D 192 -14.09 14.01 56.56
C THR D 192 -12.65 13.61 56.18
N GLN D 193 -12.27 12.36 56.47
CA GLN D 193 -10.91 11.84 56.19
C GLN D 193 -10.43 12.05 54.75
N SER D 194 -9.10 12.10 54.59
CA SER D 194 -8.47 12.25 53.28
C SER D 194 -8.51 10.91 52.52
N LEU D 195 -9.07 10.93 51.31
CA LEU D 195 -9.32 9.72 50.53
C LEU D 195 -8.13 9.36 49.64
N SER D 196 -7.88 8.05 49.49
CA SER D 196 -6.75 7.55 48.70
C SER D 196 -6.98 6.09 48.27
N ILE D 197 -7.04 5.87 46.96
CA ILE D 197 -7.30 4.54 46.38
C ILE D 197 -6.05 4.07 45.63
N SER D 198 -5.52 2.91 46.02
CA SER D 198 -4.36 2.30 45.36
C SER D 198 -4.74 0.97 44.71
N VAL D 199 -4.35 0.82 43.45
CA VAL D 199 -4.54 -0.42 42.69
C VAL D 199 -3.15 -0.96 42.39
N GLY D 200 -2.91 -2.24 42.71
CA GLY D 200 -1.58 -2.84 42.60
C GLY D 200 -1.60 -4.31 42.19
N SER D 201 -0.90 -4.61 41.09
CA SER D 201 -0.64 -5.98 40.64
C SER D 201 0.81 -6.10 40.19
N SER D 202 1.17 -7.22 39.59
CA SER D 202 2.49 -7.37 38.94
C SER D 202 2.58 -6.49 37.69
N THR D 203 1.51 -6.49 36.88
CA THR D 203 1.45 -5.68 35.66
C THR D 203 1.10 -4.21 35.97
N TYR D 204 -0.06 -4.01 36.58
CA TYR D 204 -0.62 -2.67 36.79
C TYR D 204 -0.24 -2.09 38.16
N LYS D 205 -0.05 -0.77 38.21
CA LYS D 205 0.20 -0.05 39.47
C LYS D 205 -0.11 1.43 39.29
N ASN D 206 -1.10 1.93 40.05
CA ASN D 206 -1.55 3.32 39.93
C ASN D 206 -2.26 3.79 41.21
N ASN D 207 -2.31 5.11 41.40
CA ASN D 207 -3.00 5.75 42.53
C ASN D 207 -4.08 6.70 42.01
N PHE D 208 -5.20 6.77 42.72
CA PHE D 208 -6.34 7.62 42.35
C PHE D 208 -6.86 8.38 43.58
N VAL D 209 -7.32 9.62 43.34
CA VAL D 209 -7.85 10.49 44.41
C VAL D 209 -9.09 11.24 43.89
N PRO D 210 -10.22 11.16 44.63
CA PRO D 210 -11.40 11.95 44.28
C PRO D 210 -11.18 13.47 44.35
N VAL D 211 -11.74 14.20 43.36
CA VAL D 211 -11.82 15.67 43.42
C VAL D 211 -13.18 16.08 43.98
N VAL D 212 -13.37 17.38 44.18
CA VAL D 212 -14.64 17.94 44.68
C VAL D 212 -15.02 19.16 43.84
N GLY D 213 -15.94 18.97 42.90
CA GLY D 213 -16.41 20.05 42.03
C GLY D 213 -17.35 19.57 40.94
N LEU D 221 -25.60 14.53 39.16
CA LEU D 221 -24.96 15.67 39.81
C LEU D 221 -23.44 15.45 39.90
N SER D 222 -23.03 14.29 40.42
CA SER D 222 -21.62 13.89 40.47
C SER D 222 -21.26 13.09 39.21
N ARG D 223 -20.03 12.57 39.17
CA ARG D 223 -19.58 11.71 38.07
C ARG D 223 -18.70 10.55 38.55
N ILE D 224 -18.64 9.50 37.74
CA ILE D 224 -17.87 8.29 38.04
C ILE D 224 -17.02 7.92 36.82
N ASP D 225 -15.72 8.19 36.89
CA ASP D 225 -14.77 7.77 35.84
C ASP D 225 -14.37 6.31 36.03
N PHE D 226 -14.23 5.58 34.92
CA PHE D 226 -13.88 4.16 34.94
C PHE D 226 -12.46 3.94 34.46
N HIS D 227 -11.82 2.92 35.03
CA HIS D 227 -10.45 2.53 34.67
C HIS D 227 -10.41 1.02 34.52
N TRP D 228 -9.45 0.53 33.76
CA TRP D 228 -9.37 -0.90 33.44
C TRP D 228 -7.95 -1.39 33.17
N THR D 229 -7.76 -2.69 33.36
CA THR D 229 -6.50 -3.37 33.05
C THR D 229 -6.71 -4.88 32.95
N LEU D 230 -5.66 -5.58 32.52
CA LEU D 230 -5.71 -7.03 32.32
C LEU D 230 -4.94 -7.74 33.44
N VAL D 231 -5.62 -8.67 34.12
CA VAL D 231 -4.99 -9.51 35.14
C VAL D 231 -4.54 -10.81 34.46
N GLN D 232 -3.24 -11.09 34.54
CA GLN D 232 -2.66 -12.29 33.90
C GLN D 232 -2.95 -13.54 34.74
N PRO D 233 -2.88 -14.76 34.12
CA PRO D 233 -3.17 -15.99 34.87
C PRO D 233 -2.14 -16.29 35.96
N GLY D 234 -2.62 -16.54 37.17
CA GLY D 234 -1.75 -16.73 38.36
C GLY D 234 -1.54 -15.47 39.18
N ASP D 235 -1.45 -14.32 38.52
CA ASP D 235 -1.20 -13.03 39.18
C ASP D 235 -2.44 -12.53 39.93
N LYS D 236 -2.20 -11.75 40.99
CA LYS D 236 -3.25 -11.14 41.81
C LYS D 236 -3.28 -9.63 41.58
N ILE D 237 -4.42 -9.02 41.89
CA ILE D 237 -4.57 -7.55 41.85
C ILE D 237 -5.22 -7.08 43.15
N THR D 238 -4.59 -6.09 43.80
CA THR D 238 -4.95 -5.64 45.14
C THR D 238 -5.51 -4.22 45.10
N PHE D 239 -6.74 -4.06 45.60
CA PHE D 239 -7.38 -2.75 45.77
C PHE D 239 -7.40 -2.39 47.25
N SER D 240 -6.67 -1.35 47.63
CA SER D 240 -6.75 -0.77 48.97
C SER D 240 -7.36 0.63 48.86
N HIS D 241 -8.35 0.92 49.71
CA HIS D 241 -9.14 2.14 49.59
C HIS D 241 -9.85 2.52 50.88
N ASN D 242 -10.06 3.83 51.06
CA ASN D 242 -10.79 4.39 52.21
C ASN D 242 -11.92 5.33 51.76
N GLY D 243 -12.65 4.91 50.71
CA GLY D 243 -13.80 5.65 50.19
C GLY D 243 -13.54 6.21 48.79
N GLY D 244 -14.55 6.11 47.93
CA GLY D 244 -14.47 6.61 46.56
C GLY D 244 -14.45 5.52 45.49
N LEU D 245 -13.99 4.32 45.85
CA LEU D 245 -13.90 3.21 44.91
C LEU D 245 -15.27 2.63 44.57
N ILE D 246 -15.51 2.43 43.27
CA ILE D 246 -16.63 1.65 42.77
C ILE D 246 -16.01 0.32 42.35
N ALA D 247 -16.17 -0.70 43.20
CA ALA D 247 -15.48 -1.97 43.02
C ALA D 247 -16.29 -2.93 42.14
N PRO D 248 -15.61 -3.83 41.40
CA PRO D 248 -16.31 -4.82 40.56
C PRO D 248 -16.89 -6.01 41.34
N SER D 249 -18.02 -6.53 40.85
CA SER D 249 -18.63 -7.76 41.35
C SER D 249 -18.16 -8.95 40.53
N ARG D 250 -18.16 -8.78 39.20
CA ARG D 250 -17.61 -9.77 38.27
C ARG D 250 -16.60 -9.10 37.34
N VAL D 251 -15.50 -9.80 37.07
CA VAL D 251 -14.58 -9.41 36.00
C VAL D 251 -15.07 -10.00 34.66
N SER D 252 -14.38 -9.64 33.58
CA SER D 252 -14.76 -10.07 32.23
C SER D 252 -13.69 -10.94 31.57
N LYS D 253 -14.13 -11.82 30.68
CA LYS D 253 -13.24 -12.66 29.88
C LYS D 253 -13.68 -12.58 28.42
N LEU D 254 -12.84 -11.96 27.57
CA LEU D 254 -13.09 -11.88 26.13
C LEU D 254 -12.63 -13.18 25.47
N ILE D 255 -13.49 -13.74 24.63
CA ILE D 255 -13.27 -15.07 24.05
C ILE D 255 -12.99 -14.98 22.54
N GLY D 256 -11.78 -15.34 22.15
CA GLY D 256 -11.45 -15.57 20.74
C GLY D 256 -11.37 -14.34 19.86
N ARG D 257 -12.12 -14.35 18.76
CA ARG D 257 -12.06 -13.33 17.72
C ARG D 257 -13.41 -13.18 17.00
N GLY D 258 -13.74 -11.95 16.59
CA GLY D 258 -14.99 -11.67 15.88
C GLY D 258 -14.92 -10.39 15.06
N LEU D 259 -15.83 -10.29 14.08
CA LEU D 259 -15.87 -9.15 13.16
C LEU D 259 -16.76 -8.04 13.70
N GLY D 260 -16.16 -6.93 14.11
CA GLY D 260 -16.90 -5.76 14.59
C GLY D 260 -17.41 -4.91 13.44
N ILE D 261 -18.70 -4.57 13.47
CA ILE D 261 -19.32 -3.72 12.44
C ILE D 261 -19.97 -2.51 13.09
N GLN D 262 -19.80 -1.35 12.47
CA GLN D 262 -20.44 -0.10 12.90
C GLN D 262 -21.31 0.39 11.76
N SER D 263 -22.63 0.34 11.95
CA SER D 263 -23.58 0.63 10.89
C SER D 263 -24.94 1.08 11.41
N GLU D 264 -25.64 1.86 10.59
CA GLU D 264 -27.01 2.31 10.88
C GLU D 264 -28.08 1.46 10.17
N ALA D 265 -27.65 0.58 9.26
CA ALA D 265 -28.58 -0.16 8.39
C ALA D 265 -29.28 -1.31 9.15
N PRO D 266 -30.56 -1.60 8.82
CA PRO D 266 -31.29 -2.70 9.48
C PRO D 266 -30.68 -4.09 9.25
N ILE D 267 -31.02 -5.03 10.13
CA ILE D 267 -30.54 -6.41 10.03
C ILE D 267 -31.39 -7.16 9.00
N ASP D 268 -30.77 -8.16 8.37
CA ASP D 268 -31.48 -9.11 7.49
C ASP D 268 -30.81 -10.48 7.64
N ASN D 269 -31.53 -11.45 8.19
CA ASN D 269 -31.01 -12.80 8.38
C ASN D 269 -31.36 -13.76 7.21
N SER D 270 -31.98 -13.23 6.14
CA SER D 270 -32.38 -14.05 4.99
C SER D 270 -31.42 -13.98 3.78
N CYS D 271 -30.19 -13.52 4.00
CA CYS D 271 -29.14 -13.54 2.97
C CYS D 271 -27.74 -13.41 3.59
N GLU D 272 -26.73 -13.84 2.82
CA GLU D 272 -25.35 -13.92 3.29
C GLU D 272 -24.47 -12.82 2.68
N SER D 273 -23.42 -12.44 3.40
CA SER D 273 -22.43 -11.47 2.92
C SER D 273 -21.14 -11.59 3.72
N LYS D 274 -20.01 -11.21 3.10
CA LYS D 274 -18.70 -11.17 3.77
C LYS D 274 -18.07 -9.78 3.80
N CYS D 275 -18.77 -8.74 3.34
CA CYS D 275 -18.24 -7.38 3.28
C CYS D 275 -19.30 -6.38 3.72
N PHE D 276 -18.91 -5.46 4.60
CA PHE D 276 -19.84 -4.52 5.24
C PHE D 276 -19.25 -3.12 5.35
N TRP D 277 -20.13 -2.13 5.37
CA TRP D 277 -19.75 -0.74 5.56
C TRP D 277 -20.89 0.00 6.27
N ARG D 278 -20.70 1.29 6.55
CA ARG D 278 -21.67 2.07 7.35
C ARG D 278 -23.11 1.97 6.84
N GLY D 279 -23.27 1.93 5.53
CA GLY D 279 -24.56 1.91 4.85
C GLY D 279 -25.15 0.56 4.53
N GLY D 280 -24.38 -0.53 4.71
CA GLY D 280 -24.93 -1.89 4.56
C GLY D 280 -23.93 -2.95 4.19
N SER D 281 -24.36 -3.90 3.36
CA SER D 281 -23.52 -5.00 2.88
C SER D 281 -23.16 -4.82 1.41
N ILE D 282 -22.12 -5.53 0.98
CA ILE D 282 -21.67 -5.55 -0.42
C ILE D 282 -21.52 -7.00 -0.86
N ASN D 283 -22.44 -7.44 -1.73
CA ASN D 283 -22.56 -8.85 -2.12
C ASN D 283 -21.97 -9.20 -3.49
N THR D 284 -21.24 -8.27 -4.12
CA THR D 284 -20.77 -8.46 -5.48
C THR D 284 -19.70 -9.53 -5.63
N ARG D 285 -19.66 -10.11 -6.83
CA ARG D 285 -18.54 -10.94 -7.27
C ARG D 285 -17.47 -10.10 -7.97
N LEU D 286 -17.81 -8.86 -8.32
CA LEU D 286 -16.88 -7.93 -8.97
C LEU D 286 -15.65 -7.63 -8.11
N PRO D 287 -14.48 -7.41 -8.75
CA PRO D 287 -13.23 -7.18 -8.02
C PRO D 287 -13.08 -5.80 -7.37
N PHE D 288 -13.77 -4.80 -7.91
CA PHE D 288 -13.63 -3.41 -7.45
C PHE D 288 -14.99 -2.82 -7.08
N GLN D 289 -14.95 -1.64 -6.45
CA GLN D 289 -16.10 -1.10 -5.73
C GLN D 289 -15.84 0.38 -5.44
N ASN D 290 -16.86 1.24 -5.57
CA ASN D 290 -16.71 2.68 -5.29
C ASN D 290 -17.77 3.24 -4.33
N LEU D 291 -18.19 2.39 -3.38
CA LEU D 291 -19.17 2.76 -2.38
C LEU D 291 -18.52 3.48 -1.21
N SER D 292 -17.48 2.87 -0.65
CA SER D 292 -16.75 3.46 0.49
C SER D 292 -15.33 2.91 0.62
N PRO D 293 -14.37 3.76 1.06
CA PRO D 293 -13.05 3.25 1.42
C PRO D 293 -13.02 2.50 2.75
N ARG D 294 -13.87 2.91 3.70
CA ARG D 294 -14.00 2.22 4.99
C ARG D 294 -14.93 1.01 4.85
N THR D 295 -14.34 -0.18 4.78
CA THR D 295 -15.10 -1.43 4.76
C THR D 295 -14.44 -2.46 5.68
N VAL D 296 -15.20 -3.50 6.03
CA VAL D 296 -14.72 -4.58 6.91
C VAL D 296 -15.07 -5.95 6.34
N GLY D 297 -14.20 -6.93 6.57
CA GLY D 297 -14.38 -8.29 6.07
C GLY D 297 -13.62 -8.53 4.79
N GLN D 298 -14.05 -9.53 4.03
CA GLN D 298 -13.46 -9.89 2.74
C GLN D 298 -14.14 -9.10 1.64
N CYS D 299 -13.49 -8.01 1.21
CA CYS D 299 -14.13 -7.01 0.35
C CYS D 299 -13.49 -6.84 -1.03
N PRO D 300 -14.26 -6.34 -2.02
CA PRO D 300 -13.64 -5.77 -3.21
C PRO D 300 -12.93 -4.46 -2.86
N LYS D 301 -11.87 -4.15 -3.60
CA LYS D 301 -11.02 -3.01 -3.28
C LYS D 301 -11.65 -1.71 -3.74
N TYR D 302 -11.55 -0.67 -2.92
CA TYR D 302 -12.11 0.64 -3.27
C TYR D 302 -11.30 1.31 -4.39
N VAL D 303 -11.99 1.94 -5.34
CA VAL D 303 -11.37 2.70 -6.44
C VAL D 303 -12.10 4.03 -6.67
N ASN D 304 -11.37 5.03 -7.17
CA ASN D 304 -11.95 6.33 -7.53
C ASN D 304 -12.44 6.31 -8.98
N LYS D 305 -13.42 5.46 -9.26
CA LYS D 305 -13.94 5.25 -10.61
C LYS D 305 -15.42 4.91 -10.57
N LYS D 306 -16.20 5.62 -11.39
CA LYS D 306 -17.63 5.32 -11.55
C LYS D 306 -17.84 3.97 -12.25
N SER D 307 -17.07 3.73 -13.31
CA SER D 307 -17.21 2.51 -14.11
C SER D 307 -15.89 2.12 -14.81
N LEU D 308 -15.62 0.82 -14.86
CA LEU D 308 -14.54 0.23 -15.68
C LEU D 308 -15.10 -0.96 -16.45
N MET D 309 -15.33 -0.78 -17.76
CA MET D 309 -15.92 -1.83 -18.59
C MET D 309 -14.87 -2.78 -19.17
N LEU D 310 -15.03 -4.06 -18.86
CA LEU D 310 -14.18 -5.13 -19.39
C LEU D 310 -14.86 -5.75 -20.60
N ALA D 311 -14.17 -5.72 -21.74
CA ALA D 311 -14.72 -6.22 -23.00
C ALA D 311 -14.80 -7.75 -22.97
N THR D 312 -15.94 -8.27 -23.39
CA THR D 312 -16.20 -9.71 -23.42
C THR D 312 -16.51 -10.16 -24.86
N GLY D 313 -16.01 -9.37 -25.82
CA GLY D 313 -16.36 -9.56 -27.22
C GLY D 313 -15.48 -8.73 -28.13
N MET D 314 -15.53 -9.04 -29.42
CA MET D 314 -14.69 -8.39 -30.42
C MET D 314 -15.12 -6.95 -30.69
N ARG D 315 -14.26 -6.24 -31.40
CA ARG D 315 -14.53 -4.90 -31.92
C ARG D 315 -15.78 -4.95 -32.80
N ASN D 316 -16.68 -3.97 -32.61
CA ASN D 316 -17.95 -3.92 -33.34
C ASN D 316 -17.81 -3.03 -34.57
N VAL D 317 -17.97 -3.62 -35.74
CA VAL D 317 -17.87 -2.90 -37.03
C VAL D 317 -19.21 -3.11 -37.74
N PRO D 318 -20.17 -2.19 -37.55
CA PRO D 318 -21.52 -2.40 -38.09
C PRO D 318 -21.69 -2.10 -39.58
N GLU D 319 -22.85 -2.50 -40.12
CA GLU D 319 -23.28 -2.26 -41.51
C GLU D 319 -22.17 -2.24 -42.57
N ASP E 3 9.33 -4.65 -63.61
CA ASP E 3 9.14 -3.49 -62.68
C ASP E 3 8.98 -3.95 -61.24
N LYS E 4 9.32 -3.06 -60.31
CA LYS E 4 9.44 -3.38 -58.90
C LYS E 4 8.74 -2.31 -58.06
N ILE E 5 8.06 -2.74 -57.00
CA ILE E 5 7.57 -1.83 -55.95
C ILE E 5 7.95 -2.40 -54.58
N CYS E 6 8.72 -1.60 -53.83
CA CYS E 6 9.30 -2.02 -52.55
C CYS E 6 8.63 -1.28 -51.41
N LEU E 7 8.24 -2.03 -50.37
CA LEU E 7 7.66 -1.45 -49.17
C LEU E 7 8.72 -1.37 -48.08
N GLY E 8 8.62 -0.33 -47.26
CA GLY E 8 9.60 -0.09 -46.20
C GLY E 8 9.18 0.97 -45.22
N HIS E 9 10.01 1.18 -44.20
CA HIS E 9 9.75 2.11 -43.10
C HIS E 9 10.89 3.10 -42.95
N HIS E 10 10.61 4.18 -42.21
CA HIS E 10 11.61 5.21 -41.96
C HIS E 10 12.62 4.78 -40.89
N ALA E 11 13.68 5.56 -40.77
CA ALA E 11 14.69 5.38 -39.73
C ALA E 11 15.39 6.70 -39.50
N VAL E 12 16.20 6.74 -38.44
CA VAL E 12 16.96 7.93 -38.08
C VAL E 12 18.42 7.55 -37.82
N ALA E 13 19.30 8.53 -37.89
CA ALA E 13 20.72 8.32 -37.61
C ALA E 13 20.92 8.09 -36.11
N ASN E 14 20.42 9.03 -35.30
CA ASN E 14 20.51 8.96 -33.84
C ASN E 14 19.18 8.52 -33.20
N GLY E 15 19.08 7.23 -32.91
CA GLY E 15 17.95 6.67 -32.17
C GLY E 15 18.16 6.74 -30.67
N THR E 16 17.13 6.39 -29.91
CA THR E 16 17.18 6.38 -28.44
C THR E 16 17.05 4.96 -27.90
N ILE E 17 17.78 4.67 -26.83
CA ILE E 17 17.69 3.38 -26.15
C ILE E 17 16.50 3.39 -25.18
N VAL E 18 15.72 2.32 -25.21
CA VAL E 18 14.60 2.11 -24.26
C VAL E 18 14.61 0.68 -23.75
N LYS E 19 13.88 0.44 -22.67
CA LYS E 19 13.72 -0.89 -22.09
C LYS E 19 12.37 -1.50 -22.49
N THR E 20 12.40 -2.74 -22.95
CA THR E 20 11.19 -3.51 -23.22
C THR E 20 11.09 -4.63 -22.18
N LEU E 21 10.08 -5.48 -22.32
CA LEU E 21 9.96 -6.68 -21.48
C LEU E 21 11.09 -7.67 -21.74
N THR E 22 11.62 -7.64 -22.97
CA THR E 22 12.48 -8.70 -23.47
C THR E 22 13.94 -8.28 -23.75
N ASN E 23 14.27 -6.99 -23.62
CA ASN E 23 15.57 -6.45 -24.04
C ASN E 23 15.82 -5.09 -23.41
N GLU E 24 16.91 -4.99 -22.63
CA GLU E 24 17.25 -3.75 -21.91
C GLU E 24 17.84 -2.64 -22.80
N GLN E 25 18.41 -3.01 -23.95
CA GLN E 25 19.13 -2.07 -24.82
C GLN E 25 18.46 -1.97 -26.21
N GLU E 26 17.14 -1.77 -26.22
CA GLU E 26 16.37 -1.73 -27.48
C GLU E 26 16.37 -0.32 -28.07
N GLU E 27 16.74 -0.21 -29.34
CA GLU E 27 16.84 1.09 -30.03
C GLU E 27 15.57 1.41 -30.84
N VAL E 28 15.02 2.59 -30.61
CA VAL E 28 13.80 3.07 -31.28
C VAL E 28 14.03 4.46 -31.89
N THR E 29 13.15 4.86 -32.81
CA THR E 29 13.33 6.11 -33.55
C THR E 29 13.19 7.36 -32.68
N ASN E 30 12.27 7.31 -31.72
CA ASN E 30 12.05 8.40 -30.78
C ASN E 30 11.60 7.84 -29.42
N ALA E 31 11.76 8.63 -28.37
CA ALA E 31 11.27 8.27 -27.04
C ALA E 31 11.07 9.52 -26.21
N THR E 32 10.41 9.37 -25.06
CA THR E 32 10.12 10.49 -24.16
C THR E 32 10.22 10.06 -22.69
N GLU E 33 10.59 11.02 -21.84
CA GLU E 33 10.84 10.78 -20.42
C GLU E 33 9.52 10.74 -19.63
N THR E 34 9.42 9.81 -18.67
CA THR E 34 8.26 9.68 -17.78
C THR E 34 8.54 10.07 -16.32
N VAL E 35 9.82 10.17 -15.94
CA VAL E 35 10.22 10.54 -14.57
C VAL E 35 10.74 11.98 -14.57
N GLU E 36 10.12 12.85 -13.77
CA GLU E 36 10.59 14.22 -13.60
C GLU E 36 11.76 14.24 -12.62
N SER E 37 12.90 14.78 -13.06
CA SER E 37 14.12 14.83 -12.26
C SER E 37 14.51 16.24 -11.75
N THR E 38 13.98 17.29 -12.37
CA THR E 38 14.28 18.67 -11.98
C THR E 38 13.14 19.29 -11.18
N SER E 39 13.49 20.27 -10.35
CA SER E 39 12.54 21.01 -9.50
C SER E 39 12.85 22.49 -9.50
N LEU E 40 11.81 23.32 -9.42
CA LEU E 40 11.97 24.75 -9.18
C LEU E 40 12.27 24.95 -7.70
N ASN E 41 13.34 25.69 -7.38
CA ASN E 41 13.72 25.97 -5.99
C ASN E 41 12.93 27.18 -5.47
N ARG E 42 11.60 27.12 -5.63
CA ARG E 42 10.69 28.21 -5.36
C ARG E 42 9.35 27.63 -4.90
N LEU E 43 8.59 28.42 -4.14
CA LEU E 43 7.19 28.10 -3.83
C LEU E 43 6.32 28.86 -4.81
N CYS E 44 5.70 28.13 -5.73
CA CYS E 44 4.89 28.72 -6.79
C CYS E 44 3.47 29.02 -6.29
N MET E 45 3.20 30.30 -6.00
CA MET E 45 1.97 30.74 -5.34
C MET E 45 0.99 31.53 -6.23
N LYS E 46 1.05 31.36 -7.54
CA LYS E 46 0.13 32.06 -8.46
C LYS E 46 -1.26 31.44 -8.35
N GLY E 47 -2.28 32.28 -8.27
CA GLY E 47 -3.66 31.85 -8.07
C GLY E 47 -3.96 31.27 -6.70
N ARG E 48 -3.12 31.59 -5.71
CA ARG E 48 -3.28 31.09 -4.34
C ARG E 48 -3.28 32.26 -3.37
N ASN E 49 -4.37 32.40 -2.61
CA ASN E 49 -4.41 33.32 -1.48
C ASN E 49 -3.61 32.70 -0.34
N HIS E 50 -2.30 32.93 -0.35
CA HIS E 50 -1.35 32.27 0.56
C HIS E 50 -1.00 33.11 1.79
N LYS E 51 -0.35 32.47 2.76
CA LYS E 51 0.16 33.13 3.95
C LYS E 51 1.55 32.59 4.29
N ASP E 52 2.54 33.47 4.27
CA ASP E 52 3.89 33.16 4.71
C ASP E 52 3.99 33.55 6.19
N LEU E 53 4.06 32.55 7.06
CA LEU E 53 4.13 32.78 8.50
C LEU E 53 5.48 33.39 8.92
N GLY E 54 6.53 33.11 8.17
CA GLY E 54 7.86 33.64 8.43
C GLY E 54 8.39 33.19 9.77
N ASN E 55 8.42 34.11 10.72
CA ASN E 55 8.93 33.85 12.07
C ASN E 55 7.93 33.07 12.95
N CYS E 56 6.63 33.15 12.59
CA CYS E 56 5.54 32.56 13.39
C CYS E 56 5.37 31.05 13.19
N HIS E 57 5.19 30.32 14.29
CA HIS E 57 4.84 28.89 14.26
C HIS E 57 3.31 28.77 14.30
N PRO E 58 2.71 27.78 13.59
CA PRO E 58 1.23 27.66 13.54
C PRO E 58 0.50 27.70 14.88
N ILE E 59 1.03 27.00 15.88
CA ILE E 59 0.49 26.99 17.25
C ILE E 59 0.50 28.38 17.88
N GLY E 60 1.54 29.16 17.59
CA GLY E 60 1.64 30.56 18.05
C GLY E 60 0.52 31.49 17.60
N MET E 61 -0.17 31.15 16.50
CA MET E 61 -1.32 31.92 16.03
C MET E 61 -2.51 31.81 16.98
N LEU E 62 -2.63 30.66 17.66
CA LEU E 62 -3.76 30.39 18.55
C LEU E 62 -3.55 31.00 19.93
N ILE E 63 -2.40 30.73 20.53
CA ILE E 63 -2.06 31.27 21.85
C ILE E 63 -1.67 32.76 21.78
N GLY E 64 -1.00 33.16 20.71
CA GLY E 64 -0.72 34.56 20.44
C GLY E 64 0.64 35.00 20.93
N THR E 65 1.68 34.37 20.40
CA THR E 65 3.06 34.79 20.63
C THR E 65 3.29 36.16 19.94
N PRO E 66 4.18 37.01 20.51
CA PRO E 66 4.52 38.27 19.83
C PRO E 66 4.93 38.12 18.37
N ALA E 67 5.74 37.09 18.07
CA ALA E 67 6.11 36.74 16.69
C ALA E 67 4.95 36.42 15.73
N CYS E 68 3.75 36.22 16.28
CA CYS E 68 2.55 35.90 15.49
C CYS E 68 1.47 37.00 15.51
N ASP E 69 1.81 38.21 15.95
CA ASP E 69 0.83 39.32 16.05
C ASP E 69 0.16 39.71 14.74
N LEU E 70 0.86 39.50 13.62
CA LEU E 70 0.30 39.75 12.29
C LEU E 70 -0.50 38.57 11.72
N HIS E 71 -0.50 37.42 12.42
CA HIS E 71 -1.12 36.18 11.95
C HIS E 71 -2.16 35.59 12.91
N LEU E 72 -2.73 36.41 13.79
CA LEU E 72 -3.73 35.93 14.76
C LEU E 72 -5.08 35.59 14.11
N THR E 73 -5.42 36.32 13.05
CA THR E 73 -6.69 36.17 12.34
C THR E 73 -6.41 36.25 10.83
N GLY E 74 -7.27 35.63 10.03
CA GLY E 74 -7.18 35.70 8.57
C GLY E 74 -7.74 34.50 7.85
N THR E 75 -7.75 34.57 6.52
CA THR E 75 -8.17 33.45 5.65
C THR E 75 -7.10 33.19 4.58
N TRP E 76 -7.04 31.95 4.12
CA TRP E 76 -6.04 31.52 3.13
C TRP E 76 -6.46 30.19 2.52
N ASP E 77 -5.88 29.85 1.37
CA ASP E 77 -5.99 28.49 0.82
C ASP E 77 -4.68 27.70 0.93
N THR E 78 -3.59 28.38 1.32
CA THR E 78 -2.28 27.75 1.47
C THR E 78 -1.56 28.43 2.65
N LEU E 79 -0.97 27.62 3.53
CA LEU E 79 -0.26 28.13 4.71
C LEU E 79 1.19 27.62 4.71
N ILE E 80 2.14 28.56 4.84
CA ILE E 80 3.57 28.24 4.71
C ILE E 80 4.29 28.44 6.04
N GLU E 81 4.94 27.38 6.52
CA GLU E 81 5.66 27.37 7.80
C GLU E 81 7.15 27.25 7.52
N ARG E 82 7.96 27.93 8.32
CA ARG E 82 9.42 28.02 8.13
C ARG E 82 10.19 27.36 9.27
N LYS E 83 11.50 27.18 9.07
CA LYS E 83 12.37 26.54 10.07
C LYS E 83 12.62 27.49 11.23
N ASN E 84 12.75 26.92 12.44
CA ASN E 84 13.01 27.67 13.68
C ASN E 84 11.92 28.71 13.96
N ALA E 85 10.67 28.37 13.63
CA ALA E 85 9.53 29.24 13.91
C ALA E 85 9.23 29.21 15.40
N ILE E 86 8.75 30.34 15.92
CA ILE E 86 8.54 30.53 17.35
C ILE E 86 7.09 30.23 17.70
N ALA E 87 6.90 29.22 18.54
CA ALA E 87 5.59 28.91 19.13
C ALA E 87 5.47 29.54 20.51
N TYR E 88 6.48 29.35 21.35
CA TYR E 88 6.45 29.75 22.76
C TYR E 88 7.54 30.77 23.08
N CYS E 89 7.13 31.85 23.76
CA CYS E 89 8.06 32.87 24.27
C CYS E 89 8.55 32.47 25.67
N TYR E 90 7.62 32.03 26.51
CA TYR E 90 7.92 31.47 27.83
C TYR E 90 8.20 29.96 27.69
N PRO E 91 9.08 29.39 28.54
CA PRO E 91 9.36 27.94 28.47
C PRO E 91 8.13 27.03 28.61
N GLY E 92 8.15 25.89 27.91
CA GLY E 92 7.05 24.92 27.93
C GLY E 92 6.70 24.40 26.56
N ALA E 93 5.66 23.56 26.51
CA ALA E 93 5.20 22.92 25.27
C ALA E 93 3.70 22.65 25.31
N THR E 94 3.16 22.20 24.18
CA THR E 94 1.74 21.81 24.08
C THR E 94 1.64 20.29 24.09
N VAL E 95 0.63 19.77 24.79
CA VAL E 95 0.31 18.34 24.78
C VAL E 95 -0.46 18.04 23.50
N ASN E 96 -0.06 16.99 22.79
CA ASN E 96 -0.53 16.67 21.44
C ASN E 96 -0.22 17.84 20.50
N GLU E 97 1.06 18.18 20.44
CA GLU E 97 1.56 19.36 19.71
C GLU E 97 1.45 19.17 18.21
N GLU E 98 1.96 18.03 17.72
CA GLU E 98 1.96 17.71 16.29
C GLU E 98 0.55 17.60 15.72
N ALA E 99 -0.35 16.96 16.48
CA ALA E 99 -1.76 16.88 16.12
C ALA E 99 -2.38 18.28 15.93
N LEU E 100 -2.09 19.18 16.86
CA LEU E 100 -2.57 20.58 16.77
C LEU E 100 -1.95 21.33 15.59
N ARG E 101 -0.67 21.08 15.33
CA ARG E 101 0.03 21.71 14.21
C ARG E 101 -0.60 21.30 12.87
N GLN E 102 -0.83 19.99 12.69
CA GLN E 102 -1.44 19.47 11.48
C GLN E 102 -2.86 20.00 11.27
N LYS E 103 -3.61 20.11 12.36
CA LYS E 103 -4.97 20.62 12.30
C LYS E 103 -5.03 22.08 11.80
N ILE E 104 -4.06 22.91 12.24
CA ILE E 104 -3.97 24.30 11.78
C ILE E 104 -3.49 24.36 10.33
N MET E 105 -2.57 23.47 9.97
CA MET E 105 -2.02 23.40 8.62
C MET E 105 -2.96 22.79 7.57
N GLU E 106 -4.12 22.26 8.00
CA GLU E 106 -5.21 21.86 7.10
C GLU E 106 -6.25 22.95 6.91
N SER E 107 -6.32 23.91 7.83
CA SER E 107 -7.37 24.93 7.80
C SER E 107 -7.18 25.92 6.64
N GLY E 108 -8.25 26.64 6.34
CA GLY E 108 -8.22 27.72 5.36
C GLY E 108 -8.44 29.07 6.01
N GLY E 109 -7.97 29.22 7.24
CA GLY E 109 -8.19 30.44 8.02
C GLY E 109 -8.37 30.19 9.50
N ILE E 110 -8.25 31.26 10.27
CA ILE E 110 -8.55 31.29 11.70
C ILE E 110 -9.28 32.58 12.00
N SER E 111 -10.34 32.50 12.80
CA SER E 111 -10.97 33.69 13.40
C SER E 111 -11.00 33.51 14.91
N LYS E 112 -11.03 34.63 15.63
CA LYS E 112 -11.06 34.63 17.09
C LYS E 112 -12.41 35.12 17.63
N ILE E 113 -12.83 34.54 18.75
CA ILE E 113 -14.06 34.94 19.45
C ILE E 113 -13.72 35.18 20.92
N ASN E 114 -14.23 36.27 21.49
CA ASN E 114 -14.00 36.61 22.89
C ASN E 114 -14.67 35.59 23.81
N THR E 115 -13.91 35.13 24.80
CA THR E 115 -14.44 34.25 25.83
C THR E 115 -15.26 35.01 26.89
N GLY E 116 -14.95 36.30 27.09
CA GLY E 116 -15.67 37.17 28.01
C GLY E 116 -15.43 36.91 29.49
N PHE E 117 -14.32 36.24 29.82
CA PHE E 117 -14.07 35.75 31.17
C PHE E 117 -13.76 36.91 32.10
N THR E 118 -14.30 36.83 33.33
CA THR E 118 -14.13 37.87 34.34
C THR E 118 -13.69 37.25 35.66
N TYR E 119 -12.91 38.02 36.42
CA TYR E 119 -12.31 37.56 37.68
C TYR E 119 -12.49 38.61 38.77
N GLY E 120 -12.57 38.17 40.02
CA GLY E 120 -12.76 39.05 41.16
C GLY E 120 -11.59 40.00 41.41
N SER E 121 -11.84 41.00 42.25
CA SER E 121 -10.83 42.05 42.57
C SER E 121 -9.52 41.51 43.17
N SER E 122 -9.58 40.38 43.87
CA SER E 122 -8.38 39.76 44.46
C SER E 122 -7.55 38.89 43.49
N ILE E 123 -7.85 38.93 42.19
CA ILE E 123 -7.05 38.28 41.15
C ILE E 123 -6.43 39.33 40.24
N ASN E 124 -5.14 39.18 39.95
CA ASN E 124 -4.44 39.98 38.94
C ASN E 124 -4.46 39.21 37.62
N SER E 125 -5.30 39.65 36.69
CA SER E 125 -5.44 39.00 35.38
C SER E 125 -4.37 39.43 34.37
N ALA E 126 -3.64 40.51 34.64
CA ALA E 126 -2.63 41.05 33.72
C ALA E 126 -1.19 40.70 34.14
N GLY E 127 -0.94 39.42 34.40
CA GLY E 127 0.41 38.94 34.72
C GLY E 127 1.27 38.86 33.47
N THR E 128 2.42 39.55 33.49
CA THR E 128 3.33 39.64 32.34
C THR E 128 4.66 38.94 32.65
N THR E 129 5.55 38.91 31.66
CA THR E 129 6.88 38.31 31.83
C THR E 129 7.92 38.89 30.87
N LYS E 130 9.19 38.78 31.24
CA LYS E 130 10.32 39.27 30.43
C LYS E 130 10.74 38.29 29.34
N ALA E 131 10.32 37.03 29.45
CA ALA E 131 10.50 36.05 28.38
C ALA E 131 9.62 36.37 27.15
N CYS E 132 8.52 37.09 27.39
CA CYS E 132 7.56 37.45 26.33
C CYS E 132 7.55 38.98 26.15
N MET E 133 8.40 39.46 25.24
CA MET E 133 8.56 40.90 24.99
C MET E 133 7.66 41.37 23.86
N ARG E 134 7.10 42.57 24.03
CA ARG E 134 6.21 43.17 23.04
C ARG E 134 6.07 44.68 23.30
N ASN E 135 6.47 45.49 22.31
CA ASN E 135 6.40 46.96 22.35
C ASN E 135 7.25 47.55 23.49
N GLY E 136 8.47 47.05 23.64
CA GLY E 136 9.40 47.52 24.66
C GLY E 136 9.27 46.81 26.00
N GLY E 137 8.11 46.93 26.65
CA GLY E 137 7.89 46.40 28.00
C GLY E 137 7.54 44.93 28.06
N ASN E 138 7.42 44.42 29.30
CA ASN E 138 7.03 43.04 29.55
C ASN E 138 5.58 42.79 29.14
N SER E 139 5.30 41.54 28.75
CA SER E 139 3.99 41.17 28.19
C SER E 139 3.70 39.68 28.39
N PHE E 140 2.62 39.20 27.76
CA PHE E 140 2.21 37.80 27.82
C PHE E 140 1.42 37.45 26.56
N TYR E 141 1.32 36.15 26.27
CA TYR E 141 0.50 35.62 25.16
C TYR E 141 -0.81 36.41 25.00
N ALA E 142 -1.04 36.93 23.79
CA ALA E 142 -2.14 37.87 23.52
C ALA E 142 -3.55 37.29 23.69
N GLU E 143 -3.70 35.98 23.45
CA GLU E 143 -5.00 35.31 23.53
C GLU E 143 -5.23 34.61 24.88
N LEU E 144 -4.26 34.70 25.79
CA LEU E 144 -4.35 34.14 27.14
C LEU E 144 -4.15 35.23 28.20
N LYS E 145 -4.35 34.85 29.46
CA LYS E 145 -4.13 35.74 30.60
C LYS E 145 -3.56 34.96 31.78
N TRP E 146 -2.42 35.44 32.31
CA TRP E 146 -1.78 34.83 33.48
C TRP E 146 -2.48 35.34 34.73
N LEU E 147 -3.17 34.43 35.41
CA LEU E 147 -3.94 34.75 36.60
C LEU E 147 -3.09 34.46 37.85
N VAL E 148 -2.87 35.49 38.65
CA VAL E 148 -2.16 35.38 39.93
C VAL E 148 -2.88 36.19 41.01
N SER E 149 -2.48 35.96 42.27
CA SER E 149 -3.04 36.70 43.41
C SER E 149 -2.57 38.15 43.36
N LYS E 150 -3.46 39.08 43.72
CA LYS E 150 -3.16 40.52 43.66
C LYS E 150 -2.24 40.96 44.81
N ASN E 151 -2.40 40.36 45.98
CA ASN E 151 -1.49 40.55 47.12
C ASN E 151 -0.61 39.31 47.27
N LYS E 152 0.69 39.51 47.45
CA LYS E 152 1.67 38.41 47.40
C LYS E 152 1.54 37.51 48.61
N GLY E 153 1.32 36.22 48.38
CA GLY E 153 1.17 35.22 49.45
C GLY E 153 -0.27 34.79 49.72
N GLN E 154 -1.23 35.62 49.31
CA GLN E 154 -2.65 35.39 49.61
C GLN E 154 -3.21 34.23 48.77
N ASN E 155 -4.19 33.53 49.34
CA ASN E 155 -4.81 32.37 48.65
C ASN E 155 -5.66 32.83 47.45
N PHE E 156 -5.40 32.20 46.30
CA PHE E 156 -6.14 32.47 45.06
C PHE E 156 -7.56 31.95 45.24
N PRO E 157 -8.57 32.82 45.04
CA PRO E 157 -9.95 32.40 45.37
C PRO E 157 -10.50 31.37 44.40
N GLN E 158 -11.37 30.48 44.89
CA GLN E 158 -12.03 29.48 44.07
C GLN E 158 -12.91 30.21 43.04
N THR E 159 -12.62 29.99 41.76
CA THR E 159 -13.27 30.73 40.68
C THR E 159 -13.73 29.79 39.57
N THR E 160 -14.82 30.17 38.90
CA THR E 160 -15.47 29.36 37.89
C THR E 160 -15.71 30.24 36.65
N ASN E 161 -15.23 29.76 35.50
CA ASN E 161 -15.43 30.43 34.21
C ASN E 161 -15.94 29.41 33.19
N THR E 162 -16.98 29.78 32.45
CA THR E 162 -17.59 28.88 31.47
C THR E 162 -17.81 29.61 30.14
N TYR E 163 -17.26 29.02 29.07
CA TYR E 163 -17.47 29.50 27.71
C TYR E 163 -18.51 28.62 27.01
N ARG E 164 -19.48 29.26 26.36
CA ARG E 164 -20.47 28.58 25.53
C ARG E 164 -20.21 28.90 24.06
N ASN E 165 -20.27 27.87 23.22
CA ASN E 165 -20.15 28.04 21.77
C ASN E 165 -21.49 28.51 21.18
N ALA E 166 -21.61 29.82 20.96
CA ALA E 166 -22.80 30.41 20.34
C ALA E 166 -22.81 30.29 18.81
N ASP E 167 -21.68 29.93 18.22
CA ASP E 167 -21.55 29.74 16.76
C ASP E 167 -22.13 28.37 16.36
N THR E 168 -22.38 28.20 15.06
CA THR E 168 -22.84 26.93 14.48
C THR E 168 -21.70 25.98 14.05
N ALA E 169 -20.44 26.43 14.16
CA ALA E 169 -19.26 25.59 13.89
C ALA E 169 -18.48 25.37 15.19
N GLU E 170 -17.65 24.32 15.19
CA GLU E 170 -16.84 23.98 16.38
C GLU E 170 -15.72 25.00 16.61
N HIS E 171 -15.41 25.22 17.88
CA HIS E 171 -14.38 26.17 18.32
C HIS E 171 -13.25 25.41 19.02
N LEU E 172 -12.02 25.85 18.80
CA LEU E 172 -10.83 25.28 19.44
C LEU E 172 -10.41 26.19 20.59
N ILE E 173 -10.39 25.64 21.80
CA ILE E 173 -10.03 26.41 23.01
C ILE E 173 -8.71 25.89 23.55
N MET E 174 -7.83 26.80 23.93
CA MET E 174 -6.54 26.46 24.51
C MET E 174 -6.39 27.12 25.88
N TRP E 175 -5.69 26.43 26.78
CA TRP E 175 -5.33 26.98 28.07
C TRP E 175 -3.95 26.45 28.45
N GLY E 176 -3.37 27.06 29.48
CA GLY E 176 -2.08 26.64 30.02
C GLY E 176 -2.17 26.39 31.51
N ILE E 177 -1.33 25.48 32.00
CA ILE E 177 -1.21 25.18 33.42
C ILE E 177 0.21 25.54 33.84
N HIS E 178 0.35 26.60 34.64
CA HIS E 178 1.66 27.03 35.14
C HIS E 178 2.20 26.04 36.17
N HIS E 179 3.38 25.50 35.91
CA HIS E 179 4.12 24.66 36.85
C HIS E 179 5.26 25.52 37.42
N PRO E 180 5.13 25.98 38.70
CA PRO E 180 6.16 26.87 39.25
C PRO E 180 7.51 26.22 39.52
N SER E 181 8.53 27.05 39.73
CA SER E 181 9.90 26.59 39.98
C SER E 181 10.08 26.00 41.37
N SER E 182 9.60 26.72 42.38
CA SER E 182 9.73 26.32 43.79
C SER E 182 8.45 26.61 44.57
N THR E 183 8.40 26.14 45.82
CA THR E 183 7.27 26.38 46.71
C THR E 183 7.14 27.86 47.12
N GLN E 184 8.27 28.54 47.27
CA GLN E 184 8.31 29.99 47.48
C GLN E 184 7.54 30.77 46.40
N GLU E 185 7.73 30.37 45.15
CA GLU E 185 7.07 30.98 43.99
C GLU E 185 5.58 30.64 43.95
N LYS E 186 5.27 29.35 44.12
CA LYS E 186 3.89 28.85 44.21
C LYS E 186 3.07 29.62 45.23
N ASN E 187 3.61 29.76 46.44
CA ASN E 187 2.92 30.41 47.55
C ASN E 187 2.76 31.92 47.31
N ASP E 188 3.78 32.57 46.78
CA ASP E 188 3.71 34.01 46.48
C ASP E 188 2.66 34.38 45.42
N LEU E 189 2.45 33.50 44.44
CA LEU E 189 1.51 33.76 43.33
C LEU E 189 0.11 33.21 43.60
N TYR E 190 0.02 31.99 44.13
CA TYR E 190 -1.25 31.27 44.29
C TYR E 190 -1.66 30.94 45.73
N GLY E 191 -0.83 31.29 46.72
CA GLY E 191 -1.10 31.00 48.12
C GLY E 191 -0.68 29.61 48.59
N THR E 192 -0.79 29.39 49.90
CA THR E 192 -0.35 28.15 50.54
C THR E 192 -1.19 26.91 50.20
N GLN E 193 -2.45 27.12 49.84
CA GLN E 193 -3.41 26.03 49.57
C GLN E 193 -2.98 25.07 48.46
N SER E 194 -3.55 23.86 48.46
CA SER E 194 -3.37 22.90 47.36
C SER E 194 -4.09 23.41 46.10
N LEU E 195 -3.53 23.09 44.94
CA LEU E 195 -4.00 23.62 43.65
C LEU E 195 -4.57 22.52 42.76
N SER E 196 -5.90 22.58 42.53
CA SER E 196 -6.58 21.78 41.51
C SER E 196 -7.20 22.67 40.43
N ILE E 197 -6.99 22.30 39.17
CA ILE E 197 -7.66 22.92 38.02
C ILE E 197 -8.44 21.85 37.27
N SER E 198 -9.76 22.03 37.18
CA SER E 198 -10.63 21.12 36.45
C SER E 198 -11.20 21.81 35.21
N VAL E 199 -11.15 21.12 34.08
CA VAL E 199 -11.76 21.58 32.84
C VAL E 199 -12.76 20.50 32.40
N GLY E 200 -13.98 20.92 32.06
CA GLY E 200 -15.06 19.98 31.77
C GLY E 200 -16.08 20.47 30.77
N SER E 201 -16.55 19.55 29.93
CA SER E 201 -17.63 19.79 28.98
C SER E 201 -18.35 18.46 28.72
N SER E 202 -19.31 18.46 27.79
CA SER E 202 -19.93 17.20 27.33
C SER E 202 -18.89 16.28 26.69
N THR E 203 -18.09 16.84 25.78
CA THR E 203 -17.05 16.10 25.06
C THR E 203 -15.84 15.76 25.94
N TYR E 204 -15.34 16.74 26.69
CA TYR E 204 -14.03 16.68 27.34
C TYR E 204 -14.14 16.77 28.87
N LYS E 205 -13.24 16.09 29.57
CA LYS E 205 -13.12 16.22 31.03
C LYS E 205 -11.71 15.83 31.48
N ASN E 206 -11.06 16.71 32.23
CA ASN E 206 -9.69 16.48 32.71
C ASN E 206 -9.39 17.29 33.98
N ASN E 207 -8.45 16.80 34.78
CA ASN E 207 -7.99 17.45 36.01
C ASN E 207 -6.48 17.68 35.94
N PHE E 208 -6.04 18.87 36.36
CA PHE E 208 -4.62 19.25 36.33
C PHE E 208 -4.15 19.71 37.70
N VAL E 209 -2.97 19.23 38.10
CA VAL E 209 -2.35 19.58 39.39
C VAL E 209 -0.91 20.07 39.11
N PRO E 210 -0.63 21.38 39.33
CA PRO E 210 0.71 21.95 39.15
C PRO E 210 1.84 21.22 39.88
N VAL E 211 3.05 21.31 39.32
CA VAL E 211 4.22 20.55 39.79
C VAL E 211 5.35 21.51 40.13
N VAL E 212 6.13 21.16 41.16
CA VAL E 212 7.19 22.03 41.71
C VAL E 212 8.49 21.27 41.97
N LEU E 221 13.28 25.20 35.49
CA LEU E 221 12.43 25.21 36.67
C LEU E 221 10.98 25.57 36.33
N SER E 222 10.74 26.84 35.98
CA SER E 222 9.40 27.35 35.69
C SER E 222 9.02 27.09 34.22
N ARG E 223 7.74 26.79 34.00
CA ARG E 223 7.22 26.51 32.65
C ARG E 223 5.70 26.67 32.59
N ILE E 224 5.19 26.94 31.38
CA ILE E 224 3.75 26.94 31.08
C ILE E 224 3.51 25.91 29.99
N ASP E 225 3.04 24.72 30.39
CA ASP E 225 2.61 23.69 29.43
C ASP E 225 1.16 23.96 29.01
N PHE E 226 0.86 23.71 27.74
CA PHE E 226 -0.47 23.99 27.16
C PHE E 226 -1.28 22.74 26.86
N HIS E 227 -2.61 22.89 26.94
CA HIS E 227 -3.56 21.83 26.63
C HIS E 227 -4.67 22.43 25.77
N TRP E 228 -5.40 21.57 25.05
CA TRP E 228 -6.44 22.04 24.14
C TRP E 228 -7.51 20.98 23.84
N THR E 229 -8.69 21.46 23.47
CA THR E 229 -9.80 20.62 23.04
C THR E 229 -10.72 21.42 22.13
N LEU E 230 -11.62 20.70 21.46
CA LEU E 230 -12.67 21.32 20.65
C LEU E 230 -13.94 21.45 21.47
N VAL E 231 -14.72 22.49 21.17
CA VAL E 231 -16.01 22.74 21.81
C VAL E 231 -17.07 22.80 20.72
N GLN E 232 -18.02 21.85 20.76
CA GLN E 232 -19.03 21.72 19.71
C GLN E 232 -20.11 22.81 19.85
N PRO E 233 -20.82 23.13 18.74
CA PRO E 233 -21.86 24.17 18.76
C PRO E 233 -22.93 23.95 19.84
N GLY E 234 -23.19 24.97 20.66
CA GLY E 234 -24.13 24.89 21.77
C GLY E 234 -23.59 24.37 23.08
N ASP E 235 -22.46 23.64 23.05
CA ASP E 235 -21.88 23.02 24.23
C ASP E 235 -21.10 24.05 25.07
N LYS E 236 -21.03 23.80 26.38
CA LYS E 236 -20.32 24.65 27.32
C LYS E 236 -19.03 23.97 27.78
N ILE E 237 -17.96 24.75 27.94
CA ILE E 237 -16.73 24.27 28.60
C ILE E 237 -16.45 25.13 29.84
N THR E 238 -16.32 24.46 30.99
CA THR E 238 -16.21 25.12 32.29
C THR E 238 -14.83 24.90 32.88
N PHE E 239 -14.22 26.00 33.35
CA PHE E 239 -12.94 25.97 34.04
C PHE E 239 -13.18 26.24 35.51
N SER E 240 -12.80 25.29 36.36
CA SER E 240 -12.91 25.41 37.82
C SER E 240 -11.50 25.35 38.38
N HIS E 241 -11.05 26.45 38.98
CA HIS E 241 -9.63 26.64 39.34
C HIS E 241 -9.41 27.55 40.55
N ASN E 242 -8.22 27.45 41.13
CA ASN E 242 -7.83 28.21 42.32
C ASN E 242 -6.32 28.50 42.34
N GLY E 243 -5.82 29.00 41.21
CA GLY E 243 -4.40 29.30 41.03
C GLY E 243 -3.74 28.20 40.21
N GLY E 244 -2.99 28.62 39.17
CA GLY E 244 -2.32 27.69 38.26
C GLY E 244 -2.79 27.83 36.82
N LEU E 245 -4.04 28.22 36.62
CA LEU E 245 -4.61 28.30 35.27
C LEU E 245 -4.13 29.54 34.53
N ILE E 246 -3.62 29.31 33.32
CA ILE E 246 -3.41 30.35 32.33
C ILE E 246 -4.67 30.35 31.46
N ALA E 247 -5.62 31.22 31.79
CA ALA E 247 -6.96 31.17 31.21
C ALA E 247 -6.99 31.85 29.84
N PRO E 248 -7.77 31.31 28.90
CA PRO E 248 -7.92 31.97 27.60
C PRO E 248 -8.80 33.19 27.70
N SER E 249 -8.39 34.27 27.03
CA SER E 249 -9.23 35.46 26.83
C SER E 249 -9.95 35.42 25.48
N ARG E 250 -9.46 34.61 24.54
CA ARG E 250 -10.14 34.35 23.26
C ARG E 250 -10.03 32.88 22.87
N VAL E 251 -10.99 32.41 22.07
CA VAL E 251 -10.94 31.07 21.46
C VAL E 251 -10.82 31.17 19.94
N SER E 252 -10.41 30.07 19.33
CA SER E 252 -10.12 30.03 17.89
C SER E 252 -11.13 29.16 17.16
N LYS E 253 -11.57 29.62 15.99
CA LYS E 253 -12.39 28.83 15.07
C LYS E 253 -11.59 28.62 13.79
N LEU E 254 -11.30 27.36 13.46
CA LEU E 254 -10.62 27.02 12.21
C LEU E 254 -11.64 27.01 11.07
N ILE E 255 -11.32 27.73 9.99
CA ILE E 255 -12.26 27.98 8.89
C ILE E 255 -11.86 27.20 7.65
N GLY E 256 -12.79 26.44 7.09
CA GLY E 256 -12.61 25.79 5.79
C GLY E 256 -11.40 24.88 5.69
N ARG E 257 -10.80 24.82 4.50
CA ARG E 257 -9.67 23.94 4.24
C ARG E 257 -8.59 24.61 3.38
N GLY E 258 -7.37 24.13 3.54
CA GLY E 258 -6.22 24.65 2.79
C GLY E 258 -5.03 23.71 2.88
N LEU E 259 -4.02 23.96 2.03
CA LEU E 259 -2.84 23.12 1.96
C LEU E 259 -1.72 23.69 2.83
N GLY E 260 -1.12 22.84 3.64
CA GLY E 260 -0.02 23.25 4.53
C GLY E 260 1.32 22.85 3.95
N ILE E 261 2.23 23.81 3.86
CA ILE E 261 3.57 23.59 3.29
C ILE E 261 4.64 23.92 4.32
N GLN E 262 5.63 23.05 4.44
CA GLN E 262 6.82 23.30 5.26
C GLN E 262 8.05 23.35 4.36
N SER E 263 8.58 24.55 4.17
CA SER E 263 9.69 24.79 3.25
C SER E 263 10.47 26.06 3.59
N GLU E 264 11.78 26.03 3.36
CA GLU E 264 12.64 27.22 3.48
C GLU E 264 12.72 28.04 2.17
N ALA E 265 12.21 27.49 1.06
CA ALA E 265 12.33 28.10 -0.25
C ALA E 265 11.56 29.42 -0.37
N PRO E 266 12.04 30.36 -1.21
CA PRO E 266 11.37 31.65 -1.38
C PRO E 266 10.11 31.55 -2.24
N ILE E 267 9.21 32.52 -2.09
CA ILE E 267 7.93 32.54 -2.79
C ILE E 267 8.05 33.27 -4.13
N ASP E 268 7.35 32.77 -5.14
CA ASP E 268 7.24 33.39 -6.47
C ASP E 268 5.77 33.41 -6.90
N ASN E 269 5.22 34.61 -7.08
CA ASN E 269 3.80 34.79 -7.44
C ASN E 269 3.49 34.74 -8.95
N SER E 270 4.52 34.66 -9.79
CA SER E 270 4.34 34.51 -11.25
C SER E 270 4.18 33.05 -11.69
N CYS E 271 4.62 32.12 -10.85
CA CYS E 271 4.58 30.67 -11.13
C CYS E 271 3.41 30.02 -10.38
N GLU E 272 2.74 29.07 -11.02
CA GLU E 272 1.67 28.25 -10.39
C GLU E 272 2.10 26.78 -10.27
N SER E 273 1.62 26.11 -9.22
CA SER E 273 1.88 24.67 -9.01
C SER E 273 0.85 24.03 -8.11
N LYS E 274 0.69 22.71 -8.24
CA LYS E 274 -0.20 21.91 -7.37
C LYS E 274 0.55 20.90 -6.50
N CYS E 275 1.88 20.88 -6.61
CA CYS E 275 2.73 19.96 -5.85
C CYS E 275 3.90 20.72 -5.23
N PHE E 276 4.21 20.42 -3.98
CA PHE E 276 5.27 21.10 -3.23
C PHE E 276 6.06 20.13 -2.36
N TRP E 277 7.24 20.57 -1.94
CA TRP E 277 8.09 19.82 -1.02
C TRP E 277 9.07 20.78 -0.34
N ARG E 278 9.96 20.26 0.51
CA ARG E 278 10.87 21.11 1.28
C ARG E 278 11.72 22.02 0.39
N GLY E 279 12.30 21.43 -0.66
CA GLY E 279 13.12 22.13 -1.65
C GLY E 279 12.43 23.13 -2.56
N GLY E 280 11.13 23.00 -2.78
CA GLY E 280 10.37 23.96 -3.59
C GLY E 280 9.11 23.39 -4.23
N SER E 281 8.93 23.65 -5.52
CA SER E 281 7.74 23.22 -6.28
C SER E 281 8.08 22.21 -7.37
N ILE E 282 7.08 21.44 -7.77
CA ILE E 282 7.22 20.45 -8.84
C ILE E 282 6.13 20.71 -9.89
N ASN E 283 6.51 21.45 -10.93
CA ASN E 283 5.67 21.66 -12.11
C ASN E 283 6.05 20.66 -13.17
N THR E 284 5.15 19.71 -13.43
CA THR E 284 5.39 18.67 -14.41
C THR E 284 4.08 17.96 -14.76
N ARG E 285 3.90 17.66 -16.04
CA ARG E 285 2.79 16.83 -16.50
C ARG E 285 3.12 15.34 -16.44
N LEU E 286 4.36 15.01 -16.05
CA LEU E 286 4.84 13.63 -16.03
C LEU E 286 4.27 12.85 -14.84
N PRO E 287 4.02 11.53 -15.00
CA PRO E 287 3.37 10.71 -13.97
C PRO E 287 4.25 10.39 -12.76
N PHE E 288 5.56 10.28 -12.96
CA PHE E 288 6.49 9.90 -11.90
C PHE E 288 7.50 11.00 -11.62
N GLN E 289 8.29 10.81 -10.56
CA GLN E 289 9.14 11.87 -10.02
C GLN E 289 10.18 11.25 -9.08
N ASN E 290 11.40 11.81 -9.04
CA ASN E 290 12.50 11.25 -8.21
C ASN E 290 13.19 12.27 -7.29
N LEU E 291 12.50 13.38 -6.97
CA LEU E 291 13.05 14.42 -6.11
C LEU E 291 12.89 14.07 -4.63
N SER E 292 11.65 13.83 -4.19
CA SER E 292 11.37 13.50 -2.80
C SER E 292 10.11 12.64 -2.62
N PRO E 293 10.13 11.70 -1.65
CA PRO E 293 8.88 11.05 -1.24
C PRO E 293 8.00 11.96 -0.37
N ARG E 294 8.61 12.85 0.42
CA ARG E 294 7.87 13.85 1.20
C ARG E 294 7.35 14.98 0.31
N THR E 295 6.14 14.81 -0.23
CA THR E 295 5.48 15.86 -1.03
C THR E 295 4.05 16.11 -0.53
N VAL E 296 3.50 17.26 -0.93
CA VAL E 296 2.15 17.68 -0.54
C VAL E 296 1.39 18.25 -1.73
N GLY E 297 0.09 17.99 -1.78
CA GLY E 297 -0.78 18.42 -2.89
C GLY E 297 -1.02 17.31 -3.90
N GLN E 298 -1.35 17.71 -5.14
CA GLN E 298 -1.57 16.78 -6.24
C GLN E 298 -0.25 16.52 -6.97
N CYS E 299 0.41 15.41 -6.61
CA CYS E 299 1.79 15.17 -7.01
C CYS E 299 1.97 13.94 -7.91
N PRO E 300 3.06 13.93 -8.71
CA PRO E 300 3.47 12.67 -9.34
C PRO E 300 4.04 11.72 -8.30
N LYS E 301 3.94 10.42 -8.57
CA LYS E 301 4.34 9.41 -7.61
C LYS E 301 5.87 9.27 -7.57
N TYR E 302 6.43 9.28 -6.37
CA TYR E 302 7.88 9.17 -6.19
C TYR E 302 8.37 7.76 -6.58
N VAL E 303 9.46 7.69 -7.33
CA VAL E 303 10.07 6.42 -7.76
C VAL E 303 11.60 6.44 -7.60
N ASN E 304 12.17 5.28 -7.28
CA ASN E 304 13.62 5.11 -7.13
C ASN E 304 14.23 4.79 -8.50
N LYS E 305 14.24 5.80 -9.37
CA LYS E 305 14.81 5.69 -10.71
C LYS E 305 15.17 7.06 -11.27
N LYS E 306 16.30 7.16 -11.95
CA LYS E 306 16.75 8.40 -12.58
C LYS E 306 16.02 8.68 -13.89
N SER E 307 15.70 7.62 -14.65
CA SER E 307 15.07 7.77 -15.96
C SER E 307 14.23 6.54 -16.36
N LEU E 308 13.13 6.79 -17.06
CA LEU E 308 12.33 5.75 -17.72
C LEU E 308 11.80 6.28 -19.04
N MET E 309 12.33 5.74 -20.15
CA MET E 309 12.01 6.23 -21.49
C MET E 309 10.86 5.45 -22.11
N LEU E 310 9.83 6.18 -22.52
CA LEU E 310 8.64 5.62 -23.16
C LEU E 310 8.77 5.75 -24.67
N ALA E 311 8.73 4.64 -25.37
CA ALA E 311 8.90 4.61 -26.83
C ALA E 311 7.73 5.32 -27.50
N THR E 312 8.06 6.27 -28.37
CA THR E 312 7.08 6.98 -29.18
C THR E 312 7.34 6.71 -30.66
N GLY E 313 7.88 5.53 -30.96
CA GLY E 313 8.26 5.17 -32.32
C GLY E 313 8.74 3.73 -32.45
N MET E 314 8.75 3.25 -33.68
CA MET E 314 9.20 1.89 -34.03
C MET E 314 10.68 1.65 -33.75
N ARG E 315 11.10 0.40 -33.89
CA ARG E 315 12.52 0.02 -33.91
C ARG E 315 13.31 0.84 -34.94
N ASN E 316 14.50 1.31 -34.54
CA ASN E 316 15.39 2.01 -35.45
C ASN E 316 16.35 1.00 -36.05
N VAL E 317 16.22 0.78 -37.36
CA VAL E 317 17.08 -0.15 -38.11
C VAL E 317 17.73 0.67 -39.23
N PRO E 318 18.87 1.34 -38.93
CA PRO E 318 19.48 2.25 -39.91
C PRO E 318 20.26 1.55 -41.03
N GLU E 319 20.65 2.33 -42.03
CA GLU E 319 21.43 1.84 -43.17
C GLU E 319 22.92 1.90 -42.86
N ASP F 3 11.04 -34.02 -52.31
CA ASP F 3 9.58 -33.80 -52.54
C ASP F 3 8.98 -32.83 -51.51
N LYS F 4 9.25 -33.08 -50.23
CA LYS F 4 8.65 -32.32 -49.13
C LYS F 4 9.70 -31.75 -48.19
N ILE F 5 9.47 -30.52 -47.71
CA ILE F 5 10.23 -29.95 -46.60
C ILE F 5 9.24 -29.40 -45.57
N CYS F 6 9.38 -29.85 -44.32
CA CYS F 6 8.45 -29.54 -43.23
C CYS F 6 9.13 -28.68 -42.18
N LEU F 7 8.34 -27.88 -41.48
CA LEU F 7 8.82 -27.09 -40.34
C LEU F 7 8.13 -27.56 -39.08
N GLY F 8 8.85 -27.45 -37.97
CA GLY F 8 8.36 -27.93 -36.68
C GLY F 8 9.16 -27.43 -35.52
N HIS F 9 8.68 -27.74 -34.31
CA HIS F 9 9.27 -27.27 -33.07
C HIS F 9 9.48 -28.42 -32.10
N HIS F 10 10.33 -28.19 -31.10
CA HIS F 10 10.66 -29.22 -30.11
C HIS F 10 9.50 -29.48 -29.15
N ALA F 11 9.66 -30.52 -28.35
CA ALA F 11 8.67 -30.91 -27.34
C ALA F 11 9.27 -31.82 -26.28
N VAL F 12 8.49 -32.07 -25.23
CA VAL F 12 8.87 -33.01 -24.17
C VAL F 12 7.68 -33.90 -23.81
N ALA F 13 7.96 -35.00 -23.11
CA ALA F 13 6.91 -35.91 -22.66
C ALA F 13 6.23 -35.34 -21.41
N ASN F 14 7.02 -35.09 -20.38
CA ASN F 14 6.54 -34.51 -19.13
C ASN F 14 6.77 -33.00 -19.13
N GLY F 15 5.70 -32.24 -19.33
CA GLY F 15 5.75 -30.77 -19.28
C GLY F 15 5.53 -30.23 -17.88
N THR F 16 5.20 -28.95 -17.80
CA THR F 16 4.80 -28.28 -16.55
C THR F 16 3.66 -27.30 -16.82
N ILE F 17 2.75 -27.20 -15.85
CA ILE F 17 1.57 -26.33 -15.97
C ILE F 17 1.89 -24.90 -15.48
N VAL F 18 1.44 -23.91 -16.23
CA VAL F 18 1.53 -22.49 -15.84
C VAL F 18 0.19 -21.79 -16.09
N LYS F 19 0.01 -20.66 -15.43
CA LYS F 19 -1.17 -19.81 -15.63
C LYS F 19 -0.85 -18.72 -16.65
N THR F 20 -1.81 -18.46 -17.55
CA THR F 20 -1.73 -17.34 -18.49
C THR F 20 -2.90 -16.39 -18.21
N LEU F 21 -3.07 -15.37 -19.06
CA LEU F 21 -4.26 -14.51 -19.01
C LEU F 21 -5.57 -15.28 -19.26
N THR F 22 -5.52 -16.24 -20.17
CA THR F 22 -6.74 -16.90 -20.67
C THR F 22 -6.90 -18.38 -20.31
N ASN F 23 -5.97 -18.94 -19.53
CA ASN F 23 -5.98 -20.38 -19.22
C ASN F 23 -5.20 -20.68 -17.93
N GLU F 24 -5.91 -21.17 -16.92
CA GLU F 24 -5.30 -21.53 -15.63
C GLU F 24 -4.45 -22.81 -15.66
N GLN F 25 -4.66 -23.66 -16.68
CA GLN F 25 -3.88 -24.90 -16.87
C GLN F 25 -3.34 -24.97 -18.30
N GLU F 26 -2.27 -24.20 -18.54
CA GLU F 26 -1.59 -24.16 -19.83
C GLU F 26 -0.25 -24.87 -19.71
N GLU F 27 -0.03 -25.88 -20.56
CA GLU F 27 1.17 -26.72 -20.50
C GLU F 27 2.27 -26.15 -21.39
N VAL F 28 3.47 -26.00 -20.83
CA VAL F 28 4.65 -25.47 -21.54
C VAL F 28 5.84 -26.42 -21.37
N THR F 29 6.85 -26.27 -22.22
CA THR F 29 8.01 -27.17 -22.24
C THR F 29 8.90 -27.06 -20.99
N ASN F 30 8.99 -25.86 -20.42
CA ASN F 30 9.82 -25.62 -19.23
C ASN F 30 9.31 -24.39 -18.47
N ALA F 31 9.51 -24.37 -17.17
CA ALA F 31 9.09 -23.25 -16.31
C ALA F 31 9.89 -23.19 -15.01
N THR F 32 10.02 -21.97 -14.47
CA THR F 32 10.81 -21.73 -13.25
C THR F 32 9.98 -20.99 -12.18
N GLU F 33 10.38 -21.18 -10.93
CA GLU F 33 9.65 -20.63 -9.76
C GLU F 33 9.99 -19.16 -9.53
N THR F 34 9.01 -18.39 -9.06
CA THR F 34 9.20 -16.99 -8.64
C THR F 34 8.97 -16.71 -7.14
N VAL F 35 8.29 -17.63 -6.43
CA VAL F 35 8.08 -17.51 -4.97
C VAL F 35 8.96 -18.51 -4.23
N GLU F 36 9.83 -18.02 -3.34
CA GLU F 36 10.73 -18.88 -2.56
C GLU F 36 9.97 -19.54 -1.41
N SER F 37 10.12 -20.86 -1.30
CA SER F 37 9.45 -21.68 -0.28
C SER F 37 10.37 -22.05 0.88
N THR F 38 11.64 -22.38 0.58
CA THR F 38 12.60 -22.82 1.58
C THR F 38 13.30 -21.64 2.26
N SER F 39 13.88 -21.91 3.43
CA SER F 39 14.61 -20.92 4.22
C SER F 39 15.79 -21.55 4.93
N LEU F 40 16.89 -20.80 5.02
CA LEU F 40 18.06 -21.21 5.81
C LEU F 40 17.85 -20.72 7.23
N ASN F 41 17.90 -21.64 8.20
CA ASN F 41 17.74 -21.28 9.63
C ASN F 41 19.11 -21.09 10.31
N ARG F 42 19.94 -20.24 9.69
CA ARG F 42 21.24 -19.82 10.23
C ARG F 42 21.42 -18.34 9.92
N LEU F 43 21.63 -17.51 10.95
CA LEU F 43 21.82 -16.07 10.77
C LEU F 43 23.18 -15.77 10.12
N CYS F 44 23.16 -15.59 8.80
CA CYS F 44 24.38 -15.39 8.00
C CYS F 44 24.95 -13.98 8.18
N MET F 45 26.12 -13.87 8.82
CA MET F 45 26.68 -12.59 9.27
C MET F 45 28.11 -12.29 8.75
N LYS F 46 28.41 -12.72 7.52
CA LYS F 46 29.71 -12.41 6.91
C LYS F 46 29.71 -10.98 6.38
N GLY F 47 30.82 -10.26 6.60
CA GLY F 47 30.94 -8.86 6.23
C GLY F 47 30.08 -7.91 7.06
N ARG F 48 29.74 -8.33 8.28
CA ARG F 48 28.88 -7.56 9.18
C ARG F 48 29.48 -7.53 10.59
N ASN F 49 29.79 -6.32 11.06
CA ASN F 49 30.24 -6.10 12.45
C ASN F 49 29.03 -6.16 13.38
N HIS F 50 28.72 -7.37 13.83
CA HIS F 50 27.48 -7.67 14.58
C HIS F 50 27.73 -7.92 16.06
N LYS F 51 26.65 -7.96 16.82
CA LYS F 51 26.69 -8.21 18.26
C LYS F 51 25.51 -9.08 18.69
N ASP F 52 25.77 -10.37 18.86
CA ASP F 52 24.78 -11.31 19.42
C ASP F 52 24.71 -11.07 20.93
N LEU F 53 23.54 -10.64 21.41
CA LEU F 53 23.34 -10.38 22.83
C LEU F 53 23.26 -11.65 23.69
N GLY F 54 22.77 -12.75 23.11
CA GLY F 54 22.50 -13.97 23.85
C GLY F 54 21.23 -13.77 24.66
N ASN F 55 21.28 -14.09 25.96
CA ASN F 55 20.13 -13.85 26.85
C ASN F 55 20.10 -12.46 27.51
N CYS F 56 20.84 -11.50 26.93
CA CYS F 56 20.79 -10.09 27.33
C CYS F 56 19.72 -9.35 26.51
N HIS F 57 18.80 -8.67 27.21
CA HIS F 57 17.77 -7.85 26.58
C HIS F 57 18.38 -6.48 26.22
N PRO F 58 17.95 -5.87 25.09
CA PRO F 58 18.46 -4.54 24.70
C PRO F 58 18.37 -3.43 25.77
N ILE F 59 17.29 -3.42 26.56
CA ILE F 59 17.14 -2.46 27.67
C ILE F 59 18.19 -2.72 28.77
N GLY F 60 18.51 -3.99 29.01
CA GLY F 60 19.48 -4.39 30.03
C GLY F 60 20.87 -3.78 29.93
N MET F 61 21.35 -3.54 28.71
CA MET F 61 22.68 -2.96 28.49
C MET F 61 22.76 -1.45 28.80
N LEU F 62 21.61 -0.78 28.82
CA LEU F 62 21.54 0.64 29.25
C LEU F 62 21.57 0.79 30.78
N ILE F 63 20.85 -0.09 31.47
CA ILE F 63 20.79 -0.08 32.96
C ILE F 63 21.91 -0.89 33.61
N GLY F 64 22.42 -1.90 32.92
CA GLY F 64 23.57 -2.68 33.39
C GLY F 64 23.19 -3.92 34.18
N THR F 65 22.45 -4.82 33.53
CA THR F 65 22.07 -6.11 34.10
C THR F 65 23.31 -7.01 34.15
N PRO F 66 23.40 -7.94 35.13
CA PRO F 66 24.49 -8.94 35.16
C PRO F 66 24.69 -9.73 33.86
N ALA F 67 23.58 -10.16 33.25
CA ALA F 67 23.61 -10.84 31.95
C ALA F 67 24.19 -9.98 30.82
N CYS F 68 23.99 -8.67 30.89
CA CYS F 68 24.53 -7.71 29.92
C CYS F 68 25.87 -7.08 30.36
N ASP F 69 26.79 -7.91 30.88
CA ASP F 69 28.11 -7.44 31.32
C ASP F 69 29.11 -7.31 30.18
N LEU F 70 28.91 -8.07 29.11
CA LEU F 70 29.79 -8.05 27.93
C LEU F 70 29.30 -7.10 26.84
N HIS F 71 28.25 -6.31 27.11
CA HIS F 71 27.63 -5.44 26.10
C HIS F 71 27.31 -4.02 26.61
N LEU F 72 28.02 -3.54 27.62
CA LEU F 72 27.78 -2.17 28.15
C LEU F 72 28.19 -1.09 27.16
N THR F 73 29.26 -1.34 26.41
CA THR F 73 29.79 -0.39 25.44
C THR F 73 30.26 -1.14 24.19
N GLY F 74 30.01 -0.55 23.02
CA GLY F 74 30.44 -1.13 21.75
C GLY F 74 29.84 -0.43 20.54
N THR F 75 30.29 -0.84 19.35
CA THR F 75 29.73 -0.39 18.08
C THR F 75 29.39 -1.59 17.21
N TRP F 76 28.40 -1.40 16.33
CA TRP F 76 27.92 -2.46 15.45
C TRP F 76 27.10 -1.89 14.28
N ASP F 77 26.94 -2.71 13.24
CA ASP F 77 25.98 -2.43 12.15
C ASP F 77 24.70 -3.28 12.26
N THR F 78 24.80 -4.45 12.89
CA THR F 78 23.66 -5.31 13.18
C THR F 78 23.61 -5.63 14.68
N LEU F 79 22.41 -5.80 15.23
CA LEU F 79 22.21 -6.16 16.64
C LEU F 79 21.11 -7.21 16.79
N ILE F 80 21.50 -8.43 17.13
CA ILE F 80 20.58 -9.56 17.23
C ILE F 80 19.97 -9.64 18.63
N GLU F 81 18.65 -9.88 18.70
CA GLU F 81 17.92 -10.07 19.95
C GLU F 81 17.34 -11.49 19.98
N ARG F 82 17.27 -12.08 21.17
CA ARG F 82 16.82 -13.47 21.36
C ARG F 82 15.57 -13.56 22.25
N LYS F 83 14.94 -14.73 22.24
CA LYS F 83 13.73 -14.99 23.02
C LYS F 83 14.07 -15.25 24.49
N ASN F 84 13.18 -14.81 25.38
CA ASN F 84 13.34 -14.95 26.84
C ASN F 84 14.63 -14.31 27.39
N ALA F 85 15.09 -13.25 26.75
CA ALA F 85 16.30 -12.54 27.16
C ALA F 85 15.97 -11.67 28.36
N ILE F 86 16.76 -11.82 29.43
CA ILE F 86 16.46 -11.14 30.70
C ILE F 86 16.93 -9.68 30.69
N ALA F 87 15.98 -8.77 30.91
CA ALA F 87 16.24 -7.33 31.00
C ALA F 87 16.46 -6.90 32.44
N TYR F 88 15.60 -7.37 33.35
CA TYR F 88 15.62 -6.99 34.75
C TYR F 88 15.91 -8.21 35.62
N CYS F 89 16.99 -8.15 36.40
CA CYS F 89 17.31 -9.17 37.40
C CYS F 89 16.38 -9.02 38.61
N TYR F 90 16.31 -7.80 39.14
CA TYR F 90 15.36 -7.45 40.20
C TYR F 90 13.99 -7.23 39.54
N PRO F 91 12.92 -7.82 40.09
CA PRO F 91 11.61 -7.73 39.43
C PRO F 91 11.07 -6.30 39.29
N GLY F 92 10.36 -6.05 38.20
CA GLY F 92 9.87 -4.71 37.85
C GLY F 92 9.79 -4.53 36.34
N ALA F 93 9.45 -3.31 35.91
CA ALA F 93 9.33 -3.01 34.48
C ALA F 93 9.49 -1.52 34.21
N THR F 94 10.07 -1.19 33.05
CA THR F 94 10.28 0.19 32.66
C THR F 94 8.99 0.79 32.08
N VAL F 95 8.77 2.08 32.34
CA VAL F 95 7.65 2.82 31.73
C VAL F 95 8.05 3.21 30.31
N ASN F 96 7.13 3.03 29.36
CA ASN F 96 7.37 3.23 27.94
C ASN F 96 8.50 2.29 27.47
N GLU F 97 8.30 1.00 27.74
CA GLU F 97 9.33 -0.03 27.57
C GLU F 97 9.61 -0.36 26.11
N GLU F 98 8.55 -0.53 25.33
CA GLU F 98 8.68 -0.93 23.92
C GLU F 98 9.27 0.18 23.03
N ALA F 99 8.91 1.44 23.32
CA ALA F 99 9.48 2.60 22.63
C ALA F 99 11.00 2.68 22.82
N LEU F 100 11.46 2.45 24.05
CA LEU F 100 12.88 2.44 24.40
C LEU F 100 13.65 1.32 23.67
N ARG F 101 13.07 0.13 23.63
CA ARG F 101 13.69 -1.03 22.97
C ARG F 101 13.93 -0.79 21.47
N GLN F 102 12.99 -0.12 20.81
CA GLN F 102 13.13 0.23 19.38
C GLN F 102 14.36 1.08 19.11
N LYS F 103 14.53 2.14 19.91
CA LYS F 103 15.66 3.08 19.77
C LYS F 103 17.02 2.37 19.82
N ILE F 104 17.14 1.40 20.72
CA ILE F 104 18.39 0.66 20.95
C ILE F 104 18.67 -0.31 19.80
N MET F 105 17.62 -1.00 19.32
CA MET F 105 17.76 -1.95 18.21
C MET F 105 18.07 -1.29 16.87
N GLU F 106 17.53 -0.09 16.66
CA GLU F 106 17.84 0.71 15.47
C GLU F 106 19.21 1.40 15.51
N SER F 107 19.80 1.53 16.70
CA SER F 107 21.13 2.14 16.86
C SER F 107 22.26 1.23 16.34
N GLY F 108 23.40 1.87 16.05
CA GLY F 108 24.61 1.16 15.63
C GLY F 108 25.75 1.33 16.62
N GLY F 109 25.43 1.29 17.91
CA GLY F 109 26.43 1.43 18.97
C GLY F 109 25.90 2.05 20.25
N ILE F 110 26.70 1.91 21.30
CA ILE F 110 26.37 2.44 22.63
C ILE F 110 27.68 2.85 23.33
N SER F 111 27.69 4.06 23.90
CA SER F 111 28.81 4.57 24.70
C SER F 111 28.29 5.18 25.99
N LYS F 112 29.08 5.07 27.06
CA LYS F 112 28.65 5.54 28.39
C LYS F 112 29.41 6.79 28.83
N ILE F 113 28.74 7.61 29.65
CA ILE F 113 29.29 8.85 30.21
C ILE F 113 28.99 8.88 31.71
N ASN F 114 30.00 9.18 32.53
CA ASN F 114 29.81 9.27 33.98
C ASN F 114 28.96 10.48 34.32
N THR F 115 27.97 10.27 35.19
CA THR F 115 27.11 11.35 35.66
C THR F 115 27.82 12.25 36.68
N GLY F 116 28.71 11.65 37.49
CA GLY F 116 29.45 12.37 38.51
C GLY F 116 28.61 12.75 39.73
N PHE F 117 27.83 11.80 40.24
CA PHE F 117 27.06 12.00 41.47
C PHE F 117 27.83 11.44 42.66
N THR F 118 27.84 12.18 43.76
CA THR F 118 28.42 11.75 45.03
C THR F 118 27.53 12.22 46.18
N TYR F 119 27.40 11.36 47.19
CA TYR F 119 26.40 11.51 48.25
C TYR F 119 27.08 11.66 49.61
N GLY F 120 26.36 12.27 50.55
CA GLY F 120 26.91 12.59 51.87
C GLY F 120 27.22 11.40 52.76
N SER F 121 27.54 11.69 54.02
CA SER F 121 27.93 10.66 55.00
C SER F 121 26.75 9.76 55.41
N SER F 122 25.56 10.33 55.50
CA SER F 122 24.33 9.59 55.87
C SER F 122 23.90 8.56 54.82
N ILE F 123 24.13 8.85 53.55
CA ILE F 123 23.67 8.02 52.43
C ILE F 123 24.66 6.86 52.16
N ASN F 124 24.11 5.71 51.77
CA ASN F 124 24.89 4.54 51.34
C ASN F 124 24.48 4.14 49.91
N SER F 125 25.29 4.52 48.92
CA SER F 125 25.02 4.23 47.51
C SER F 125 25.75 2.95 47.05
N ALA F 126 25.54 1.87 47.78
CA ALA F 126 26.10 0.56 47.45
C ALA F 126 25.16 -0.57 47.89
N GLY F 127 23.86 -0.36 47.69
CA GLY F 127 22.83 -1.31 48.11
C GLY F 127 22.75 -2.49 47.16
N THR F 128 23.37 -3.61 47.56
CA THR F 128 23.33 -4.85 46.78
C THR F 128 21.98 -5.56 46.93
N THR F 129 21.77 -6.60 46.13
CA THR F 129 20.54 -7.41 46.17
C THR F 129 20.83 -8.90 45.99
N LYS F 130 19.86 -9.72 46.39
CA LYS F 130 19.93 -11.16 46.20
C LYS F 130 19.50 -11.59 44.79
N ALA F 131 18.71 -10.75 44.12
CA ALA F 131 18.26 -11.02 42.75
C ALA F 131 19.37 -10.82 41.74
N CYS F 132 19.93 -9.61 41.71
CA CYS F 132 21.04 -9.27 40.81
C CYS F 132 22.35 -9.74 41.42
N MET F 133 22.94 -10.80 40.85
CA MET F 133 24.17 -11.38 41.36
C MET F 133 25.19 -11.57 40.24
N ARG F 134 26.37 -10.96 40.42
CA ARG F 134 27.52 -11.14 39.52
C ARG F 134 28.74 -11.48 40.36
N ASN F 135 29.65 -12.26 39.76
CA ASN F 135 30.93 -12.65 40.38
C ASN F 135 30.74 -13.51 41.66
N GLY F 136 29.68 -14.32 41.68
CA GLY F 136 29.37 -15.19 42.83
C GLY F 136 29.09 -14.45 44.13
N GLY F 137 28.30 -13.39 44.06
CA GLY F 137 27.97 -12.58 45.23
C GLY F 137 26.88 -11.55 44.96
N ASN F 138 26.34 -10.96 46.02
CA ASN F 138 25.24 -9.99 45.91
C ASN F 138 25.70 -8.71 45.21
N SER F 139 24.83 -8.19 44.34
CA SER F 139 25.16 -7.07 43.46
C SER F 139 23.94 -6.21 43.10
N PHE F 140 24.13 -5.28 42.15
CA PHE F 140 23.06 -4.41 41.66
C PHE F 140 23.30 -4.04 40.20
N TYR F 141 22.35 -3.34 39.59
CA TYR F 141 22.51 -2.77 38.24
C TYR F 141 23.78 -1.92 38.13
N ALA F 142 24.64 -2.26 37.17
CA ALA F 142 25.96 -1.63 37.01
C ALA F 142 25.93 -0.11 36.81
N GLU F 143 24.92 0.39 36.10
CA GLU F 143 24.81 1.81 35.76
C GLU F 143 23.87 2.60 36.69
N LEU F 144 23.45 1.98 37.79
CA LEU F 144 22.55 2.60 38.77
C LEU F 144 23.03 2.34 40.21
N LYS F 145 22.58 3.17 41.14
CA LYS F 145 22.92 3.03 42.56
C LYS F 145 21.68 3.13 43.45
N TRP F 146 21.42 2.08 44.23
CA TRP F 146 20.34 2.08 45.21
C TRP F 146 20.77 2.96 46.40
N LEU F 147 20.09 4.09 46.55
CA LEU F 147 20.40 5.06 47.60
C LEU F 147 19.54 4.81 48.84
N VAL F 148 20.20 4.50 49.96
CA VAL F 148 19.55 4.25 51.25
C VAL F 148 20.31 4.91 52.39
N SER F 149 19.70 4.96 53.57
CA SER F 149 20.36 5.49 54.77
C SER F 149 21.38 4.49 55.32
N LYS F 150 22.53 4.98 55.77
CA LYS F 150 23.57 4.14 56.37
C LYS F 150 23.15 3.66 57.76
N ASN F 151 22.60 4.57 58.55
CA ASN F 151 21.99 4.23 59.84
C ASN F 151 20.58 3.67 59.58
N LYS F 152 20.20 2.62 60.31
CA LYS F 152 18.97 1.87 60.04
C LYS F 152 17.72 2.62 60.50
N GLY F 153 17.80 3.26 61.67
CA GLY F 153 16.70 4.06 62.20
C GLY F 153 16.55 5.44 61.56
N GLN F 154 17.69 6.06 61.24
CA GLN F 154 17.72 7.45 60.75
C GLN F 154 17.09 7.58 59.35
N ASN F 155 16.33 8.66 59.16
CA ASN F 155 15.67 8.93 57.87
C ASN F 155 16.65 9.45 56.81
N PHE F 156 16.27 9.28 55.55
CA PHE F 156 17.11 9.64 54.40
C PHE F 156 17.13 11.17 54.22
N PRO F 157 18.34 11.77 54.07
CA PRO F 157 18.40 13.23 54.01
C PRO F 157 17.92 13.83 52.69
N GLN F 158 17.52 15.09 52.73
CA GLN F 158 17.14 15.84 51.52
C GLN F 158 18.37 15.97 50.62
N THR F 159 18.23 15.55 49.35
CA THR F 159 19.36 15.46 48.43
C THR F 159 18.99 16.05 47.06
N THR F 160 19.99 16.57 46.36
CA THR F 160 19.84 17.11 45.00
C THR F 160 21.07 16.77 44.16
N ASN F 161 20.84 16.10 43.03
CA ASN F 161 21.89 15.74 42.07
C ASN F 161 21.52 16.28 40.70
N THR F 162 22.52 16.73 39.94
CA THR F 162 22.27 17.40 38.66
C THR F 162 23.30 16.96 37.60
N TYR F 163 22.83 16.17 36.63
CA TYR F 163 23.62 15.85 35.43
C TYR F 163 23.54 17.03 34.46
N ARG F 164 24.63 17.25 33.73
CA ARG F 164 24.67 18.25 32.66
C ARG F 164 25.21 17.60 31.40
N ASN F 165 24.46 17.71 30.30
CA ASN F 165 24.91 17.20 29.01
C ASN F 165 25.91 18.19 28.42
N ALA F 166 27.19 17.81 28.47
CA ALA F 166 28.28 18.58 27.88
C ALA F 166 28.51 18.26 26.39
N ASP F 167 27.77 17.27 25.87
CA ASP F 167 27.97 16.76 24.52
C ASP F 167 27.15 17.58 23.50
N THR F 168 27.45 17.37 22.21
CA THR F 168 26.67 17.93 21.11
C THR F 168 25.46 17.05 20.69
N ALA F 169 25.42 15.79 21.15
CA ALA F 169 24.31 14.87 20.89
C ALA F 169 23.43 14.69 22.13
N GLU F 170 22.19 14.24 21.91
CA GLU F 170 21.25 13.98 23.01
C GLU F 170 21.66 12.72 23.78
N HIS F 171 21.47 12.75 25.10
CA HIS F 171 21.89 11.68 25.99
C HIS F 171 20.68 11.03 26.63
N LEU F 172 20.73 9.71 26.77
CA LEU F 172 19.65 8.92 27.35
C LEU F 172 19.96 8.64 28.83
N ILE F 173 19.07 9.10 29.72
CA ILE F 173 19.24 8.95 31.17
C ILE F 173 18.06 8.17 31.74
N MET F 174 18.37 7.11 32.50
CA MET F 174 17.35 6.25 33.11
C MET F 174 17.44 6.31 34.63
N TRP F 175 16.33 5.99 35.30
CA TRP F 175 16.29 5.90 36.76
C TRP F 175 15.12 5.06 37.26
N GLY F 176 15.31 4.42 38.41
CA GLY F 176 14.30 3.57 39.04
C GLY F 176 13.68 4.19 40.27
N ILE F 177 12.49 3.71 40.63
CA ILE F 177 11.78 4.14 41.83
C ILE F 177 11.42 2.90 42.64
N HIS F 178 11.93 2.82 43.87
CA HIS F 178 11.64 1.69 44.76
C HIS F 178 10.26 1.87 45.40
N HIS F 179 9.35 0.94 45.08
CA HIS F 179 8.03 0.88 45.71
C HIS F 179 8.05 -0.26 46.74
N PRO F 180 8.26 0.07 48.03
CA PRO F 180 8.50 -0.98 49.05
C PRO F 180 7.30 -1.90 49.30
N SER F 181 7.59 -3.12 49.76
CA SER F 181 6.57 -4.14 50.02
C SER F 181 5.76 -3.84 51.28
N SER F 182 6.45 -3.53 52.38
CA SER F 182 5.82 -3.24 53.68
C SER F 182 6.32 -1.92 54.27
N THR F 183 5.53 -1.36 55.19
CA THR F 183 5.88 -0.09 55.87
C THR F 183 7.05 -0.27 56.84
N GLN F 184 7.16 -1.45 57.47
CA GLN F 184 8.33 -1.81 58.28
C GLN F 184 9.63 -1.75 57.47
N GLU F 185 9.57 -2.18 56.21
CA GLU F 185 10.71 -2.11 55.29
C GLU F 185 10.99 -0.68 54.83
N LYS F 186 9.93 0.09 54.56
CA LYS F 186 10.06 1.51 54.18
C LYS F 186 10.70 2.35 55.29
N ASN F 187 10.29 2.11 56.54
CA ASN F 187 10.87 2.80 57.71
C ASN F 187 12.33 2.41 57.99
N ASP F 188 12.69 1.17 57.69
CA ASP F 188 14.07 0.69 57.86
C ASP F 188 15.06 1.36 56.89
N LEU F 189 14.65 1.56 55.64
CA LEU F 189 15.53 2.11 54.59
C LEU F 189 15.53 3.64 54.54
N TYR F 190 14.34 4.24 54.52
CA TYR F 190 14.19 5.69 54.29
C TYR F 190 13.59 6.48 55.48
N GLY F 191 13.26 5.80 56.57
CA GLY F 191 12.72 6.46 57.77
C GLY F 191 11.23 6.72 57.72
N THR F 192 10.73 7.37 58.77
CA THR F 192 9.30 7.67 58.93
C THR F 192 8.79 8.82 58.05
N GLN F 193 9.67 9.75 57.68
CA GLN F 193 9.32 10.93 56.86
C GLN F 193 8.56 10.63 55.57
N SER F 194 7.79 11.61 55.10
CA SER F 194 7.04 11.49 53.85
C SER F 194 7.97 11.65 52.64
N LEU F 195 7.95 10.65 51.75
CA LEU F 195 8.90 10.60 50.63
C LEU F 195 8.35 11.31 49.39
N SER F 196 9.25 11.96 48.65
CA SER F 196 8.89 12.73 47.45
C SER F 196 10.10 12.93 46.53
N ILE F 197 10.01 12.39 45.31
CA ILE F 197 11.09 12.44 44.32
C ILE F 197 10.65 13.32 43.15
N SER F 198 11.41 14.37 42.86
CA SER F 198 11.16 15.27 41.73
C SER F 198 12.29 15.19 40.70
N VAL F 199 11.91 15.01 39.43
CA VAL F 199 12.84 15.01 38.31
C VAL F 199 12.49 16.22 37.44
N GLY F 200 13.49 17.05 37.13
CA GLY F 200 13.27 18.31 36.43
C GLY F 200 14.37 18.70 35.46
N SER F 201 13.99 18.90 34.19
CA SER F 201 14.88 19.44 33.16
C SER F 201 14.12 20.49 32.34
N SER F 202 14.71 20.95 31.23
CA SER F 202 14.04 21.90 30.34
C SER F 202 12.87 21.28 29.55
N THR F 203 12.95 19.98 29.28
CA THR F 203 11.95 19.27 28.47
C THR F 203 11.30 18.07 29.18
N TYR F 204 11.28 18.08 30.52
CA TYR F 204 10.71 16.98 31.31
C TYR F 204 10.45 17.41 32.77
N LYS F 205 9.24 17.15 33.25
CA LYS F 205 8.85 17.41 34.64
C LYS F 205 7.93 16.29 35.10
N ASN F 206 8.25 15.67 36.24
CA ASN F 206 7.44 14.57 36.78
C ASN F 206 7.79 14.27 38.24
N ASN F 207 6.77 14.14 39.08
CA ASN F 207 6.94 13.69 40.47
C ASN F 207 6.70 12.18 40.56
N PHE F 208 7.37 11.54 41.53
CA PHE F 208 7.27 10.09 41.72
C PHE F 208 7.18 9.77 43.22
N VAL F 209 5.95 9.56 43.69
CA VAL F 209 5.69 9.22 45.09
C VAL F 209 5.69 7.69 45.21
N PRO F 210 6.55 7.14 46.10
CA PRO F 210 6.47 5.68 46.35
C PRO F 210 5.19 5.26 47.07
N VAL F 211 4.83 3.98 46.93
CA VAL F 211 3.60 3.42 47.51
C VAL F 211 3.85 2.04 48.11
N VAL F 212 2.94 1.63 48.99
CA VAL F 212 3.07 0.39 49.77
C VAL F 212 1.72 -0.29 49.93
N GLY F 220 7.39 -12.23 47.09
CA GLY F 220 8.33 -12.28 48.19
C GLY F 220 9.11 -10.98 48.39
N LEU F 221 9.72 -10.50 47.31
CA LEU F 221 10.52 -9.27 47.32
C LEU F 221 9.70 -8.07 46.81
N SER F 222 10.30 -6.88 46.89
CA SER F 222 9.70 -5.64 46.38
C SER F 222 10.01 -5.47 44.88
N ARG F 223 9.61 -4.33 44.30
CA ARG F 223 9.82 -4.05 42.88
C ARG F 223 10.38 -2.64 42.62
N ILE F 224 11.12 -2.51 41.51
CA ILE F 224 11.74 -1.24 41.08
C ILE F 224 11.31 -0.95 39.65
N ASP F 225 10.39 0.01 39.48
CA ASP F 225 9.91 0.42 38.16
C ASP F 225 10.78 1.53 37.59
N PHE F 226 11.29 1.33 36.37
CA PHE F 226 12.18 2.31 35.71
C PHE F 226 11.41 3.37 34.92
N HIS F 227 12.06 4.53 34.77
CA HIS F 227 11.60 5.61 33.90
C HIS F 227 12.78 6.12 33.09
N TRP F 228 12.52 6.91 32.05
CA TRP F 228 13.58 7.48 31.21
C TRP F 228 13.14 8.71 30.43
N THR F 229 14.13 9.47 29.95
CA THR F 229 13.92 10.65 29.13
C THR F 229 15.17 10.96 28.31
N LEU F 230 15.13 12.04 27.53
CA LEU F 230 16.26 12.47 26.72
C LEU F 230 16.73 13.86 27.14
N VAL F 231 17.99 13.95 27.58
CA VAL F 231 18.62 15.22 27.96
C VAL F 231 19.26 15.81 26.71
N GLN F 232 18.80 16.99 26.29
CA GLN F 232 19.29 17.63 25.07
C GLN F 232 20.68 18.25 25.26
N PRO F 233 21.39 18.55 24.16
CA PRO F 233 22.72 19.19 24.26
C PRO F 233 22.71 20.52 25.01
N GLY F 234 23.65 20.68 25.95
CA GLY F 234 23.74 21.89 26.77
C GLY F 234 22.66 22.07 27.82
N ASP F 235 21.95 20.98 28.15
CA ASP F 235 20.82 21.01 29.09
C ASP F 235 21.19 20.22 30.35
N LYS F 236 20.48 20.50 31.44
CA LYS F 236 20.72 19.85 32.74
C LYS F 236 19.44 19.20 33.27
N ILE F 237 19.59 18.05 33.93
CA ILE F 237 18.47 17.31 34.51
C ILE F 237 18.70 17.10 36.02
N THR F 238 17.79 17.63 36.84
CA THR F 238 17.96 17.72 38.29
C THR F 238 17.09 16.69 39.04
N PHE F 239 17.74 15.79 39.78
CA PHE F 239 17.07 14.77 40.60
C PHE F 239 17.01 15.21 42.05
N SER F 240 15.90 15.80 42.47
CA SER F 240 15.67 16.17 43.87
C SER F 240 14.88 15.05 44.55
N HIS F 241 15.35 14.58 45.71
CA HIS F 241 14.72 13.45 46.41
C HIS F 241 15.05 13.40 47.90
N ASN F 242 14.35 12.54 48.62
CA ASN F 242 14.61 12.26 50.04
C ASN F 242 14.22 10.83 50.43
N GLY F 243 14.75 9.87 49.66
CA GLY F 243 14.56 8.44 49.91
C GLY F 243 13.67 7.80 48.86
N GLY F 244 14.16 6.70 48.27
CA GLY F 244 13.40 5.92 47.29
C GLY F 244 14.01 5.90 45.89
N LEU F 245 14.61 7.02 45.48
CA LEU F 245 15.20 7.15 44.14
C LEU F 245 16.36 6.18 43.92
N ILE F 246 16.31 5.47 42.79
CA ILE F 246 17.43 4.66 42.31
C ILE F 246 18.13 5.49 41.24
N ALA F 247 19.14 6.25 41.67
CA ALA F 247 19.83 7.22 40.79
C ALA F 247 20.85 6.54 39.87
N PRO F 248 21.06 7.11 38.66
CA PRO F 248 22.07 6.56 37.74
C PRO F 248 23.47 7.00 38.11
N SER F 249 24.45 6.13 37.86
CA SER F 249 25.88 6.47 37.97
C SER F 249 26.50 6.80 36.60
N ARG F 250 25.94 6.22 35.53
CA ARG F 250 26.29 6.61 34.16
C ARG F 250 25.05 6.78 33.29
N VAL F 251 25.19 7.57 32.23
CA VAL F 251 24.15 7.76 31.21
C VAL F 251 24.58 7.12 29.90
N SER F 252 23.65 7.06 28.94
CA SER F 252 23.88 6.38 27.66
C SER F 252 23.78 7.34 26.49
N LYS F 253 24.54 7.05 25.44
CA LYS F 253 24.44 7.76 24.17
C LYS F 253 24.44 6.73 23.04
N LEU F 254 23.38 6.73 22.24
CA LEU F 254 23.23 5.79 21.12
C LEU F 254 23.97 6.35 19.90
N ILE F 255 24.77 5.50 19.25
CA ILE F 255 25.69 5.91 18.18
C ILE F 255 25.18 5.42 16.83
N GLY F 256 25.00 6.33 15.87
CA GLY F 256 24.68 5.98 14.50
C GLY F 256 23.39 5.21 14.31
N ARG F 257 23.36 4.37 13.28
CA ARG F 257 22.19 3.52 12.96
C ARG F 257 22.62 2.13 12.51
N GLY F 258 21.71 1.16 12.67
CA GLY F 258 21.98 -0.24 12.35
C GLY F 258 20.75 -1.13 12.37
N LEU F 259 20.91 -2.36 11.88
CA LEU F 259 19.80 -3.30 11.71
C LEU F 259 19.52 -4.11 12.98
N GLY F 260 18.32 -3.94 13.54
CA GLY F 260 17.86 -4.73 14.69
C GLY F 260 17.06 -5.96 14.26
N ILE F 261 17.68 -7.14 14.39
CA ILE F 261 17.05 -8.42 14.04
C ILE F 261 16.53 -9.11 15.32
N GLN F 262 15.29 -9.59 15.27
CA GLN F 262 14.71 -10.43 16.32
C GLN F 262 14.53 -11.85 15.78
N SER F 263 15.41 -12.76 16.20
CA SER F 263 15.41 -14.15 15.74
C SER F 263 15.83 -15.11 16.85
N GLU F 264 15.68 -16.41 16.60
CA GLU F 264 16.11 -17.46 17.53
C GLU F 264 17.06 -18.50 16.92
N ALA F 265 17.52 -18.28 15.68
CA ALA F 265 18.31 -19.28 14.96
C ALA F 265 19.80 -19.22 15.36
N PRO F 266 20.55 -20.33 15.18
CA PRO F 266 22.00 -20.32 15.42
C PRO F 266 22.79 -19.37 14.51
N ILE F 267 23.74 -18.64 15.10
CA ILE F 267 24.57 -17.68 14.35
C ILE F 267 25.60 -18.38 13.45
N ASP F 268 25.97 -17.72 12.36
CA ASP F 268 26.96 -18.25 11.40
C ASP F 268 27.72 -17.12 10.71
N ASN F 269 29.05 -17.13 10.83
CA ASN F 269 29.91 -16.07 10.27
C ASN F 269 30.52 -16.41 8.90
N SER F 270 30.30 -17.63 8.40
CA SER F 270 30.89 -18.08 7.14
C SER F 270 30.06 -17.80 5.88
N CYS F 271 28.89 -17.17 6.03
CA CYS F 271 28.00 -16.86 4.89
C CYS F 271 27.44 -15.43 5.02
N GLU F 272 27.09 -14.84 3.87
CA GLU F 272 26.56 -13.47 3.80
C GLU F 272 25.05 -13.47 3.46
N SER F 273 24.35 -12.43 3.92
CA SER F 273 22.91 -12.27 3.62
C SER F 273 22.44 -10.84 3.82
N LYS F 274 21.32 -10.51 3.18
CA LYS F 274 20.69 -9.19 3.25
C LYS F 274 19.26 -9.16 3.83
N CYS F 275 18.59 -10.32 3.93
CA CYS F 275 17.21 -10.40 4.45
C CYS F 275 17.11 -11.39 5.61
N PHE F 276 16.33 -11.02 6.63
CA PHE F 276 16.23 -11.78 7.88
C PHE F 276 14.80 -11.84 8.41
N TRP F 277 14.49 -12.94 9.10
CA TRP F 277 13.20 -13.11 9.80
C TRP F 277 13.41 -13.95 11.08
N ARG F 278 12.33 -14.25 11.79
CA ARG F 278 12.40 -14.98 13.07
C ARG F 278 13.07 -16.37 12.95
N GLY F 279 12.62 -17.15 11.97
CA GLY F 279 13.14 -18.49 11.71
C GLY F 279 14.55 -18.57 11.14
N GLY F 280 15.02 -17.50 10.50
CA GLY F 280 16.39 -17.47 9.96
C GLY F 280 16.71 -16.31 9.03
N SER F 281 17.43 -16.61 7.94
CA SER F 281 17.83 -15.63 6.92
C SER F 281 17.44 -16.11 5.53
N ILE F 282 16.94 -15.20 4.70
CA ILE F 282 16.39 -15.52 3.37
C ILE F 282 17.41 -15.13 2.28
N ASN F 283 18.10 -16.14 1.75
CA ASN F 283 19.06 -15.95 0.65
C ASN F 283 18.47 -16.52 -0.62
N THR F 284 18.06 -15.63 -1.52
CA THR F 284 17.49 -16.04 -2.81
C THR F 284 17.48 -14.88 -3.81
N ARG F 285 17.66 -15.21 -5.08
CA ARG F 285 17.59 -14.25 -6.18
C ARG F 285 16.16 -13.97 -6.68
N LEU F 286 15.18 -14.76 -6.22
CA LEU F 286 13.79 -14.65 -6.67
C LEU F 286 13.10 -13.40 -6.06
N PRO F 287 12.06 -12.87 -6.76
CA PRO F 287 11.39 -11.63 -6.32
C PRO F 287 10.38 -11.77 -5.20
N PHE F 288 9.73 -12.94 -5.09
CA PHE F 288 8.66 -13.15 -4.11
C PHE F 288 9.04 -14.23 -3.09
N GLN F 289 8.26 -14.31 -2.01
CA GLN F 289 8.65 -15.09 -0.84
C GLN F 289 7.40 -15.51 -0.06
N ASN F 290 7.44 -16.73 0.49
CA ASN F 290 6.26 -17.40 1.07
C ASN F 290 6.38 -17.65 2.59
N LEU F 291 7.46 -17.15 3.20
CA LEU F 291 7.87 -17.55 4.54
C LEU F 291 7.17 -16.76 5.65
N SER F 292 7.22 -15.43 5.57
CA SER F 292 6.65 -14.57 6.60
C SER F 292 6.41 -13.14 6.10
N PRO F 293 5.33 -12.49 6.58
CA PRO F 293 5.14 -11.06 6.31
C PRO F 293 6.08 -10.15 7.11
N ARG F 294 6.61 -10.64 8.24
CA ARG F 294 7.49 -9.87 9.11
C ARG F 294 8.96 -10.22 8.85
N THR F 295 9.62 -9.40 8.03
CA THR F 295 11.06 -9.53 7.75
C THR F 295 11.74 -8.16 7.83
N VAL F 296 13.07 -8.18 7.84
CA VAL F 296 13.89 -6.96 7.88
C VAL F 296 15.08 -7.05 6.92
N GLY F 297 15.52 -5.90 6.43
CA GLY F 297 16.64 -5.79 5.50
C GLY F 297 16.20 -5.51 4.07
N GLN F 298 16.96 -6.03 3.11
CA GLN F 298 16.63 -5.93 1.68
C GLN F 298 16.02 -7.26 1.23
N CYS F 299 14.69 -7.33 1.26
CA CYS F 299 13.96 -8.59 1.15
C CYS F 299 13.14 -8.75 -0.14
N PRO F 300 12.87 -10.02 -0.53
CA PRO F 300 11.80 -10.26 -1.51
C PRO F 300 10.45 -9.94 -0.88
N LYS F 301 9.44 -9.71 -1.73
CA LYS F 301 8.13 -9.30 -1.25
C LYS F 301 7.28 -10.51 -0.86
N TYR F 302 6.56 -10.39 0.25
CA TYR F 302 5.72 -11.48 0.76
C TYR F 302 4.42 -11.55 -0.02
N VAL F 303 4.05 -12.75 -0.43
CA VAL F 303 2.84 -12.99 -1.23
C VAL F 303 2.03 -14.16 -0.67
N ASN F 304 0.71 -14.10 -0.82
CA ASN F 304 -0.20 -15.16 -0.39
C ASN F 304 -0.35 -16.21 -1.50
N LYS F 305 0.76 -16.88 -1.80
CA LYS F 305 0.83 -17.85 -2.90
C LYS F 305 1.84 -18.95 -2.55
N LYS F 306 1.47 -20.19 -2.85
CA LYS F 306 2.37 -21.34 -2.66
C LYS F 306 3.40 -21.39 -3.80
N SER F 307 2.94 -21.21 -5.03
CA SER F 307 3.81 -21.24 -6.22
C SER F 307 3.31 -20.35 -7.35
N LEU F 308 4.24 -19.64 -8.01
CA LEU F 308 3.96 -18.92 -9.26
C LEU F 308 5.02 -19.26 -10.29
N MET F 309 4.67 -20.15 -11.22
CA MET F 309 5.62 -20.64 -12.21
C MET F 309 5.66 -19.74 -13.44
N LEU F 310 6.86 -19.31 -13.81
CA LEU F 310 7.09 -18.43 -14.96
C LEU F 310 7.57 -19.26 -16.14
N ALA F 311 6.85 -19.17 -17.26
CA ALA F 311 7.14 -19.99 -18.45
C ALA F 311 8.45 -19.55 -19.10
N THR F 312 9.33 -20.53 -19.33
CA THR F 312 10.61 -20.31 -20.01
C THR F 312 10.69 -21.13 -21.30
N GLY F 313 9.53 -21.39 -21.91
CA GLY F 313 9.45 -22.15 -23.14
C GLY F 313 8.07 -22.10 -23.77
N MET F 314 8.01 -22.50 -25.03
CA MET F 314 6.75 -22.52 -25.81
C MET F 314 5.71 -23.48 -25.23
N ARG F 315 4.51 -23.47 -25.83
CA ARG F 315 3.49 -24.49 -25.57
C ARG F 315 4.05 -25.88 -25.81
N ASN F 316 3.73 -26.82 -24.92
CA ASN F 316 4.09 -28.22 -25.11
C ASN F 316 2.94 -28.92 -25.81
N VAL F 317 3.17 -29.35 -27.05
CA VAL F 317 2.20 -30.11 -27.82
C VAL F 317 2.87 -31.45 -28.15
N PRO F 318 2.77 -32.44 -27.23
CA PRO F 318 3.47 -33.71 -27.42
C PRO F 318 2.82 -34.62 -28.45
N GLU F 319 3.58 -35.60 -28.93
CA GLU F 319 3.10 -36.62 -29.86
C GLU F 319 2.31 -37.68 -29.10
C1 NAG G . -9.77 11.83 7.10
C2 NAG G . -9.86 13.16 7.85
C3 NAG G . -11.31 13.43 8.28
C4 NAG G . -12.26 13.35 7.09
C5 NAG G . -12.03 12.09 6.25
C6 NAG G . -12.82 12.20 4.94
C7 NAG G . -8.25 14.16 9.45
C8 NAG G . -7.42 13.87 10.67
N2 NAG G . -8.99 13.13 9.02
O3 NAG G . -11.39 14.75 8.85
O4 NAG G . -13.63 13.31 7.56
O5 NAG G . -10.64 11.92 5.96
O6 NAG G . -12.31 11.30 3.94
O7 NAG G . -8.24 15.26 8.92
C1 NAG G . -14.45 14.36 6.99
C2 NAG G . -15.93 14.00 7.15
C3 NAG G . -16.82 15.14 6.67
C4 NAG G . -16.44 16.46 7.32
C5 NAG G . -14.94 16.72 7.15
C6 NAG G . -14.48 17.99 7.87
C7 NAG G . -16.33 11.56 6.89
C8 NAG G . -16.69 10.49 5.91
N2 NAG G . -16.25 12.80 6.38
O3 NAG G . -18.19 14.83 6.97
O4 NAG G . -17.20 17.53 6.73
O5 NAG G . -14.18 15.61 7.63
O6 NAG G . -13.74 18.82 6.98
O7 NAG G . -16.15 11.30 8.07
C1 GAL H . -31.13 14.05 47.25
C2 GAL H . -31.39 12.82 46.38
C3 GAL H . -30.09 12.34 45.75
C4 GAL H . -29.38 13.48 45.01
C5 GAL H . -29.28 14.74 45.89
C6 GAL H . -28.73 15.95 45.13
O1 GAL H . -32.35 14.51 47.83
O2 GAL H . -31.97 11.78 47.17
O3 GAL H . -30.40 11.29 44.82
O4 GAL H . -30.07 13.76 43.78
O5 GAL H . -30.56 15.08 46.43
O6 GAL H . -28.62 17.07 46.00
C1 SIA H . -29.73 9.58 43.36
C2 SIA H . -29.55 10.13 44.76
C3 SIA H . -30.04 9.14 45.84
C4 SIA H . -29.08 7.96 46.01
C5 SIA H . -27.66 8.43 46.26
C6 SIA H . -27.22 9.38 45.14
C7 SIA H . -25.81 9.97 45.32
C8 SIA H . -25.49 11.05 44.29
C9 SIA H . -24.01 11.43 44.31
C10 SIA H . -25.72 7.05 46.95
C11 SIA H . -25.02 5.75 46.71
N5 SIA H . -26.82 7.25 46.20
O1A SIA H . -28.86 9.86 42.49
O1B SIA H . -30.73 8.90 43.08
O4 SIA H . -29.54 7.14 47.09
O6 SIA H . -28.16 10.46 45.01
O7 SIA H . -25.67 10.51 46.64
O8 SIA H . -25.81 10.60 42.96
O9 SIA H . -23.86 12.61 43.52
O10 SIA H . -25.30 7.86 47.75
C1 GAL I . 12.71 38.05 39.99
C2 GAL I . 12.11 38.57 38.69
C3 GAL I . 11.12 37.56 38.09
C4 GAL I . 11.74 36.16 38.03
C5 GAL I . 12.36 35.77 39.37
C6 GAL I . 13.07 34.42 39.27
O1 GAL I . 13.71 38.97 40.45
O2 GAL I . 11.43 39.81 38.92
O3 GAL I . 10.75 38.02 36.78
O4 GAL I . 12.74 36.11 37.00
O5 GAL I . 13.30 36.77 39.79
O6 GAL I . 13.24 33.86 40.58
C1 SIA I . 9.51 37.71 34.81
C2 SIA I . 9.40 37.82 36.32
C3 SIA I . 8.56 39.05 36.73
C4 SIA I . 7.09 38.86 36.40
C5 SIA I . 6.58 37.58 37.06
C6 SIA I . 7.41 36.39 36.59
C7 SIA I . 7.01 35.04 37.19
C8 SIA I . 8.11 33.99 37.06
C9 SIA I . 7.59 32.60 37.31
C10 SIA I . 4.21 36.93 37.32
C11 SIA I . 2.89 36.84 36.61
N5 SIA I . 5.21 37.41 36.58
O1A SIA I . 9.67 36.57 34.31
O1B SIA I . 9.44 38.73 34.10
O4 SIA I . 6.33 39.98 36.85
O6 SIA I . 8.81 36.64 36.87
O7 SIA I . 6.66 35.15 38.58
O8 SIA I . 8.69 34.05 35.75
O9 SIA I . 8.68 31.66 37.22
O10 SIA I . 4.33 36.57 38.48
C1 EDO J . -9.81 10.10 11.21
O1 EDO J . -10.10 11.48 10.93
C2 EDO J . -9.39 9.40 9.93
O2 EDO J . -8.77 8.14 10.20
C1 NAG K . 12.70 7.97 8.80
C2 NAG K . 13.55 7.99 10.08
C3 NAG K . 14.47 9.20 10.16
C4 NAG K . 15.23 9.44 8.86
C5 NAG K . 14.25 9.44 7.68
C6 NAG K . 14.95 9.64 6.32
C7 NAG K . 12.80 7.17 12.31
C8 NAG K . 11.79 7.37 13.40
N2 NAG K . 12.67 7.99 11.25
O3 NAG K . 15.41 9.03 11.22
O4 NAG K . 15.93 10.69 8.95
O5 NAG K . 13.54 8.20 7.67
O6 NAG K . 15.53 8.42 5.85
O7 NAG K . 13.67 6.31 12.40
C1 NAG L . -1.90 -8.57 14.06
C2 NAG L . -2.73 -8.73 15.32
C3 NAG L . -2.28 -9.91 16.18
C4 NAG L . -2.06 -11.18 15.35
C5 NAG L . -1.17 -10.87 14.14
C6 NAG L . -0.94 -12.08 13.24
C7 NAG L . -3.68 -6.85 16.64
C8 NAG L . -3.33 -5.62 17.43
N2 NAG L . -2.64 -7.52 16.12
O3 NAG L . -3.26 -10.16 17.19
O4 NAG L . -1.44 -12.19 16.17
O5 NAG L . -1.79 -9.84 13.38
O6 NAG L . -2.16 -12.50 12.62
O7 NAG L . -4.85 -7.18 16.49
CA CA M . -6.70 15.67 7.22
C1 SIA N . 17.00 -8.49 48.72
C2 SIA N . 17.09 -8.18 50.20
C3 SIA N . 18.54 -8.05 50.71
C4 SIA N . 19.22 -6.73 50.37
C5 SIA N . 18.31 -5.54 50.68
C6 SIA N . 16.94 -5.73 50.01
C7 SIA N . 15.97 -4.58 50.29
C8 SIA N . 14.54 -4.88 49.82
C9 SIA N . 13.70 -3.60 49.82
C10 SIA N . 19.02 -3.16 50.62
C11 SIA N . 19.75 -2.13 49.80
N5 SIA N . 18.97 -4.38 50.06
O1A SIA N . 18.03 -8.52 48.00
O1B SIA N . 15.86 -8.70 48.23
O2 SIA N . 16.51 -9.32 50.86
O4 SIA N . 20.43 -6.62 51.11
O6 SIA N . 16.36 -6.97 50.46
O7 SIA N . 15.93 -4.27 51.68
O8 SIA N . 14.54 -5.43 48.49
O9 SIA N . 12.39 -3.87 49.32
O10 SIA N . 18.52 -2.88 51.69
#